data_3FTJ
# 
_entry.id   3FTJ 
# 
_audit_conform.dict_name       mmcif_pdbx.dic 
_audit_conform.dict_version    5.388 
_audit_conform.dict_location   http://mmcif.pdb.org/dictionaries/ascii/mmcif_pdbx.dic 
# 
loop_
_database_2.database_id 
_database_2.database_code 
_database_2.pdbx_database_accession 
_database_2.pdbx_DOI 
PDB   3FTJ         pdb_00003ftj 10.2210/pdb3ftj/pdb 
RCSB  RCSB051023   ?            ?                   
WWPDB D_1000051023 ?            ?                   
# 
loop_
_pdbx_audit_revision_history.ordinal 
_pdbx_audit_revision_history.data_content_type 
_pdbx_audit_revision_history.major_revision 
_pdbx_audit_revision_history.minor_revision 
_pdbx_audit_revision_history.revision_date 
1 'Structure model' 1 0 2009-05-26 
2 'Structure model' 1 1 2011-07-13 
3 'Structure model' 1 2 2024-03-20 
# 
_pdbx_audit_revision_details.ordinal             1 
_pdbx_audit_revision_details.revision_ordinal    1 
_pdbx_audit_revision_details.data_content_type   'Structure model' 
_pdbx_audit_revision_details.provider            repository 
_pdbx_audit_revision_details.type                'Initial release' 
_pdbx_audit_revision_details.description         ? 
_pdbx_audit_revision_details.details             ? 
# 
loop_
_pdbx_audit_revision_group.ordinal 
_pdbx_audit_revision_group.revision_ordinal 
_pdbx_audit_revision_group.data_content_type 
_pdbx_audit_revision_group.group 
1 2 'Structure model' 'Version format compliance' 
2 3 'Structure model' 'Data collection'           
3 3 'Structure model' 'Database references'       
# 
loop_
_pdbx_audit_revision_category.ordinal 
_pdbx_audit_revision_category.revision_ordinal 
_pdbx_audit_revision_category.data_content_type 
_pdbx_audit_revision_category.category 
1 3 'Structure model' chem_comp_atom 
2 3 'Structure model' chem_comp_bond 
3 3 'Structure model' database_2     
# 
loop_
_pdbx_audit_revision_item.ordinal 
_pdbx_audit_revision_item.revision_ordinal 
_pdbx_audit_revision_item.data_content_type 
_pdbx_audit_revision_item.item 
1 3 'Structure model' '_database_2.pdbx_DOI'                
2 3 'Structure model' '_database_2.pdbx_database_accession' 
# 
_pdbx_database_status.status_code                     REL 
_pdbx_database_status.entry_id                        3FTJ 
_pdbx_database_status.recvd_initial_deposition_date   2009-01-13 
_pdbx_database_status.deposit_site                    RCSB 
_pdbx_database_status.process_site                    PDBJ 
_pdbx_database_status.status_code_sf                  REL 
_pdbx_database_status.status_code_mr                  ? 
_pdbx_database_status.SG_entry                        ? 
_pdbx_database_status.pdb_format_compatible           Y 
_pdbx_database_status.status_code_cs                  ? 
_pdbx_database_status.status_code_nmr_data            ? 
_pdbx_database_status.methods_development_category    ? 
# 
loop_
_audit_author.name 
_audit_author.pdbx_ordinal 
'Xu, Y.'   1 
'Ha, N.C.' 2 
# 
_citation.id                        primary 
_citation.title                     'Crystal structure of the periplasmic region of MacB, a noncanonic ABC transporter' 
_citation.journal_abbrev            Biochemistry 
_citation.journal_volume            48 
_citation.page_first                5218 
_citation.page_last                 5225 
_citation.year                      2009 
_citation.journal_id_ASTM           BICHAW 
_citation.country                   US 
_citation.journal_id_ISSN           0006-2960 
_citation.journal_id_CSD            0033 
_citation.book_publisher            ? 
_citation.pdbx_database_id_PubMed   19432486 
_citation.pdbx_database_id_DOI      10.1021/bi900415t 
# 
loop_
_citation_author.citation_id 
_citation_author.name 
_citation_author.ordinal 
_citation_author.identifier_ORCID 
primary 'Xu, Y.'      1 ? 
primary 'Sim, S.-H.'  2 ? 
primary 'Nam, K.H.'   3 ? 
primary 'Jin, X.L.'   4 ? 
primary 'Kim, H.-M.'  5 ? 
primary 'Hwang, K.Y.' 6 ? 
primary 'Lee, K.'     7 ? 
primary 'Ha, N.-C.'   8 ? 
# 
loop_
_entity.id 
_entity.type 
_entity.src_method 
_entity.pdbx_description 
_entity.formula_weight 
_entity.pdbx_number_of_molecules 
_entity.pdbx_ec 
_entity.pdbx_mutation 
_entity.pdbx_fragment 
_entity.details 
1 polymer man 'Macrolide export ATP-binding/permease protein macB' 24726.875 1   3.6.3.- ? 
'periplasmic region, UNP residues 293-518' ? 
2 water   nat water                                                18.015    139 ?       ? ? ? 
# 
_entity_name_com.entity_id   1 
_entity_name_com.name        MacB 
# 
_entity_poly.entity_id                      1 
_entity_poly.type                           'polypeptide(L)' 
_entity_poly.nstd_linkage                   no 
_entity_poly.nstd_monomer                   no 
_entity_poly.pdbx_seq_one_letter_code       
;QQKILENIRGIGTNTMTIFNGNGFGDRRSRHIQNLKISDANTLSKQSYIQSVTPNTSSSGILVVGNKSFTSANLYGIGEQ
YFDVEGLKLKQGRLLTEDDVDQSNQVVVLDESAKKAIFANENPLGKTVIFNKRPFRVIGVVSDQQLGGFPGNSLNLYSPY
STVLNKITGGSRIGSITVKISDDVNSTVAEKSLTELLKSLHGKKDFFIMNSDTIKQTIENTTGTMK
;
_entity_poly.pdbx_seq_one_letter_code_can   
;QQKILENIRGIGTNTMTIFNGNGFGDRRSRHIQNLKISDANTLSKQSYIQSVTPNTSSSGILVVGNKSFTSANLYGIGEQ
YFDVEGLKLKQGRLLTEDDVDQSNQVVVLDESAKKAIFANENPLGKTVIFNKRPFRVIGVVSDQQLGGFPGNSLNLYSPY
STVLNKITGGSRIGSITVKISDDVNSTVAEKSLTELLKSLHGKKDFFIMNSDTIKQTIENTTGTMK
;
_entity_poly.pdbx_strand_id                 A 
_entity_poly.pdbx_target_identifier         ? 
# 
_pdbx_entity_nonpoly.entity_id   2 
_pdbx_entity_nonpoly.name        water 
_pdbx_entity_nonpoly.comp_id     HOH 
# 
loop_
_entity_poly_seq.entity_id 
_entity_poly_seq.num 
_entity_poly_seq.mon_id 
_entity_poly_seq.hetero 
1 1   GLN n 
1 2   GLN n 
1 3   LYS n 
1 4   ILE n 
1 5   LEU n 
1 6   GLU n 
1 7   ASN n 
1 8   ILE n 
1 9   ARG n 
1 10  GLY n 
1 11  ILE n 
1 12  GLY n 
1 13  THR n 
1 14  ASN n 
1 15  THR n 
1 16  MET n 
1 17  THR n 
1 18  ILE n 
1 19  PHE n 
1 20  ASN n 
1 21  GLY n 
1 22  ASN n 
1 23  GLY n 
1 24  PHE n 
1 25  GLY n 
1 26  ASP n 
1 27  ARG n 
1 28  ARG n 
1 29  SER n 
1 30  ARG n 
1 31  HIS n 
1 32  ILE n 
1 33  GLN n 
1 34  ASN n 
1 35  LEU n 
1 36  LYS n 
1 37  ILE n 
1 38  SER n 
1 39  ASP n 
1 40  ALA n 
1 41  ASN n 
1 42  THR n 
1 43  LEU n 
1 44  SER n 
1 45  LYS n 
1 46  GLN n 
1 47  SER n 
1 48  TYR n 
1 49  ILE n 
1 50  GLN n 
1 51  SER n 
1 52  VAL n 
1 53  THR n 
1 54  PRO n 
1 55  ASN n 
1 56  THR n 
1 57  SER n 
1 58  SER n 
1 59  SER n 
1 60  GLY n 
1 61  ILE n 
1 62  LEU n 
1 63  VAL n 
1 64  VAL n 
1 65  GLY n 
1 66  ASN n 
1 67  LYS n 
1 68  SER n 
1 69  PHE n 
1 70  THR n 
1 71  SER n 
1 72  ALA n 
1 73  ASN n 
1 74  LEU n 
1 75  TYR n 
1 76  GLY n 
1 77  ILE n 
1 78  GLY n 
1 79  GLU n 
1 80  GLN n 
1 81  TYR n 
1 82  PHE n 
1 83  ASP n 
1 84  VAL n 
1 85  GLU n 
1 86  GLY n 
1 87  LEU n 
1 88  LYS n 
1 89  LEU n 
1 90  LYS n 
1 91  GLN n 
1 92  GLY n 
1 93  ARG n 
1 94  LEU n 
1 95  LEU n 
1 96  THR n 
1 97  GLU n 
1 98  ASP n 
1 99  ASP n 
1 100 VAL n 
1 101 ASP n 
1 102 GLN n 
1 103 SER n 
1 104 ASN n 
1 105 GLN n 
1 106 VAL n 
1 107 VAL n 
1 108 VAL n 
1 109 LEU n 
1 110 ASP n 
1 111 GLU n 
1 112 SER n 
1 113 ALA n 
1 114 LYS n 
1 115 LYS n 
1 116 ALA n 
1 117 ILE n 
1 118 PHE n 
1 119 ALA n 
1 120 ASN n 
1 121 GLU n 
1 122 ASN n 
1 123 PRO n 
1 124 LEU n 
1 125 GLY n 
1 126 LYS n 
1 127 THR n 
1 128 VAL n 
1 129 ILE n 
1 130 PHE n 
1 131 ASN n 
1 132 LYS n 
1 133 ARG n 
1 134 PRO n 
1 135 PHE n 
1 136 ARG n 
1 137 VAL n 
1 138 ILE n 
1 139 GLY n 
1 140 VAL n 
1 141 VAL n 
1 142 SER n 
1 143 ASP n 
1 144 GLN n 
1 145 GLN n 
1 146 LEU n 
1 147 GLY n 
1 148 GLY n 
1 149 PHE n 
1 150 PRO n 
1 151 GLY n 
1 152 ASN n 
1 153 SER n 
1 154 LEU n 
1 155 ASN n 
1 156 LEU n 
1 157 TYR n 
1 158 SER n 
1 159 PRO n 
1 160 TYR n 
1 161 SER n 
1 162 THR n 
1 163 VAL n 
1 164 LEU n 
1 165 ASN n 
1 166 LYS n 
1 167 ILE n 
1 168 THR n 
1 169 GLY n 
1 170 GLY n 
1 171 SER n 
1 172 ARG n 
1 173 ILE n 
1 174 GLY n 
1 175 SER n 
1 176 ILE n 
1 177 THR n 
1 178 VAL n 
1 179 LYS n 
1 180 ILE n 
1 181 SER n 
1 182 ASP n 
1 183 ASP n 
1 184 VAL n 
1 185 ASN n 
1 186 SER n 
1 187 THR n 
1 188 VAL n 
1 189 ALA n 
1 190 GLU n 
1 191 LYS n 
1 192 SER n 
1 193 LEU n 
1 194 THR n 
1 195 GLU n 
1 196 LEU n 
1 197 LEU n 
1 198 LYS n 
1 199 SER n 
1 200 LEU n 
1 201 HIS n 
1 202 GLY n 
1 203 LYS n 
1 204 LYS n 
1 205 ASP n 
1 206 PHE n 
1 207 PHE n 
1 208 ILE n 
1 209 MET n 
1 210 ASN n 
1 211 SER n 
1 212 ASP n 
1 213 THR n 
1 214 ILE n 
1 215 LYS n 
1 216 GLN n 
1 217 THR n 
1 218 ILE n 
1 219 GLU n 
1 220 ASN n 
1 221 THR n 
1 222 THR n 
1 223 GLY n 
1 224 THR n 
1 225 MET n 
1 226 LYS n 
# 
_entity_src_gen.entity_id                          1 
_entity_src_gen.pdbx_src_id                        1 
_entity_src_gen.pdbx_alt_source_flag               sample 
_entity_src_gen.pdbx_seq_type                      ? 
_entity_src_gen.pdbx_beg_seq_num                   ? 
_entity_src_gen.pdbx_end_seq_num                   ? 
_entity_src_gen.gene_src_common_name               'Haemophilus actinomycetemcomitans' 
_entity_src_gen.gene_src_genus                     ? 
_entity_src_gen.pdbx_gene_src_gene                 'macB, MACB_ACTAC' 
_entity_src_gen.gene_src_species                   ? 
_entity_src_gen.gene_src_strain                    ? 
_entity_src_gen.gene_src_tissue                    ? 
_entity_src_gen.gene_src_tissue_fraction           ? 
_entity_src_gen.gene_src_details                   ? 
_entity_src_gen.pdbx_gene_src_fragment             ? 
_entity_src_gen.pdbx_gene_src_scientific_name      'Actinobacillus actinomycetemcomitans' 
_entity_src_gen.pdbx_gene_src_ncbi_taxonomy_id     714 
_entity_src_gen.pdbx_gene_src_variant              ? 
_entity_src_gen.pdbx_gene_src_cell_line            ? 
_entity_src_gen.pdbx_gene_src_atcc                 ? 
_entity_src_gen.pdbx_gene_src_organ                ? 
_entity_src_gen.pdbx_gene_src_organelle            ? 
_entity_src_gen.pdbx_gene_src_cell                 ? 
_entity_src_gen.pdbx_gene_src_cellular_location    ? 
_entity_src_gen.host_org_common_name               ? 
_entity_src_gen.pdbx_host_org_scientific_name      'Escherichia coli' 
_entity_src_gen.pdbx_host_org_ncbi_taxonomy_id     469008 
_entity_src_gen.host_org_genus                     ? 
_entity_src_gen.pdbx_host_org_gene                 ? 
_entity_src_gen.pdbx_host_org_organ                ? 
_entity_src_gen.host_org_species                   ? 
_entity_src_gen.pdbx_host_org_tissue               ? 
_entity_src_gen.pdbx_host_org_tissue_fraction      ? 
_entity_src_gen.pdbx_host_org_strain               'BL21 (DE3)' 
_entity_src_gen.pdbx_host_org_variant              ? 
_entity_src_gen.pdbx_host_org_cell_line            ? 
_entity_src_gen.pdbx_host_org_atcc                 ? 
_entity_src_gen.pdbx_host_org_culture_collection   ? 
_entity_src_gen.pdbx_host_org_cell                 ? 
_entity_src_gen.pdbx_host_org_organelle            ? 
_entity_src_gen.pdbx_host_org_cellular_location    ? 
_entity_src_gen.pdbx_host_org_vector_type          plasmid 
_entity_src_gen.pdbx_host_org_vector               ? 
_entity_src_gen.host_org_details                   ? 
_entity_src_gen.expression_system_id               ? 
_entity_src_gen.plasmid_name                       pPROEX-HTA 
_entity_src_gen.plasmid_details                    ? 
_entity_src_gen.pdbx_description                   ? 
# 
loop_
_chem_comp.id 
_chem_comp.type 
_chem_comp.mon_nstd_flag 
_chem_comp.name 
_chem_comp.pdbx_synonyms 
_chem_comp.formula 
_chem_comp.formula_weight 
ALA 'L-peptide linking' y ALANINE         ? 'C3 H7 N O2'     89.093  
ARG 'L-peptide linking' y ARGININE        ? 'C6 H15 N4 O2 1' 175.209 
ASN 'L-peptide linking' y ASPARAGINE      ? 'C4 H8 N2 O3'    132.118 
ASP 'L-peptide linking' y 'ASPARTIC ACID' ? 'C4 H7 N O4'     133.103 
GLN 'L-peptide linking' y GLUTAMINE       ? 'C5 H10 N2 O3'   146.144 
GLU 'L-peptide linking' y 'GLUTAMIC ACID' ? 'C5 H9 N O4'     147.129 
GLY 'peptide linking'   y GLYCINE         ? 'C2 H5 N O2'     75.067  
HIS 'L-peptide linking' y HISTIDINE       ? 'C6 H10 N3 O2 1' 156.162 
HOH non-polymer         . WATER           ? 'H2 O'           18.015  
ILE 'L-peptide linking' y ISOLEUCINE      ? 'C6 H13 N O2'    131.173 
LEU 'L-peptide linking' y LEUCINE         ? 'C6 H13 N O2'    131.173 
LYS 'L-peptide linking' y LYSINE          ? 'C6 H15 N2 O2 1' 147.195 
MET 'L-peptide linking' y METHIONINE      ? 'C5 H11 N O2 S'  149.211 
PHE 'L-peptide linking' y PHENYLALANINE   ? 'C9 H11 N O2'    165.189 
PRO 'L-peptide linking' y PROLINE         ? 'C5 H9 N O2'     115.130 
SER 'L-peptide linking' y SERINE          ? 'C3 H7 N O3'     105.093 
THR 'L-peptide linking' y THREONINE       ? 'C4 H9 N O3'     119.119 
TYR 'L-peptide linking' y TYROSINE        ? 'C9 H11 N O3'    181.189 
VAL 'L-peptide linking' y VALINE          ? 'C5 H11 N O2'    117.146 
# 
loop_
_pdbx_poly_seq_scheme.asym_id 
_pdbx_poly_seq_scheme.entity_id 
_pdbx_poly_seq_scheme.seq_id 
_pdbx_poly_seq_scheme.mon_id 
_pdbx_poly_seq_scheme.ndb_seq_num 
_pdbx_poly_seq_scheme.pdb_seq_num 
_pdbx_poly_seq_scheme.auth_seq_num 
_pdbx_poly_seq_scheme.pdb_mon_id 
_pdbx_poly_seq_scheme.auth_mon_id 
_pdbx_poly_seq_scheme.pdb_strand_id 
_pdbx_poly_seq_scheme.pdb_ins_code 
_pdbx_poly_seq_scheme.hetero 
A 1 1   GLN 1   306 ?   ?   ?   A . n 
A 1 2   GLN 2   307 307 GLN GLN A . n 
A 1 3   LYS 3   308 308 LYS LYS A . n 
A 1 4   ILE 4   309 309 ILE ILE A . n 
A 1 5   LEU 5   310 310 LEU LEU A . n 
A 1 6   GLU 6   311 311 GLU GLU A . n 
A 1 7   ASN 7   312 312 ASN ASN A . n 
A 1 8   ILE 8   313 313 ILE ILE A . n 
A 1 9   ARG 9   314 314 ARG ARG A . n 
A 1 10  GLY 10  315 315 GLY GLY A . n 
A 1 11  ILE 11  316 316 ILE ILE A . n 
A 1 12  GLY 12  317 317 GLY GLY A . n 
A 1 13  THR 13  318 318 THR THR A . n 
A 1 14  ASN 14  319 319 ASN ASN A . n 
A 1 15  THR 15  320 320 THR THR A . n 
A 1 16  MET 16  321 321 MET MET A . n 
A 1 17  THR 17  322 322 THR THR A . n 
A 1 18  ILE 18  323 323 ILE ILE A . n 
A 1 19  PHE 19  324 324 PHE PHE A . n 
A 1 20  ASN 20  325 325 ASN ASN A . n 
A 1 21  GLY 21  326 326 GLY GLY A . n 
A 1 22  ASN 22  327 327 ASN ASN A . n 
A 1 23  GLY 23  328 328 GLY GLY A . n 
A 1 24  PHE 24  329 329 PHE PHE A . n 
A 1 25  GLY 25  330 330 GLY GLY A . n 
A 1 26  ASP 26  331 331 ASP ASP A . n 
A 1 27  ARG 27  332 332 ARG ARG A . n 
A 1 28  ARG 28  333 333 ARG ARG A . n 
A 1 29  SER 29  334 334 SER SER A . n 
A 1 30  ARG 30  335 335 ARG ARG A . n 
A 1 31  HIS 31  336 336 HIS HIS A . n 
A 1 32  ILE 32  337 337 ILE ILE A . n 
A 1 33  GLN 33  338 338 GLN GLN A . n 
A 1 34  ASN 34  339 339 ASN ASN A . n 
A 1 35  LEU 35  340 340 LEU LEU A . n 
A 1 36  LYS 36  341 341 LYS LYS A . n 
A 1 37  ILE 37  342 342 ILE ILE A . n 
A 1 38  SER 38  343 343 SER SER A . n 
A 1 39  ASP 39  344 344 ASP ASP A . n 
A 1 40  ALA 40  345 345 ALA ALA A . n 
A 1 41  ASN 41  346 346 ASN ASN A . n 
A 1 42  THR 42  347 347 THR THR A . n 
A 1 43  LEU 43  348 348 LEU LEU A . n 
A 1 44  SER 44  349 349 SER SER A . n 
A 1 45  LYS 45  350 350 LYS LYS A . n 
A 1 46  GLN 46  351 351 GLN GLN A . n 
A 1 47  SER 47  352 352 SER SER A . n 
A 1 48  TYR 48  353 353 TYR TYR A . n 
A 1 49  ILE 49  354 354 ILE ILE A . n 
A 1 50  GLN 50  355 355 GLN GLN A . n 
A 1 51  SER 51  356 356 SER SER A . n 
A 1 52  VAL 52  357 357 VAL VAL A . n 
A 1 53  THR 53  358 358 THR THR A . n 
A 1 54  PRO 54  359 359 PRO PRO A . n 
A 1 55  ASN 55  360 360 ASN ASN A . n 
A 1 56  THR 56  361 361 THR THR A . n 
A 1 57  SER 57  362 362 SER SER A . n 
A 1 58  SER 58  363 363 SER SER A . n 
A 1 59  SER 59  364 364 SER SER A . n 
A 1 60  GLY 60  365 365 GLY GLY A . n 
A 1 61  ILE 61  366 366 ILE ILE A . n 
A 1 62  LEU 62  367 367 LEU LEU A . n 
A 1 63  VAL 63  368 368 VAL VAL A . n 
A 1 64  VAL 64  369 369 VAL VAL A . n 
A 1 65  GLY 65  370 370 GLY GLY A . n 
A 1 66  ASN 66  371 371 ASN ASN A . n 
A 1 67  LYS 67  372 372 LYS LYS A . n 
A 1 68  SER 68  373 373 SER SER A . n 
A 1 69  PHE 69  374 374 PHE PHE A . n 
A 1 70  THR 70  375 375 THR THR A . n 
A 1 71  SER 71  376 376 SER SER A . n 
A 1 72  ALA 72  377 377 ALA ALA A . n 
A 1 73  ASN 73  378 378 ASN ASN A . n 
A 1 74  LEU 74  379 379 LEU LEU A . n 
A 1 75  TYR 75  380 380 TYR TYR A . n 
A 1 76  GLY 76  381 381 GLY GLY A . n 
A 1 77  ILE 77  382 382 ILE ILE A . n 
A 1 78  GLY 78  383 383 GLY GLY A . n 
A 1 79  GLU 79  384 384 GLU GLU A . n 
A 1 80  GLN 80  385 385 GLN GLN A . n 
A 1 81  TYR 81  386 386 TYR TYR A . n 
A 1 82  PHE 82  387 387 PHE PHE A . n 
A 1 83  ASP 83  388 388 ASP ASP A . n 
A 1 84  VAL 84  389 389 VAL VAL A . n 
A 1 85  GLU 85  390 390 GLU GLU A . n 
A 1 86  GLY 86  391 391 GLY GLY A . n 
A 1 87  LEU 87  392 392 LEU LEU A . n 
A 1 88  LYS 88  393 393 LYS LYS A . n 
A 1 89  LEU 89  394 394 LEU LEU A . n 
A 1 90  LYS 90  395 395 LYS LYS A . n 
A 1 91  GLN 91  396 396 GLN GLN A . n 
A 1 92  GLY 92  397 397 GLY GLY A . n 
A 1 93  ARG 93  398 398 ARG ARG A . n 
A 1 94  LEU 94  399 399 LEU LEU A . n 
A 1 95  LEU 95  400 400 LEU LEU A . n 
A 1 96  THR 96  401 401 THR THR A . n 
A 1 97  GLU 97  402 402 GLU GLU A . n 
A 1 98  ASP 98  403 403 ASP ASP A . n 
A 1 99  ASP 99  404 404 ASP ASP A . n 
A 1 100 VAL 100 405 405 VAL VAL A . n 
A 1 101 ASP 101 406 406 ASP ASP A . n 
A 1 102 GLN 102 407 407 GLN GLN A . n 
A 1 103 SER 103 408 408 SER SER A . n 
A 1 104 ASN 104 409 409 ASN ASN A . n 
A 1 105 GLN 105 410 410 GLN GLN A . n 
A 1 106 VAL 106 411 411 VAL VAL A . n 
A 1 107 VAL 107 412 412 VAL VAL A . n 
A 1 108 VAL 108 413 413 VAL VAL A . n 
A 1 109 LEU 109 414 414 LEU LEU A . n 
A 1 110 ASP 110 415 415 ASP ASP A . n 
A 1 111 GLU 111 416 416 GLU GLU A . n 
A 1 112 SER 112 417 417 SER SER A . n 
A 1 113 ALA 113 418 418 ALA ALA A . n 
A 1 114 LYS 114 419 419 LYS LYS A . n 
A 1 115 LYS 115 420 420 LYS LYS A . n 
A 1 116 ALA 116 421 421 ALA ALA A . n 
A 1 117 ILE 117 422 422 ILE ILE A . n 
A 1 118 PHE 118 423 423 PHE PHE A . n 
A 1 119 ALA 119 424 424 ALA ALA A . n 
A 1 120 ASN 120 425 425 ASN ASN A . n 
A 1 121 GLU 121 426 426 GLU GLU A . n 
A 1 122 ASN 122 427 427 ASN ASN A . n 
A 1 123 PRO 123 428 428 PRO PRO A . n 
A 1 124 LEU 124 429 429 LEU LEU A . n 
A 1 125 GLY 125 430 430 GLY GLY A . n 
A 1 126 LYS 126 431 431 LYS LYS A . n 
A 1 127 THR 127 432 432 THR THR A . n 
A 1 128 VAL 128 433 433 VAL VAL A . n 
A 1 129 ILE 129 434 434 ILE ILE A . n 
A 1 130 PHE 130 435 435 PHE PHE A . n 
A 1 131 ASN 131 436 436 ASN ASN A . n 
A 1 132 LYS 132 437 437 LYS LYS A . n 
A 1 133 ARG 133 438 438 ARG ARG A . n 
A 1 134 PRO 134 439 439 PRO PRO A . n 
A 1 135 PHE 135 440 440 PHE PHE A . n 
A 1 136 ARG 136 441 441 ARG ARG A . n 
A 1 137 VAL 137 442 442 VAL VAL A . n 
A 1 138 ILE 138 443 443 ILE ILE A . n 
A 1 139 GLY 139 444 444 GLY GLY A . n 
A 1 140 VAL 140 445 445 VAL VAL A . n 
A 1 141 VAL 141 446 446 VAL VAL A . n 
A 1 142 SER 142 447 447 SER SER A . n 
A 1 143 ASP 143 448 448 ASP ASP A . n 
A 1 144 GLN 144 449 449 GLN GLN A . n 
A 1 145 GLN 145 450 ?   ?   ?   A . n 
A 1 146 LEU 146 451 ?   ?   ?   A . n 
A 1 147 GLY 147 452 ?   ?   ?   A . n 
A 1 148 GLY 148 453 ?   ?   ?   A . n 
A 1 149 PHE 149 454 ?   ?   ?   A . n 
A 1 150 PRO 150 455 ?   ?   ?   A . n 
A 1 151 GLY 151 456 ?   ?   ?   A . n 
A 1 152 ASN 152 457 ?   ?   ?   A . n 
A 1 153 SER 153 458 458 SER SER A . n 
A 1 154 LEU 154 459 459 LEU LEU A . n 
A 1 155 ASN 155 460 460 ASN ASN A . n 
A 1 156 LEU 156 461 461 LEU LEU A . n 
A 1 157 TYR 157 462 462 TYR TYR A . n 
A 1 158 SER 158 463 463 SER SER A . n 
A 1 159 PRO 159 464 464 PRO PRO A . n 
A 1 160 TYR 160 465 465 TYR TYR A . n 
A 1 161 SER 161 466 466 SER SER A . n 
A 1 162 THR 162 467 467 THR THR A . n 
A 1 163 VAL 163 468 468 VAL VAL A . n 
A 1 164 LEU 164 469 469 LEU LEU A . n 
A 1 165 ASN 165 470 470 ASN ASN A . n 
A 1 166 LYS 166 471 471 LYS LYS A . n 
A 1 167 ILE 167 472 472 ILE ILE A . n 
A 1 168 THR 168 473 473 THR THR A . n 
A 1 169 GLY 169 474 474 GLY GLY A . n 
A 1 170 GLY 170 475 475 GLY GLY A . n 
A 1 171 SER 171 476 476 SER SER A . n 
A 1 172 ARG 172 477 477 ARG ARG A . n 
A 1 173 ILE 173 478 478 ILE ILE A . n 
A 1 174 GLY 174 479 479 GLY GLY A . n 
A 1 175 SER 175 480 480 SER SER A . n 
A 1 176 ILE 176 481 481 ILE ILE A . n 
A 1 177 THR 177 482 482 THR THR A . n 
A 1 178 VAL 178 483 483 VAL VAL A . n 
A 1 179 LYS 179 484 484 LYS LYS A . n 
A 1 180 ILE 180 485 485 ILE ILE A . n 
A 1 181 SER 181 486 486 SER SER A . n 
A 1 182 ASP 182 487 487 ASP ASP A . n 
A 1 183 ASP 183 488 488 ASP ASP A . n 
A 1 184 VAL 184 489 489 VAL VAL A . n 
A 1 185 ASN 185 490 490 ASN ASN A . n 
A 1 186 SER 186 491 491 SER SER A . n 
A 1 187 THR 187 492 492 THR THR A . n 
A 1 188 VAL 188 493 493 VAL VAL A . n 
A 1 189 ALA 189 494 494 ALA ALA A . n 
A 1 190 GLU 190 495 495 GLU GLU A . n 
A 1 191 LYS 191 496 496 LYS LYS A . n 
A 1 192 SER 192 497 497 SER SER A . n 
A 1 193 LEU 193 498 498 LEU LEU A . n 
A 1 194 THR 194 499 499 THR THR A . n 
A 1 195 GLU 195 500 500 GLU GLU A . n 
A 1 196 LEU 196 501 501 LEU LEU A . n 
A 1 197 LEU 197 502 502 LEU LEU A . n 
A 1 198 LYS 198 503 503 LYS LYS A . n 
A 1 199 SER 199 504 504 SER SER A . n 
A 1 200 LEU 200 505 505 LEU LEU A . n 
A 1 201 HIS 201 506 506 HIS HIS A . n 
A 1 202 GLY 202 507 507 GLY GLY A . n 
A 1 203 LYS 203 508 508 LYS LYS A . n 
A 1 204 LYS 204 509 509 LYS LYS A . n 
A 1 205 ASP 205 510 510 ASP ASP A . n 
A 1 206 PHE 206 511 511 PHE PHE A . n 
A 1 207 PHE 207 512 512 PHE PHE A . n 
A 1 208 ILE 208 513 513 ILE ILE A . n 
A 1 209 MET 209 514 514 MET MET A . n 
A 1 210 ASN 210 515 515 ASN ASN A . n 
A 1 211 SER 211 516 516 SER SER A . n 
A 1 212 ASP 212 517 517 ASP ASP A . n 
A 1 213 THR 213 518 518 THR THR A . n 
A 1 214 ILE 214 519 519 ILE ILE A . n 
A 1 215 LYS 215 520 520 LYS LYS A . n 
A 1 216 GLN 216 521 521 GLN GLN A . n 
A 1 217 THR 217 522 522 THR THR A . n 
A 1 218 ILE 218 523 523 ILE ILE A . n 
A 1 219 GLU 219 524 524 GLU GLU A . n 
A 1 220 ASN 220 525 525 ASN ASN A . n 
A 1 221 THR 221 526 526 THR THR A . n 
A 1 222 THR 222 527 527 THR THR A . n 
A 1 223 GLY 223 528 528 GLY GLY A . n 
A 1 224 THR 224 529 ?   ?   ?   A . n 
A 1 225 MET 225 530 ?   ?   ?   A . n 
A 1 226 LYS 226 531 ?   ?   ?   A . n 
# 
loop_
_pdbx_nonpoly_scheme.asym_id 
_pdbx_nonpoly_scheme.entity_id 
_pdbx_nonpoly_scheme.mon_id 
_pdbx_nonpoly_scheme.ndb_seq_num 
_pdbx_nonpoly_scheme.pdb_seq_num 
_pdbx_nonpoly_scheme.auth_seq_num 
_pdbx_nonpoly_scheme.pdb_mon_id 
_pdbx_nonpoly_scheme.auth_mon_id 
_pdbx_nonpoly_scheme.pdb_strand_id 
_pdbx_nonpoly_scheme.pdb_ins_code 
B 2 HOH 1   2   2   HOH HOH A . 
B 2 HOH 2   4   4   HOH HOH A . 
B 2 HOH 3   6   6   HOH HOH A . 
B 2 HOH 4   7   7   HOH HOH A . 
B 2 HOH 5   8   8   HOH HOH A . 
B 2 HOH 6   9   9   HOH HOH A . 
B 2 HOH 7   11  11  HOH HOH A . 
B 2 HOH 8   12  12  HOH HOH A . 
B 2 HOH 9   13  13  HOH HOH A . 
B 2 HOH 10  14  14  HOH HOH A . 
B 2 HOH 11  15  15  HOH HOH A . 
B 2 HOH 12  17  17  HOH HOH A . 
B 2 HOH 13  18  18  HOH HOH A . 
B 2 HOH 14  19  19  HOH HOH A . 
B 2 HOH 15  21  21  HOH HOH A . 
B 2 HOH 16  22  22  HOH HOH A . 
B 2 HOH 17  24  24  HOH HOH A . 
B 2 HOH 18  25  25  HOH HOH A . 
B 2 HOH 19  27  27  HOH HOH A . 
B 2 HOH 20  28  28  HOH HOH A . 
B 2 HOH 21  29  29  HOH HOH A . 
B 2 HOH 22  31  31  HOH HOH A . 
B 2 HOH 23  32  32  HOH HOH A . 
B 2 HOH 24  33  33  HOH HOH A . 
B 2 HOH 25  35  35  HOH HOH A . 
B 2 HOH 26  36  36  HOH HOH A . 
B 2 HOH 27  37  37  HOH HOH A . 
B 2 HOH 28  38  38  HOH HOH A . 
B 2 HOH 29  39  39  HOH HOH A . 
B 2 HOH 30  40  40  HOH HOH A . 
B 2 HOH 31  41  41  HOH HOH A . 
B 2 HOH 32  42  42  HOH HOH A . 
B 2 HOH 33  43  43  HOH HOH A . 
B 2 HOH 34  44  44  HOH HOH A . 
B 2 HOH 35  45  45  HOH HOH A . 
B 2 HOH 36  46  46  HOH HOH A . 
B 2 HOH 37  47  47  HOH HOH A . 
B 2 HOH 38  48  48  HOH HOH A . 
B 2 HOH 39  50  50  HOH HOH A . 
B 2 HOH 40  52  52  HOH HOH A . 
B 2 HOH 41  53  53  HOH HOH A . 
B 2 HOH 42  54  54  HOH HOH A . 
B 2 HOH 43  55  55  HOH HOH A . 
B 2 HOH 44  56  56  HOH HOH A . 
B 2 HOH 45  58  58  HOH HOH A . 
B 2 HOH 46  59  59  HOH HOH A . 
B 2 HOH 47  60  60  HOH HOH A . 
B 2 HOH 48  61  61  HOH HOH A . 
B 2 HOH 49  62  62  HOH HOH A . 
B 2 HOH 50  63  63  HOH HOH A . 
B 2 HOH 51  64  64  HOH HOH A . 
B 2 HOH 52  65  65  HOH HOH A . 
B 2 HOH 53  66  66  HOH HOH A . 
B 2 HOH 54  67  67  HOH HOH A . 
B 2 HOH 55  68  68  HOH HOH A . 
B 2 HOH 56  69  69  HOH HOH A . 
B 2 HOH 57  70  70  HOH HOH A . 
B 2 HOH 58  71  71  HOH HOH A . 
B 2 HOH 59  72  72  HOH HOH A . 
B 2 HOH 60  73  73  HOH HOH A . 
B 2 HOH 61  74  74  HOH HOH A . 
B 2 HOH 62  75  75  HOH HOH A . 
B 2 HOH 63  76  76  HOH HOH A . 
B 2 HOH 64  77  77  HOH HOH A . 
B 2 HOH 65  78  78  HOH HOH A . 
B 2 HOH 66  79  79  HOH HOH A . 
B 2 HOH 67  80  80  HOH HOH A . 
B 2 HOH 68  81  81  HOH HOH A . 
B 2 HOH 69  82  82  HOH HOH A . 
B 2 HOH 70  84  84  HOH HOH A . 
B 2 HOH 71  85  85  HOH HOH A . 
B 2 HOH 72  86  86  HOH HOH A . 
B 2 HOH 73  87  87  HOH HOH A . 
B 2 HOH 74  88  88  HOH HOH A . 
B 2 HOH 75  89  89  HOH HOH A . 
B 2 HOH 76  90  90  HOH HOH A . 
B 2 HOH 77  91  91  HOH HOH A . 
B 2 HOH 78  92  92  HOH HOH A . 
B 2 HOH 79  93  93  HOH HOH A . 
B 2 HOH 80  94  94  HOH HOH A . 
B 2 HOH 81  95  95  HOH HOH A . 
B 2 HOH 82  96  96  HOH HOH A . 
B 2 HOH 83  97  97  HOH HOH A . 
B 2 HOH 84  98  98  HOH HOH A . 
B 2 HOH 85  99  99  HOH HOH A . 
B 2 HOH 86  100 100 HOH HOH A . 
B 2 HOH 87  101 101 HOH HOH A . 
B 2 HOH 88  102 102 HOH HOH A . 
B 2 HOH 89  103 103 HOH HOH A . 
B 2 HOH 90  104 104 HOH HOH A . 
B 2 HOH 91  106 106 HOH HOH A . 
B 2 HOH 92  107 107 HOH HOH A . 
B 2 HOH 93  108 108 HOH HOH A . 
B 2 HOH 94  109 109 HOH HOH A . 
B 2 HOH 95  110 110 HOH HOH A . 
B 2 HOH 96  113 113 HOH HOH A . 
B 2 HOH 97  114 114 HOH HOH A . 
B 2 HOH 98  115 115 HOH HOH A . 
B 2 HOH 99  121 121 HOH HOH A . 
B 2 HOH 100 122 122 HOH HOH A . 
B 2 HOH 101 129 129 HOH HOH A . 
B 2 HOH 102 130 130 HOH HOH A . 
B 2 HOH 103 134 134 HOH HOH A . 
B 2 HOH 104 135 135 HOH HOH A . 
B 2 HOH 105 136 136 HOH HOH A . 
B 2 HOH 106 137 137 HOH HOH A . 
B 2 HOH 107 138 138 HOH HOH A . 
B 2 HOH 108 141 141 HOH HOH A . 
B 2 HOH 109 142 142 HOH HOH A . 
B 2 HOH 110 143 143 HOH HOH A . 
B 2 HOH 111 144 144 HOH HOH A . 
B 2 HOH 112 145 145 HOH HOH A . 
B 2 HOH 113 146 146 HOH HOH A . 
B 2 HOH 114 147 147 HOH HOH A . 
B 2 HOH 115 149 149 HOH HOH A . 
B 2 HOH 116 151 151 HOH HOH A . 
B 2 HOH 117 152 152 HOH HOH A . 
B 2 HOH 118 153 153 HOH HOH A . 
B 2 HOH 119 154 154 HOH HOH A . 
B 2 HOH 120 155 155 HOH HOH A . 
B 2 HOH 121 156 156 HOH HOH A . 
B 2 HOH 122 158 158 HOH HOH A . 
B 2 HOH 123 159 159 HOH HOH A . 
B 2 HOH 124 160 160 HOH HOH A . 
B 2 HOH 125 161 161 HOH HOH A . 
B 2 HOH 126 162 162 HOH HOH A . 
B 2 HOH 127 163 163 HOH HOH A . 
B 2 HOH 128 164 164 HOH HOH A . 
B 2 HOH 129 165 165 HOH HOH A . 
B 2 HOH 130 166 166 HOH HOH A . 
B 2 HOH 131 167 167 HOH HOH A . 
B 2 HOH 132 168 168 HOH HOH A . 
B 2 HOH 133 169 169 HOH HOH A . 
B 2 HOH 134 170 170 HOH HOH A . 
B 2 HOH 135 171 171 HOH HOH A . 
B 2 HOH 136 172 172 HOH HOH A . 
B 2 HOH 137 173 173 HOH HOH A . 
B 2 HOH 138 175 175 HOH HOH A . 
B 2 HOH 139 176 176 HOH HOH A . 
# 
loop_
_software.name 
_software.classification 
_software.version 
_software.citation_id 
_software.pdbx_ordinal 
ADSC     'data collection' Quantum ? 1 
SOLVE    phasing           .       ? 2 
CNS      refinement        1.2     ? 3 
HKL-2000 'data reduction'  .       ? 4 
HKL-2000 'data scaling'    .       ? 5 
PHENIX   refinement        .       ? 6 
# 
_cell.entry_id           3FTJ 
_cell.length_a           108.444 
_cell.length_b           108.444 
_cell.length_c           92.892 
_cell.angle_alpha        90.00 
_cell.angle_beta         90.00 
_cell.angle_gamma        120.00 
_cell.Z_PDB              18 
_cell.pdbx_unique_axis   ? 
_cell.length_a_esd       ? 
_cell.length_b_esd       ? 
_cell.length_c_esd       ? 
_cell.angle_alpha_esd    ? 
_cell.angle_beta_esd     ? 
_cell.angle_gamma_esd    ? 
# 
_symmetry.entry_id                         3FTJ 
_symmetry.space_group_name_H-M             'H 3 2' 
_symmetry.pdbx_full_space_group_name_H-M   ? 
_symmetry.cell_setting                     ? 
_symmetry.Int_Tables_number                155 
_symmetry.space_group_name_Hall            ? 
# 
_exptl.entry_id          3FTJ 
_exptl.method            'X-RAY DIFFRACTION' 
_exptl.crystals_number   2 
# 
_exptl_crystal.id                    1 
_exptl_crystal.density_meas          ? 
_exptl_crystal.density_Matthews      2.13 
_exptl_crystal.density_percent_sol   42.13 
_exptl_crystal.description           ? 
_exptl_crystal.F_000                 ? 
_exptl_crystal.preparation           ? 
# 
_exptl_crystal_grow.crystal_id      1 
_exptl_crystal_grow.method          'VAPOR DIFFUSION, HANGING DROP' 
_exptl_crystal_grow.temp            287 
_exptl_crystal_grow.temp_details    ? 
_exptl_crystal_grow.pH              7.5 
_exptl_crystal_grow.pdbx_details    
'0.1M HEPES pH 7.5, 1% PEG 400, 2.0M ammonium sulfate, VAPOR DIFFUSION, HANGING DROP, temperature 287K' 
_exptl_crystal_grow.pdbx_pH_range   . 
# 
loop_
_diffrn.id 
_diffrn.ambient_temp 
_diffrn.ambient_temp_details 
_diffrn.crystal_id 
1 173 ? 1 
2 173 ? 1 
# 
loop_
_diffrn_detector.diffrn_id 
_diffrn_detector.detector 
_diffrn_detector.type 
_diffrn_detector.pdbx_collection_date 
_diffrn_detector.details 
1 CCD 'ADSC QUANTUM 315' 2008-05-05 'double mirror' 
2 CCD 'ADSC QUANTUM 315' 2008-06-15 ?               
# 
loop_
_diffrn_radiation.diffrn_id 
_diffrn_radiation.wavelength_id 
_diffrn_radiation.pdbx_monochromatic_or_laue_m_l 
_diffrn_radiation.monochromator 
_diffrn_radiation.pdbx_diffrn_protocol 
_diffrn_radiation.pdbx_scattering_type 
1 1 M 'sillicon crystal, double mirror' 'SINGLE WAVELENGTH' x-ray 
2 2 M ?                                 MAD                 x-ray 
# 
loop_
_diffrn_radiation_wavelength.id 
_diffrn_radiation_wavelength.wavelength 
_diffrn_radiation_wavelength.wt 
1 1.0000  1.0 
2 0.97943 1.0 
3 0.97963 1.0 
4 0.97175 1.0 
# 
loop_
_diffrn_source.diffrn_id 
_diffrn_source.source 
_diffrn_source.type 
_diffrn_source.pdbx_synchrotron_site 
_diffrn_source.pdbx_synchrotron_beamline 
_diffrn_source.pdbx_wavelength 
_diffrn_source.pdbx_wavelength_list 
1 SYNCHROTRON 'PAL/PLS BEAMLINE 4A' PAL/PLS 4A ? 1.0000                      
2 SYNCHROTRON 'PAL/PLS BEAMLINE 4A' PAL/PLS 4A ? '0.97943, 0.97963, 0.97175' 
# 
_reflns.entry_id                     3FTJ 
_reflns.observed_criterion_sigma_I   0 
_reflns.observed_criterion_sigma_F   0 
_reflns.d_resolution_low             50 
_reflns.d_resolution_high            2.0 
_reflns.number_obs                   13829 
_reflns.number_all                   14360 
_reflns.percent_possible_obs         96.3 
_reflns.pdbx_Rmerge_I_obs            0.08 
_reflns.pdbx_Rsym_value              0.08 
_reflns.pdbx_netI_over_sigmaI        17.6 
_reflns.B_iso_Wilson_estimate        12.1 
_reflns.pdbx_redundancy              5.2 
_reflns.R_free_details               ? 
_reflns.limit_h_max                  ? 
_reflns.limit_h_min                  ? 
_reflns.limit_k_max                  ? 
_reflns.limit_k_min                  ? 
_reflns.limit_l_max                  ? 
_reflns.limit_l_min                  ? 
_reflns.observed_criterion_F_max     ? 
_reflns.observed_criterion_F_min     ? 
_reflns.pdbx_chi_squared             ? 
_reflns.pdbx_scaling_rejects         ? 
_reflns.pdbx_diffrn_id               1,2 
_reflns.pdbx_ordinal                 1 
# 
_reflns_shell.d_res_high             2.0 
_reflns_shell.d_res_low              2.07 
_reflns_shell.percent_possible_all   76 
_reflns_shell.Rmerge_I_obs           0.321 
_reflns_shell.pdbx_Rsym_value        0.321 
_reflns_shell.meanI_over_sigI_obs    2.1 
_reflns_shell.pdbx_redundancy        2.6 
_reflns_shell.percent_possible_obs   ? 
_reflns_shell.number_unique_all      1075 
_reflns_shell.number_measured_all    ? 
_reflns_shell.number_measured_obs    ? 
_reflns_shell.number_unique_obs      ? 
_reflns_shell.pdbx_chi_squared       ? 
_reflns_shell.pdbx_diffrn_id         ? 
_reflns_shell.pdbx_ordinal           1 
# 
_refine.entry_id                                 3FTJ 
_refine.ls_number_reflns_obs                     13828 
_refine.ls_number_reflns_all                     14360 
_refine.pdbx_ls_sigma_I                          0 
_refine.pdbx_ls_sigma_F                          2.12 
_refine.pdbx_data_cutoff_high_absF               47369.71 
_refine.pdbx_data_cutoff_low_absF                0.000000 
_refine.pdbx_data_cutoff_high_rms_absF           ? 
_refine.ls_d_res_low                             33.158 
_refine.ls_d_res_high                            1.999 
_refine.ls_percent_reflns_obs                    50.130 
_refine.ls_R_factor_obs                          0.202 
_refine.ls_R_factor_all                          ? 
_refine.ls_R_factor_R_work                       0.1995 
_refine.ls_R_factor_R_free                       0.250 
_refine.ls_R_factor_R_free_error                 0.007 
_refine.ls_R_factor_R_free_error_details         ? 
_refine.ls_percent_reflns_R_free                 5.020 
_refine.ls_number_reflns_R_free                  694 
_refine.ls_number_parameters                     ? 
_refine.ls_number_restraints                     ? 
_refine.correlation_coeff_Fo_to_Fc               ? 
_refine.correlation_coeff_Fo_to_Fc_free          ? 
_refine.B_iso_mean                               31.375 
_refine.solvent_model_param_bsol                 62.295 
_refine.solvent_model_param_ksol                 0.376 
_refine.aniso_B[1][1]                            1.817 
_refine.aniso_B[2][2]                            1.817 
_refine.aniso_B[3][3]                            -3.634 
_refine.aniso_B[1][2]                            -0.000 
_refine.aniso_B[1][3]                            -0.000 
_refine.aniso_B[2][3]                            0.000 
_refine.solvent_model_details                    'FLAT BULK SOLVENT MODEL' 
_refine.pdbx_solvent_vdw_probe_radii             1.110 
_refine.pdbx_solvent_ion_probe_radii             ? 
_refine.pdbx_solvent_shrinkage_radii             0.900 
_refine.pdbx_ls_cross_valid_method               THROUGHOUT 
_refine.details                                  'BULK SOLVENT MODEL USED' 
_refine.pdbx_starting_model                      ? 
_refine.pdbx_method_to_determine_struct          MAD 
_refine.pdbx_isotropic_thermal_model             RESTRAINED 
_refine.pdbx_stereochemistry_target_values       ML 
_refine.pdbx_stereochem_target_val_spec_case     ? 
_refine.pdbx_R_Free_selection_details            RANDOM 
_refine.pdbx_overall_ESU_R                       ? 
_refine.pdbx_overall_ESU_R_Free                  ? 
_refine.overall_SU_ML                            0.300 
_refine.overall_SU_B                             ? 
_refine.ls_redundancy_reflns_obs                 ? 
_refine.B_iso_max                                78.29 
_refine.B_iso_min                                13.11 
_refine.overall_SU_R_Cruickshank_DPI             ? 
_refine.overall_SU_R_free                        ? 
_refine.ls_wR_factor_R_free                      ? 
_refine.ls_wR_factor_R_work                      ? 
_refine.overall_FOM_free_R_set                   ? 
_refine.overall_FOM_work_R_set                   ? 
_refine.pdbx_refine_id                           'X-RAY DIFFRACTION' 
_refine.pdbx_overall_phase_error                 24.770 
_refine.occupancy_max                            1.00 
_refine.occupancy_min                            1.00 
_refine.pdbx_diffrn_id                           1 
_refine.pdbx_TLS_residual_ADP_flag               ? 
_refine.pdbx_overall_SU_R_free_Cruickshank_DPI   ? 
_refine.pdbx_overall_SU_R_Blow_DPI               ? 
_refine.pdbx_overall_SU_R_free_Blow_DPI          ? 
# 
_refine_analyze.entry_id                        3FTJ 
_refine_analyze.Luzzati_coordinate_error_obs    0.25 
_refine_analyze.Luzzati_sigma_a_obs             0.27 
_refine_analyze.Luzzati_d_res_low_obs           5.00 
_refine_analyze.Luzzati_coordinate_error_free   0.32 
_refine_analyze.Luzzati_sigma_a_free            0.28 
_refine_analyze.Luzzati_d_res_low_free          ? 
_refine_analyze.number_disordered_residues      ? 
_refine_analyze.occupancy_sum_hydrogen          ? 
_refine_analyze.occupancy_sum_non_hydrogen      ? 
_refine_analyze.pdbx_Luzzati_d_res_high_obs     ? 
_refine_analyze.pdbx_refine_id                  'X-RAY DIFFRACTION' 
# 
_refine_hist.pdbx_refine_id                   'X-RAY DIFFRACTION' 
_refine_hist.cycle_id                         LAST 
_refine_hist.pdbx_number_atoms_protein        1649 
_refine_hist.pdbx_number_atoms_nucleic_acid   0 
_refine_hist.pdbx_number_atoms_ligand         0 
_refine_hist.number_atoms_solvent             139 
_refine_hist.number_atoms_total               1788 
_refine_hist.d_res_high                       1.999 
_refine_hist.d_res_low                        33.158 
# 
loop_
_refine_ls_restr.type 
_refine_ls_restr.dev_ideal 
_refine_ls_restr.dev_ideal_target 
_refine_ls_restr.weight 
_refine_ls_restr.number 
_refine_ls_restr.pdbx_refine_id 
_refine_ls_restr.pdbx_restraint_function 
f_bond_d           0.006  ? ? 1668 'X-RAY DIFFRACTION' ? 
f_angle_d          0.958  ? ? 2248 'X-RAY DIFFRACTION' ? 
f_dihedral_angle_d 17.604 ? ? 619  'X-RAY DIFFRACTION' ? 
f_chiral_restr     0.066  ? ? 267  'X-RAY DIFFRACTION' ? 
f_plane_restr      0.003  ? ? 290  'X-RAY DIFFRACTION' ? 
# 
loop_
_refine_ls_shell.pdbx_refine_id 
_refine_ls_shell.pdbx_total_number_of_bins_used 
_refine_ls_shell.d_res_high 
_refine_ls_shell.d_res_low 
_refine_ls_shell.number_reflns_R_work 
_refine_ls_shell.R_factor_R_work 
_refine_ls_shell.percent_reflns_obs 
_refine_ls_shell.R_factor_R_free 
_refine_ls_shell.R_factor_R_free_error 
_refine_ls_shell.percent_reflns_R_free 
_refine_ls_shell.number_reflns_R_free 
_refine_ls_shell.number_reflns_all 
_refine_ls_shell.R_factor_all 
_refine_ls_shell.redundancy_reflns_obs 
_refine_ls_shell.number_reflns_obs 
'X-RAY DIFFRACTION' . 1.9992 2.1536  2265 0.2580 44.00 0.3274 . . 125 . . . . 
'X-RAY DIFFRACTION' . 2.1536 2.3703  2654 0.2145 51.00 0.2634 . . 140 . . . . 
'X-RAY DIFFRACTION' . 2.3703 2.7131  2681 0.2061 51.00 0.2480 . . 147 . . . . 
'X-RAY DIFFRACTION' . 2.7131 3.4177  2705 0.1925 52.00 0.2486 . . 151 . . . . 
'X-RAY DIFFRACTION' . 3.4177 33.1627 2829 0.1830 53.00 0.2205 . . 131 . . . . 
# 
loop_
_pdbx_xplor_file.serial_no 
_pdbx_xplor_file.param_file 
_pdbx_xplor_file.topol_file 
_pdbx_xplor_file.pdbx_refine_id 
1 protein_rep.param protein.top 'X-RAY DIFFRACTION' 
2 ater_rep.param    water.top   'X-RAY DIFFRACTION' 
# 
_struct.entry_id                  3FTJ 
_struct.title                     'Crystal structure of the periplasmic region of MacB from Actinobacillus actinomycetemcomitans' 
_struct.pdbx_model_details        ? 
_struct.pdbx_CASP_flag            ? 
_struct.pdbx_model_type_details   ? 
# 
_struct_keywords.entry_id        3FTJ 
_struct_keywords.pdbx_keywords   HYDROLASE 
_struct_keywords.text            
;macrolide-specific pump, ABC-type transporter, heat stable exotoxin II, membrane protein, periplasmic region, Antibiotic resistance, ATP-binding, Cell inner membrane, Cell membrane, Hydrolase, Membrane, Nucleotide-binding, Transmembrane, Transport
;
# 
loop_
_struct_asym.id 
_struct_asym.pdbx_blank_PDB_chainid_flag 
_struct_asym.pdbx_modified 
_struct_asym.entity_id 
_struct_asym.details 
A N N 1 ? 
B N N 2 ? 
# 
_struct_ref.id                         1 
_struct_ref.db_name                    UNP 
_struct_ref.db_code                    MACB_ACTAC 
_struct_ref.pdbx_db_accession          Q2EHL8 
_struct_ref.entity_id                  1 
_struct_ref.pdbx_seq_one_letter_code   
;QQKILENIRGIGTNTMTIFNGNGFGDRRSRHIQNLKISDANTLSKQSYIQSVTPNTSSSGILVVGNKSFTSANLYGIGEQ
YFDVEGLKLKQGRLLTEDDVDQSNQVVVLDESAKKAIFANENPLGKTVIFNKRPFRVIGVVSDQQLGGFPGNSLNLYSPY
STVLNKITGGSRIGSITVKISDDVNSTVAEKSLTELLKSLHGKKDFFIMNSDTIKQTIENTTGTMK
;
_struct_ref.pdbx_align_begin           293 
_struct_ref.pdbx_db_isoform            ? 
# 
_struct_ref_seq.align_id                      1 
_struct_ref_seq.ref_id                        1 
_struct_ref_seq.pdbx_PDB_id_code              3FTJ 
_struct_ref_seq.pdbx_strand_id                A 
_struct_ref_seq.seq_align_beg                 1 
_struct_ref_seq.pdbx_seq_align_beg_ins_code   ? 
_struct_ref_seq.seq_align_end                 226 
_struct_ref_seq.pdbx_seq_align_end_ins_code   ? 
_struct_ref_seq.pdbx_db_accession             Q2EHL8 
_struct_ref_seq.db_align_beg                  293 
_struct_ref_seq.pdbx_db_align_beg_ins_code    ? 
_struct_ref_seq.db_align_end                  518 
_struct_ref_seq.pdbx_db_align_end_ins_code    ? 
_struct_ref_seq.pdbx_auth_seq_align_beg       306 
_struct_ref_seq.pdbx_auth_seq_align_end       531 
# 
_pdbx_struct_assembly.id                   1 
_pdbx_struct_assembly.details              author_defined_assembly 
_pdbx_struct_assembly.method_details       ? 
_pdbx_struct_assembly.oligomeric_details   monomeric 
_pdbx_struct_assembly.oligomeric_count     1 
# 
_pdbx_struct_assembly_gen.assembly_id       1 
_pdbx_struct_assembly_gen.oper_expression   1 
_pdbx_struct_assembly_gen.asym_id_list      A,B 
# 
_pdbx_struct_oper_list.id                   1 
_pdbx_struct_oper_list.type                 'identity operation' 
_pdbx_struct_oper_list.name                 1_555 
_pdbx_struct_oper_list.symmetry_operation   x,y,z 
_pdbx_struct_oper_list.matrix[1][1]         1.0000000000 
_pdbx_struct_oper_list.matrix[1][2]         0.0000000000 
_pdbx_struct_oper_list.matrix[1][3]         0.0000000000 
_pdbx_struct_oper_list.vector[1]            0.0000000000 
_pdbx_struct_oper_list.matrix[2][1]         0.0000000000 
_pdbx_struct_oper_list.matrix[2][2]         1.0000000000 
_pdbx_struct_oper_list.matrix[2][3]         0.0000000000 
_pdbx_struct_oper_list.vector[2]            0.0000000000 
_pdbx_struct_oper_list.matrix[3][1]         0.0000000000 
_pdbx_struct_oper_list.matrix[3][2]         0.0000000000 
_pdbx_struct_oper_list.matrix[3][3]         1.0000000000 
_pdbx_struct_oper_list.vector[3]            0.0000000000 
# 
_struct_biol.id        1 
_struct_biol.details   
;THE FULL-LENGTH MACB WAS CONFIRMED AS A HOMODIMER. HOWEVER,  
ONLY THE PERIPLASMIC REGION BEHAVED AS A MONOMER ON A SIZE  
EXCLUSION CHROMATOGRAPHY, PERFORMED BY THE DEPOSITORS  
RESEARCH GROUP. THUS THEY SPECULATE THAT THE DIMERIC  
FORMATION OF FULL-LENGTH MACB IS RESPONSIBLE FOR THE  
CYTOPLASMIC NBD OR THE TRANSMEMBRANE SEGMENT.
;
# 
loop_
_struct_conf.conf_type_id 
_struct_conf.id 
_struct_conf.pdbx_PDB_helix_id 
_struct_conf.beg_label_comp_id 
_struct_conf.beg_label_asym_id 
_struct_conf.beg_label_seq_id 
_struct_conf.pdbx_beg_PDB_ins_code 
_struct_conf.end_label_comp_id 
_struct_conf.end_label_asym_id 
_struct_conf.end_label_seq_id 
_struct_conf.pdbx_end_PDB_ins_code 
_struct_conf.beg_auth_comp_id 
_struct_conf.beg_auth_asym_id 
_struct_conf.beg_auth_seq_id 
_struct_conf.end_auth_comp_id 
_struct_conf.end_auth_asym_id 
_struct_conf.end_auth_seq_id 
_struct_conf.pdbx_PDB_helix_class 
_struct_conf.details 
_struct_conf.pdbx_PDB_helix_length 
HELX_P HELX_P1 1 ASP A 26  ? ILE A 32  ? ASP A 331 ILE A 337 1 ? 7  
HELX_P HELX_P2 2 LYS A 36  ? LYS A 45  ? LYS A 341 LYS A 350 1 ? 10 
HELX_P HELX_P3 3 GLN A 80  ? GLY A 86  ? GLN A 385 GLY A 391 1 ? 7  
HELX_P HELX_P4 4 THR A 96  ? SER A 103 ? THR A 401 SER A 408 1 ? 8  
HELX_P HELX_P5 5 GLU A 111 ? ALA A 119 ? GLU A 416 ALA A 424 1 ? 9  
HELX_P HELX_P6 6 TYR A 160 ? ILE A 167 ? TYR A 465 ILE A 472 1 ? 8  
HELX_P HELX_P7 7 ASN A 185 ? GLY A 202 ? ASN A 490 GLY A 507 1 ? 18 
HELX_P HELX_P8 8 ASN A 210 ? ASN A 220 ? ASN A 515 ASN A 525 1 ? 11 
# 
_struct_conf_type.id          HELX_P 
_struct_conf_type.criteria    ? 
_struct_conf_type.reference   ? 
# 
loop_
_struct_sheet.id 
_struct_sheet.type 
_struct_sheet.number_strands 
_struct_sheet.details 
A ? 9 ? 
B ? 7 ? 
# 
loop_
_struct_sheet_order.sheet_id 
_struct_sheet_order.range_id_1 
_struct_sheet_order.range_id_2 
_struct_sheet_order.offset 
_struct_sheet_order.sense 
A 1 2 ? anti-parallel 
A 2 3 ? parallel      
A 3 4 ? anti-parallel 
A 4 5 ? parallel      
A 5 6 ? anti-parallel 
A 6 7 ? anti-parallel 
A 7 8 ? anti-parallel 
A 8 9 ? anti-parallel 
B 1 2 ? anti-parallel 
B 2 3 ? anti-parallel 
B 3 4 ? anti-parallel 
B 4 5 ? anti-parallel 
B 5 6 ? anti-parallel 
B 6 7 ? anti-parallel 
# 
loop_
_struct_sheet_range.sheet_id 
_struct_sheet_range.id 
_struct_sheet_range.beg_label_comp_id 
_struct_sheet_range.beg_label_asym_id 
_struct_sheet_range.beg_label_seq_id 
_struct_sheet_range.pdbx_beg_PDB_ins_code 
_struct_sheet_range.end_label_comp_id 
_struct_sheet_range.end_label_asym_id 
_struct_sheet_range.end_label_seq_id 
_struct_sheet_range.pdbx_end_PDB_ins_code 
_struct_sheet_range.beg_auth_comp_id 
_struct_sheet_range.beg_auth_asym_id 
_struct_sheet_range.beg_auth_seq_id 
_struct_sheet_range.end_auth_comp_id 
_struct_sheet_range.end_auth_asym_id 
_struct_sheet_range.end_auth_seq_id 
A 1 LEU A 89  ? GLY A 92  ? LEU A 394 GLY A 397 
A 2 ARG A 133 ? VAL A 141 ? ARG A 438 VAL A 446 
A 3 VAL A 106 ? ASP A 110 ? VAL A 411 ASP A 415 
A 4 ASN A 155 ? PRO A 159 ? ASN A 460 PRO A 464 
A 5 LYS A 67  ? ILE A 77  ? LYS A 372 ILE A 382 
A 6 ILE A 49  ? VAL A 64  ? ILE A 354 VAL A 369 
A 7 SER A 175 ? ILE A 180 ? SER A 480 ILE A 485 
A 8 THR A 15  ? ASN A 20  ? THR A 320 ASN A 325 
A 9 PHE A 206 ? MET A 209 ? PHE A 511 MET A 514 
B 1 LEU A 89  ? GLY A 92  ? LEU A 394 GLY A 397 
B 2 ARG A 133 ? VAL A 141 ? ARG A 438 VAL A 446 
B 3 THR A 127 ? PHE A 130 ? THR A 432 PHE A 435 
B 4 ILE A 49  ? VAL A 64  ? ILE A 354 VAL A 369 
B 5 SER A 175 ? ILE A 180 ? SER A 480 ILE A 485 
B 6 THR A 15  ? ASN A 20  ? THR A 320 ASN A 325 
B 7 PHE A 206 ? MET A 209 ? PHE A 511 MET A 514 
# 
loop_
_pdbx_struct_sheet_hbond.sheet_id 
_pdbx_struct_sheet_hbond.range_id_1 
_pdbx_struct_sheet_hbond.range_id_2 
_pdbx_struct_sheet_hbond.range_1_label_atom_id 
_pdbx_struct_sheet_hbond.range_1_label_comp_id 
_pdbx_struct_sheet_hbond.range_1_label_asym_id 
_pdbx_struct_sheet_hbond.range_1_label_seq_id 
_pdbx_struct_sheet_hbond.range_1_PDB_ins_code 
_pdbx_struct_sheet_hbond.range_1_auth_atom_id 
_pdbx_struct_sheet_hbond.range_1_auth_comp_id 
_pdbx_struct_sheet_hbond.range_1_auth_asym_id 
_pdbx_struct_sheet_hbond.range_1_auth_seq_id 
_pdbx_struct_sheet_hbond.range_2_label_atom_id 
_pdbx_struct_sheet_hbond.range_2_label_comp_id 
_pdbx_struct_sheet_hbond.range_2_label_asym_id 
_pdbx_struct_sheet_hbond.range_2_label_seq_id 
_pdbx_struct_sheet_hbond.range_2_PDB_ins_code 
_pdbx_struct_sheet_hbond.range_2_auth_atom_id 
_pdbx_struct_sheet_hbond.range_2_auth_comp_id 
_pdbx_struct_sheet_hbond.range_2_auth_asym_id 
_pdbx_struct_sheet_hbond.range_2_auth_seq_id 
A 1 2 N LYS A 90  ? N LYS A 395 O VAL A 140 ? O VAL A 445 
A 2 3 O VAL A 141 ? O VAL A 446 N LEU A 109 ? N LEU A 414 
A 3 4 N VAL A 108 ? N VAL A 413 O TYR A 157 ? O TYR A 462 
A 4 5 O LEU A 156 ? O LEU A 461 N TYR A 75  ? N TYR A 380 
A 5 6 O GLY A 76  ? O GLY A 381 N THR A 56  ? N THR A 361 
A 6 7 N GLN A 50  ? N GLN A 355 O LYS A 179 ? O LYS A 484 
A 7 8 O ILE A 176 ? O ILE A 481 N ILE A 18  ? N ILE A 323 
A 8 9 N PHE A 19  ? N PHE A 324 O PHE A 207 ? O PHE A 512 
B 1 2 N LYS A 90  ? N LYS A 395 O VAL A 140 ? O VAL A 445 
B 2 3 O PHE A 135 ? O PHE A 440 N VAL A 128 ? N VAL A 433 
B 3 4 O ILE A 129 ? O ILE A 434 N VAL A 63  ? N VAL A 368 
B 4 5 N GLN A 50  ? N GLN A 355 O LYS A 179 ? O LYS A 484 
B 5 6 O ILE A 176 ? O ILE A 481 N ILE A 18  ? N ILE A 323 
B 6 7 N PHE A 19  ? N PHE A 324 O PHE A 207 ? O PHE A 512 
# 
loop_
_pdbx_validate_torsion.id 
_pdbx_validate_torsion.PDB_model_num 
_pdbx_validate_torsion.auth_comp_id 
_pdbx_validate_torsion.auth_asym_id 
_pdbx_validate_torsion.auth_seq_id 
_pdbx_validate_torsion.PDB_ins_code 
_pdbx_validate_torsion.label_alt_id 
_pdbx_validate_torsion.phi 
_pdbx_validate_torsion.psi 
1 1 LEU A 310 ? ? -58.54  171.49  
2 1 GLU A 311 ? ? 46.47   17.91   
3 1 ASN A 312 ? ? -140.74 -63.51  
4 1 ARG A 314 ? ? -32.21  105.63  
5 1 ASP A 331 ? ? -171.50 68.80   
6 1 ALA A 424 ? ? 47.13   -113.21 
7 1 LYS A 437 ? ? 84.04   -7.50   
8 1 LEU A 459 ? ? 60.73   72.46   
9 1 ILE A 472 ? ? -108.54 -68.06  
# 
loop_
_pdbx_unobs_or_zero_occ_residues.id 
_pdbx_unobs_or_zero_occ_residues.PDB_model_num 
_pdbx_unobs_or_zero_occ_residues.polymer_flag 
_pdbx_unobs_or_zero_occ_residues.occupancy_flag 
_pdbx_unobs_or_zero_occ_residues.auth_asym_id 
_pdbx_unobs_or_zero_occ_residues.auth_comp_id 
_pdbx_unobs_or_zero_occ_residues.auth_seq_id 
_pdbx_unobs_or_zero_occ_residues.PDB_ins_code 
_pdbx_unobs_or_zero_occ_residues.label_asym_id 
_pdbx_unobs_or_zero_occ_residues.label_comp_id 
_pdbx_unobs_or_zero_occ_residues.label_seq_id 
1  1 Y 1 A GLN 306 ? A GLN 1   
2  1 Y 1 A GLN 450 ? A GLN 145 
3  1 Y 1 A LEU 451 ? A LEU 146 
4  1 Y 1 A GLY 452 ? A GLY 147 
5  1 Y 1 A GLY 453 ? A GLY 148 
6  1 Y 1 A PHE 454 ? A PHE 149 
7  1 Y 1 A PRO 455 ? A PRO 150 
8  1 Y 1 A GLY 456 ? A GLY 151 
9  1 Y 1 A ASN 457 ? A ASN 152 
10 1 Y 1 A THR 529 ? A THR 224 
11 1 Y 1 A MET 530 ? A MET 225 
12 1 Y 1 A LYS 531 ? A LYS 226 
# 
loop_
_chem_comp_atom.comp_id 
_chem_comp_atom.atom_id 
_chem_comp_atom.type_symbol 
_chem_comp_atom.pdbx_aromatic_flag 
_chem_comp_atom.pdbx_stereo_config 
_chem_comp_atom.pdbx_ordinal 
ALA N    N N N 1   
ALA CA   C N S 2   
ALA C    C N N 3   
ALA O    O N N 4   
ALA CB   C N N 5   
ALA OXT  O N N 6   
ALA H    H N N 7   
ALA H2   H N N 8   
ALA HA   H N N 9   
ALA HB1  H N N 10  
ALA HB2  H N N 11  
ALA HB3  H N N 12  
ALA HXT  H N N 13  
ARG N    N N N 14  
ARG CA   C N S 15  
ARG C    C N N 16  
ARG O    O N N 17  
ARG CB   C N N 18  
ARG CG   C N N 19  
ARG CD   C N N 20  
ARG NE   N N N 21  
ARG CZ   C N N 22  
ARG NH1  N N N 23  
ARG NH2  N N N 24  
ARG OXT  O N N 25  
ARG H    H N N 26  
ARG H2   H N N 27  
ARG HA   H N N 28  
ARG HB2  H N N 29  
ARG HB3  H N N 30  
ARG HG2  H N N 31  
ARG HG3  H N N 32  
ARG HD2  H N N 33  
ARG HD3  H N N 34  
ARG HE   H N N 35  
ARG HH11 H N N 36  
ARG HH12 H N N 37  
ARG HH21 H N N 38  
ARG HH22 H N N 39  
ARG HXT  H N N 40  
ASN N    N N N 41  
ASN CA   C N S 42  
ASN C    C N N 43  
ASN O    O N N 44  
ASN CB   C N N 45  
ASN CG   C N N 46  
ASN OD1  O N N 47  
ASN ND2  N N N 48  
ASN OXT  O N N 49  
ASN H    H N N 50  
ASN H2   H N N 51  
ASN HA   H N N 52  
ASN HB2  H N N 53  
ASN HB3  H N N 54  
ASN HD21 H N N 55  
ASN HD22 H N N 56  
ASN HXT  H N N 57  
ASP N    N N N 58  
ASP CA   C N S 59  
ASP C    C N N 60  
ASP O    O N N 61  
ASP CB   C N N 62  
ASP CG   C N N 63  
ASP OD1  O N N 64  
ASP OD2  O N N 65  
ASP OXT  O N N 66  
ASP H    H N N 67  
ASP H2   H N N 68  
ASP HA   H N N 69  
ASP HB2  H N N 70  
ASP HB3  H N N 71  
ASP HD2  H N N 72  
ASP HXT  H N N 73  
GLN N    N N N 74  
GLN CA   C N S 75  
GLN C    C N N 76  
GLN O    O N N 77  
GLN CB   C N N 78  
GLN CG   C N N 79  
GLN CD   C N N 80  
GLN OE1  O N N 81  
GLN NE2  N N N 82  
GLN OXT  O N N 83  
GLN H    H N N 84  
GLN H2   H N N 85  
GLN HA   H N N 86  
GLN HB2  H N N 87  
GLN HB3  H N N 88  
GLN HG2  H N N 89  
GLN HG3  H N N 90  
GLN HE21 H N N 91  
GLN HE22 H N N 92  
GLN HXT  H N N 93  
GLU N    N N N 94  
GLU CA   C N S 95  
GLU C    C N N 96  
GLU O    O N N 97  
GLU CB   C N N 98  
GLU CG   C N N 99  
GLU CD   C N N 100 
GLU OE1  O N N 101 
GLU OE2  O N N 102 
GLU OXT  O N N 103 
GLU H    H N N 104 
GLU H2   H N N 105 
GLU HA   H N N 106 
GLU HB2  H N N 107 
GLU HB3  H N N 108 
GLU HG2  H N N 109 
GLU HG3  H N N 110 
GLU HE2  H N N 111 
GLU HXT  H N N 112 
GLY N    N N N 113 
GLY CA   C N N 114 
GLY C    C N N 115 
GLY O    O N N 116 
GLY OXT  O N N 117 
GLY H    H N N 118 
GLY H2   H N N 119 
GLY HA2  H N N 120 
GLY HA3  H N N 121 
GLY HXT  H N N 122 
HIS N    N N N 123 
HIS CA   C N S 124 
HIS C    C N N 125 
HIS O    O N N 126 
HIS CB   C N N 127 
HIS CG   C Y N 128 
HIS ND1  N Y N 129 
HIS CD2  C Y N 130 
HIS CE1  C Y N 131 
HIS NE2  N Y N 132 
HIS OXT  O N N 133 
HIS H    H N N 134 
HIS H2   H N N 135 
HIS HA   H N N 136 
HIS HB2  H N N 137 
HIS HB3  H N N 138 
HIS HD1  H N N 139 
HIS HD2  H N N 140 
HIS HE1  H N N 141 
HIS HE2  H N N 142 
HIS HXT  H N N 143 
HOH O    O N N 144 
HOH H1   H N N 145 
HOH H2   H N N 146 
ILE N    N N N 147 
ILE CA   C N S 148 
ILE C    C N N 149 
ILE O    O N N 150 
ILE CB   C N S 151 
ILE CG1  C N N 152 
ILE CG2  C N N 153 
ILE CD1  C N N 154 
ILE OXT  O N N 155 
ILE H    H N N 156 
ILE H2   H N N 157 
ILE HA   H N N 158 
ILE HB   H N N 159 
ILE HG12 H N N 160 
ILE HG13 H N N 161 
ILE HG21 H N N 162 
ILE HG22 H N N 163 
ILE HG23 H N N 164 
ILE HD11 H N N 165 
ILE HD12 H N N 166 
ILE HD13 H N N 167 
ILE HXT  H N N 168 
LEU N    N N N 169 
LEU CA   C N S 170 
LEU C    C N N 171 
LEU O    O N N 172 
LEU CB   C N N 173 
LEU CG   C N N 174 
LEU CD1  C N N 175 
LEU CD2  C N N 176 
LEU OXT  O N N 177 
LEU H    H N N 178 
LEU H2   H N N 179 
LEU HA   H N N 180 
LEU HB2  H N N 181 
LEU HB3  H N N 182 
LEU HG   H N N 183 
LEU HD11 H N N 184 
LEU HD12 H N N 185 
LEU HD13 H N N 186 
LEU HD21 H N N 187 
LEU HD22 H N N 188 
LEU HD23 H N N 189 
LEU HXT  H N N 190 
LYS N    N N N 191 
LYS CA   C N S 192 
LYS C    C N N 193 
LYS O    O N N 194 
LYS CB   C N N 195 
LYS CG   C N N 196 
LYS CD   C N N 197 
LYS CE   C N N 198 
LYS NZ   N N N 199 
LYS OXT  O N N 200 
LYS H    H N N 201 
LYS H2   H N N 202 
LYS HA   H N N 203 
LYS HB2  H N N 204 
LYS HB3  H N N 205 
LYS HG2  H N N 206 
LYS HG3  H N N 207 
LYS HD2  H N N 208 
LYS HD3  H N N 209 
LYS HE2  H N N 210 
LYS HE3  H N N 211 
LYS HZ1  H N N 212 
LYS HZ2  H N N 213 
LYS HZ3  H N N 214 
LYS HXT  H N N 215 
MET N    N N N 216 
MET CA   C N S 217 
MET C    C N N 218 
MET O    O N N 219 
MET CB   C N N 220 
MET CG   C N N 221 
MET SD   S N N 222 
MET CE   C N N 223 
MET OXT  O N N 224 
MET H    H N N 225 
MET H2   H N N 226 
MET HA   H N N 227 
MET HB2  H N N 228 
MET HB3  H N N 229 
MET HG2  H N N 230 
MET HG3  H N N 231 
MET HE1  H N N 232 
MET HE2  H N N 233 
MET HE3  H N N 234 
MET HXT  H N N 235 
PHE N    N N N 236 
PHE CA   C N S 237 
PHE C    C N N 238 
PHE O    O N N 239 
PHE CB   C N N 240 
PHE CG   C Y N 241 
PHE CD1  C Y N 242 
PHE CD2  C Y N 243 
PHE CE1  C Y N 244 
PHE CE2  C Y N 245 
PHE CZ   C Y N 246 
PHE OXT  O N N 247 
PHE H    H N N 248 
PHE H2   H N N 249 
PHE HA   H N N 250 
PHE HB2  H N N 251 
PHE HB3  H N N 252 
PHE HD1  H N N 253 
PHE HD2  H N N 254 
PHE HE1  H N N 255 
PHE HE2  H N N 256 
PHE HZ   H N N 257 
PHE HXT  H N N 258 
PRO N    N N N 259 
PRO CA   C N S 260 
PRO C    C N N 261 
PRO O    O N N 262 
PRO CB   C N N 263 
PRO CG   C N N 264 
PRO CD   C N N 265 
PRO OXT  O N N 266 
PRO H    H N N 267 
PRO HA   H N N 268 
PRO HB2  H N N 269 
PRO HB3  H N N 270 
PRO HG2  H N N 271 
PRO HG3  H N N 272 
PRO HD2  H N N 273 
PRO HD3  H N N 274 
PRO HXT  H N N 275 
SER N    N N N 276 
SER CA   C N S 277 
SER C    C N N 278 
SER O    O N N 279 
SER CB   C N N 280 
SER OG   O N N 281 
SER OXT  O N N 282 
SER H    H N N 283 
SER H2   H N N 284 
SER HA   H N N 285 
SER HB2  H N N 286 
SER HB3  H N N 287 
SER HG   H N N 288 
SER HXT  H N N 289 
THR N    N N N 290 
THR CA   C N S 291 
THR C    C N N 292 
THR O    O N N 293 
THR CB   C N R 294 
THR OG1  O N N 295 
THR CG2  C N N 296 
THR OXT  O N N 297 
THR H    H N N 298 
THR H2   H N N 299 
THR HA   H N N 300 
THR HB   H N N 301 
THR HG1  H N N 302 
THR HG21 H N N 303 
THR HG22 H N N 304 
THR HG23 H N N 305 
THR HXT  H N N 306 
TYR N    N N N 307 
TYR CA   C N S 308 
TYR C    C N N 309 
TYR O    O N N 310 
TYR CB   C N N 311 
TYR CG   C Y N 312 
TYR CD1  C Y N 313 
TYR CD2  C Y N 314 
TYR CE1  C Y N 315 
TYR CE2  C Y N 316 
TYR CZ   C Y N 317 
TYR OH   O N N 318 
TYR OXT  O N N 319 
TYR H    H N N 320 
TYR H2   H N N 321 
TYR HA   H N N 322 
TYR HB2  H N N 323 
TYR HB3  H N N 324 
TYR HD1  H N N 325 
TYR HD2  H N N 326 
TYR HE1  H N N 327 
TYR HE2  H N N 328 
TYR HH   H N N 329 
TYR HXT  H N N 330 
VAL N    N N N 331 
VAL CA   C N S 332 
VAL C    C N N 333 
VAL O    O N N 334 
VAL CB   C N N 335 
VAL CG1  C N N 336 
VAL CG2  C N N 337 
VAL OXT  O N N 338 
VAL H    H N N 339 
VAL H2   H N N 340 
VAL HA   H N N 341 
VAL HB   H N N 342 
VAL HG11 H N N 343 
VAL HG12 H N N 344 
VAL HG13 H N N 345 
VAL HG21 H N N 346 
VAL HG22 H N N 347 
VAL HG23 H N N 348 
VAL HXT  H N N 349 
# 
loop_
_chem_comp_bond.comp_id 
_chem_comp_bond.atom_id_1 
_chem_comp_bond.atom_id_2 
_chem_comp_bond.value_order 
_chem_comp_bond.pdbx_aromatic_flag 
_chem_comp_bond.pdbx_stereo_config 
_chem_comp_bond.pdbx_ordinal 
ALA N   CA   sing N N 1   
ALA N   H    sing N N 2   
ALA N   H2   sing N N 3   
ALA CA  C    sing N N 4   
ALA CA  CB   sing N N 5   
ALA CA  HA   sing N N 6   
ALA C   O    doub N N 7   
ALA C   OXT  sing N N 8   
ALA CB  HB1  sing N N 9   
ALA CB  HB2  sing N N 10  
ALA CB  HB3  sing N N 11  
ALA OXT HXT  sing N N 12  
ARG N   CA   sing N N 13  
ARG N   H    sing N N 14  
ARG N   H2   sing N N 15  
ARG CA  C    sing N N 16  
ARG CA  CB   sing N N 17  
ARG CA  HA   sing N N 18  
ARG C   O    doub N N 19  
ARG C   OXT  sing N N 20  
ARG CB  CG   sing N N 21  
ARG CB  HB2  sing N N 22  
ARG CB  HB3  sing N N 23  
ARG CG  CD   sing N N 24  
ARG CG  HG2  sing N N 25  
ARG CG  HG3  sing N N 26  
ARG CD  NE   sing N N 27  
ARG CD  HD2  sing N N 28  
ARG CD  HD3  sing N N 29  
ARG NE  CZ   sing N N 30  
ARG NE  HE   sing N N 31  
ARG CZ  NH1  sing N N 32  
ARG CZ  NH2  doub N N 33  
ARG NH1 HH11 sing N N 34  
ARG NH1 HH12 sing N N 35  
ARG NH2 HH21 sing N N 36  
ARG NH2 HH22 sing N N 37  
ARG OXT HXT  sing N N 38  
ASN N   CA   sing N N 39  
ASN N   H    sing N N 40  
ASN N   H2   sing N N 41  
ASN CA  C    sing N N 42  
ASN CA  CB   sing N N 43  
ASN CA  HA   sing N N 44  
ASN C   O    doub N N 45  
ASN C   OXT  sing N N 46  
ASN CB  CG   sing N N 47  
ASN CB  HB2  sing N N 48  
ASN CB  HB3  sing N N 49  
ASN CG  OD1  doub N N 50  
ASN CG  ND2  sing N N 51  
ASN ND2 HD21 sing N N 52  
ASN ND2 HD22 sing N N 53  
ASN OXT HXT  sing N N 54  
ASP N   CA   sing N N 55  
ASP N   H    sing N N 56  
ASP N   H2   sing N N 57  
ASP CA  C    sing N N 58  
ASP CA  CB   sing N N 59  
ASP CA  HA   sing N N 60  
ASP C   O    doub N N 61  
ASP C   OXT  sing N N 62  
ASP CB  CG   sing N N 63  
ASP CB  HB2  sing N N 64  
ASP CB  HB3  sing N N 65  
ASP CG  OD1  doub N N 66  
ASP CG  OD2  sing N N 67  
ASP OD2 HD2  sing N N 68  
ASP OXT HXT  sing N N 69  
GLN N   CA   sing N N 70  
GLN N   H    sing N N 71  
GLN N   H2   sing N N 72  
GLN CA  C    sing N N 73  
GLN CA  CB   sing N N 74  
GLN CA  HA   sing N N 75  
GLN C   O    doub N N 76  
GLN C   OXT  sing N N 77  
GLN CB  CG   sing N N 78  
GLN CB  HB2  sing N N 79  
GLN CB  HB3  sing N N 80  
GLN CG  CD   sing N N 81  
GLN CG  HG2  sing N N 82  
GLN CG  HG3  sing N N 83  
GLN CD  OE1  doub N N 84  
GLN CD  NE2  sing N N 85  
GLN NE2 HE21 sing N N 86  
GLN NE2 HE22 sing N N 87  
GLN OXT HXT  sing N N 88  
GLU N   CA   sing N N 89  
GLU N   H    sing N N 90  
GLU N   H2   sing N N 91  
GLU CA  C    sing N N 92  
GLU CA  CB   sing N N 93  
GLU CA  HA   sing N N 94  
GLU C   O    doub N N 95  
GLU C   OXT  sing N N 96  
GLU CB  CG   sing N N 97  
GLU CB  HB2  sing N N 98  
GLU CB  HB3  sing N N 99  
GLU CG  CD   sing N N 100 
GLU CG  HG2  sing N N 101 
GLU CG  HG3  sing N N 102 
GLU CD  OE1  doub N N 103 
GLU CD  OE2  sing N N 104 
GLU OE2 HE2  sing N N 105 
GLU OXT HXT  sing N N 106 
GLY N   CA   sing N N 107 
GLY N   H    sing N N 108 
GLY N   H2   sing N N 109 
GLY CA  C    sing N N 110 
GLY CA  HA2  sing N N 111 
GLY CA  HA3  sing N N 112 
GLY C   O    doub N N 113 
GLY C   OXT  sing N N 114 
GLY OXT HXT  sing N N 115 
HIS N   CA   sing N N 116 
HIS N   H    sing N N 117 
HIS N   H2   sing N N 118 
HIS CA  C    sing N N 119 
HIS CA  CB   sing N N 120 
HIS CA  HA   sing N N 121 
HIS C   O    doub N N 122 
HIS C   OXT  sing N N 123 
HIS CB  CG   sing N N 124 
HIS CB  HB2  sing N N 125 
HIS CB  HB3  sing N N 126 
HIS CG  ND1  sing Y N 127 
HIS CG  CD2  doub Y N 128 
HIS ND1 CE1  doub Y N 129 
HIS ND1 HD1  sing N N 130 
HIS CD2 NE2  sing Y N 131 
HIS CD2 HD2  sing N N 132 
HIS CE1 NE2  sing Y N 133 
HIS CE1 HE1  sing N N 134 
HIS NE2 HE2  sing N N 135 
HIS OXT HXT  sing N N 136 
HOH O   H1   sing N N 137 
HOH O   H2   sing N N 138 
ILE N   CA   sing N N 139 
ILE N   H    sing N N 140 
ILE N   H2   sing N N 141 
ILE CA  C    sing N N 142 
ILE CA  CB   sing N N 143 
ILE CA  HA   sing N N 144 
ILE C   O    doub N N 145 
ILE C   OXT  sing N N 146 
ILE CB  CG1  sing N N 147 
ILE CB  CG2  sing N N 148 
ILE CB  HB   sing N N 149 
ILE CG1 CD1  sing N N 150 
ILE CG1 HG12 sing N N 151 
ILE CG1 HG13 sing N N 152 
ILE CG2 HG21 sing N N 153 
ILE CG2 HG22 sing N N 154 
ILE CG2 HG23 sing N N 155 
ILE CD1 HD11 sing N N 156 
ILE CD1 HD12 sing N N 157 
ILE CD1 HD13 sing N N 158 
ILE OXT HXT  sing N N 159 
LEU N   CA   sing N N 160 
LEU N   H    sing N N 161 
LEU N   H2   sing N N 162 
LEU CA  C    sing N N 163 
LEU CA  CB   sing N N 164 
LEU CA  HA   sing N N 165 
LEU C   O    doub N N 166 
LEU C   OXT  sing N N 167 
LEU CB  CG   sing N N 168 
LEU CB  HB2  sing N N 169 
LEU CB  HB3  sing N N 170 
LEU CG  CD1  sing N N 171 
LEU CG  CD2  sing N N 172 
LEU CG  HG   sing N N 173 
LEU CD1 HD11 sing N N 174 
LEU CD1 HD12 sing N N 175 
LEU CD1 HD13 sing N N 176 
LEU CD2 HD21 sing N N 177 
LEU CD2 HD22 sing N N 178 
LEU CD2 HD23 sing N N 179 
LEU OXT HXT  sing N N 180 
LYS N   CA   sing N N 181 
LYS N   H    sing N N 182 
LYS N   H2   sing N N 183 
LYS CA  C    sing N N 184 
LYS CA  CB   sing N N 185 
LYS CA  HA   sing N N 186 
LYS C   O    doub N N 187 
LYS C   OXT  sing N N 188 
LYS CB  CG   sing N N 189 
LYS CB  HB2  sing N N 190 
LYS CB  HB3  sing N N 191 
LYS CG  CD   sing N N 192 
LYS CG  HG2  sing N N 193 
LYS CG  HG3  sing N N 194 
LYS CD  CE   sing N N 195 
LYS CD  HD2  sing N N 196 
LYS CD  HD3  sing N N 197 
LYS CE  NZ   sing N N 198 
LYS CE  HE2  sing N N 199 
LYS CE  HE3  sing N N 200 
LYS NZ  HZ1  sing N N 201 
LYS NZ  HZ2  sing N N 202 
LYS NZ  HZ3  sing N N 203 
LYS OXT HXT  sing N N 204 
MET N   CA   sing N N 205 
MET N   H    sing N N 206 
MET N   H2   sing N N 207 
MET CA  C    sing N N 208 
MET CA  CB   sing N N 209 
MET CA  HA   sing N N 210 
MET C   O    doub N N 211 
MET C   OXT  sing N N 212 
MET CB  CG   sing N N 213 
MET CB  HB2  sing N N 214 
MET CB  HB3  sing N N 215 
MET CG  SD   sing N N 216 
MET CG  HG2  sing N N 217 
MET CG  HG3  sing N N 218 
MET SD  CE   sing N N 219 
MET CE  HE1  sing N N 220 
MET CE  HE2  sing N N 221 
MET CE  HE3  sing N N 222 
MET OXT HXT  sing N N 223 
PHE N   CA   sing N N 224 
PHE N   H    sing N N 225 
PHE N   H2   sing N N 226 
PHE CA  C    sing N N 227 
PHE CA  CB   sing N N 228 
PHE CA  HA   sing N N 229 
PHE C   O    doub N N 230 
PHE C   OXT  sing N N 231 
PHE CB  CG   sing N N 232 
PHE CB  HB2  sing N N 233 
PHE CB  HB3  sing N N 234 
PHE CG  CD1  doub Y N 235 
PHE CG  CD2  sing Y N 236 
PHE CD1 CE1  sing Y N 237 
PHE CD1 HD1  sing N N 238 
PHE CD2 CE2  doub Y N 239 
PHE CD2 HD2  sing N N 240 
PHE CE1 CZ   doub Y N 241 
PHE CE1 HE1  sing N N 242 
PHE CE2 CZ   sing Y N 243 
PHE CE2 HE2  sing N N 244 
PHE CZ  HZ   sing N N 245 
PHE OXT HXT  sing N N 246 
PRO N   CA   sing N N 247 
PRO N   CD   sing N N 248 
PRO N   H    sing N N 249 
PRO CA  C    sing N N 250 
PRO CA  CB   sing N N 251 
PRO CA  HA   sing N N 252 
PRO C   O    doub N N 253 
PRO C   OXT  sing N N 254 
PRO CB  CG   sing N N 255 
PRO CB  HB2  sing N N 256 
PRO CB  HB3  sing N N 257 
PRO CG  CD   sing N N 258 
PRO CG  HG2  sing N N 259 
PRO CG  HG3  sing N N 260 
PRO CD  HD2  sing N N 261 
PRO CD  HD3  sing N N 262 
PRO OXT HXT  sing N N 263 
SER N   CA   sing N N 264 
SER N   H    sing N N 265 
SER N   H2   sing N N 266 
SER CA  C    sing N N 267 
SER CA  CB   sing N N 268 
SER CA  HA   sing N N 269 
SER C   O    doub N N 270 
SER C   OXT  sing N N 271 
SER CB  OG   sing N N 272 
SER CB  HB2  sing N N 273 
SER CB  HB3  sing N N 274 
SER OG  HG   sing N N 275 
SER OXT HXT  sing N N 276 
THR N   CA   sing N N 277 
THR N   H    sing N N 278 
THR N   H2   sing N N 279 
THR CA  C    sing N N 280 
THR CA  CB   sing N N 281 
THR CA  HA   sing N N 282 
THR C   O    doub N N 283 
THR C   OXT  sing N N 284 
THR CB  OG1  sing N N 285 
THR CB  CG2  sing N N 286 
THR CB  HB   sing N N 287 
THR OG1 HG1  sing N N 288 
THR CG2 HG21 sing N N 289 
THR CG2 HG22 sing N N 290 
THR CG2 HG23 sing N N 291 
THR OXT HXT  sing N N 292 
TYR N   CA   sing N N 293 
TYR N   H    sing N N 294 
TYR N   H2   sing N N 295 
TYR CA  C    sing N N 296 
TYR CA  CB   sing N N 297 
TYR CA  HA   sing N N 298 
TYR C   O    doub N N 299 
TYR C   OXT  sing N N 300 
TYR CB  CG   sing N N 301 
TYR CB  HB2  sing N N 302 
TYR CB  HB3  sing N N 303 
TYR CG  CD1  doub Y N 304 
TYR CG  CD2  sing Y N 305 
TYR CD1 CE1  sing Y N 306 
TYR CD1 HD1  sing N N 307 
TYR CD2 CE2  doub Y N 308 
TYR CD2 HD2  sing N N 309 
TYR CE1 CZ   doub Y N 310 
TYR CE1 HE1  sing N N 311 
TYR CE2 CZ   sing Y N 312 
TYR CE2 HE2  sing N N 313 
TYR CZ  OH   sing N N 314 
TYR OH  HH   sing N N 315 
TYR OXT HXT  sing N N 316 
VAL N   CA   sing N N 317 
VAL N   H    sing N N 318 
VAL N   H2   sing N N 319 
VAL CA  C    sing N N 320 
VAL CA  CB   sing N N 321 
VAL CA  HA   sing N N 322 
VAL C   O    doub N N 323 
VAL C   OXT  sing N N 324 
VAL CB  CG1  sing N N 325 
VAL CB  CG2  sing N N 326 
VAL CB  HB   sing N N 327 
VAL CG1 HG11 sing N N 328 
VAL CG1 HG12 sing N N 329 
VAL CG1 HG13 sing N N 330 
VAL CG2 HG21 sing N N 331 
VAL CG2 HG22 sing N N 332 
VAL CG2 HG23 sing N N 333 
VAL OXT HXT  sing N N 334 
# 
_atom_sites.entry_id                    3FTJ 
_atom_sites.fract_transf_matrix[1][1]   -0.00854953 
_atom_sites.fract_transf_matrix[1][2]   -0.00121982 
_atom_sites.fract_transf_matrix[1][3]   0.00622812 
_atom_sites.fract_transf_matrix[2][1]   -0.00020138 
_atom_sites.fract_transf_matrix[2][2]   0.00441029 
_atom_sites.fract_transf_matrix[2][3]   0.00968962 
_atom_sites.fract_transf_matrix[3][1]   -0.00430747 
_atom_sites.fract_transf_matrix[3][2]   0.00894523 
_atom_sites.fract_transf_matrix[3][3]   -0.00416100 
_atom_sites.fract_transf_vector[1]      0.605197 
_atom_sites.fract_transf_vector[2]      0.804756 
_atom_sites.fract_transf_vector[3]      0.483278 
# 
loop_
_atom_type.symbol 
C 
N 
O 
S 
# 
loop_
_atom_site.group_PDB 
_atom_site.id 
_atom_site.type_symbol 
_atom_site.label_atom_id 
_atom_site.label_alt_id 
_atom_site.label_comp_id 
_atom_site.label_asym_id 
_atom_site.label_entity_id 
_atom_site.label_seq_id 
_atom_site.pdbx_PDB_ins_code 
_atom_site.Cartn_x 
_atom_site.Cartn_y 
_atom_site.Cartn_z 
_atom_site.occupancy 
_atom_site.B_iso_or_equiv 
_atom_site.pdbx_formal_charge 
_atom_site.auth_seq_id 
_atom_site.auth_comp_id 
_atom_site.auth_asym_id 
_atom_site.auth_atom_id 
_atom_site.pdbx_PDB_model_num 
ATOM   1    N N   . GLN A 1 2   ? 13.161  22.610  16.520  1.00 69.73 ? 307 GLN A N   1 
ATOM   2    C CA  . GLN A 1 2   ? 13.524  22.034  15.231  1.00 62.35 ? 307 GLN A CA  1 
ATOM   3    C C   . GLN A 1 2   ? 12.964  20.625  15.074  1.00 68.16 ? 307 GLN A C   1 
ATOM   4    O O   . GLN A 1 2   ? 13.098  20.018  14.011  1.00 64.89 ? 307 GLN A O   1 
ATOM   5    C CB  . GLN A 1 2   ? 15.042  21.988  15.072  1.00 65.77 ? 307 GLN A CB  1 
ATOM   6    C CG  . GLN A 1 2   ? 15.737  23.327  15.233  1.00 69.34 ? 307 GLN A CG  1 
ATOM   7    C CD  . GLN A 1 2   ? 17.252  23.200  15.181  1.00 74.39 ? 307 GLN A CD  1 
ATOM   8    O OE1 . GLN A 1 2   ? 17.820  22.184  15.597  1.00 66.17 ? 307 GLN A OE1 1 
ATOM   9    N NE2 . GLN A 1 2   ? 17.915  24.236  14.673  1.00 66.86 ? 307 GLN A NE2 1 
ATOM   10   N N   . LYS A 1 3   ? 12.345  20.106  16.134  1.00 67.55 ? 308 LYS A N   1 
ATOM   11   C CA  . LYS A 1 3   ? 11.823  18.742  16.122  1.00 64.64 ? 308 LYS A CA  1 
ATOM   12   C C   . LYS A 1 3   ? 10.838  18.523  14.975  1.00 66.28 ? 308 LYS A C   1 
ATOM   13   O O   . LYS A 1 3   ? 11.087  17.711  14.083  1.00 65.98 ? 308 LYS A O   1 
ATOM   14   C CB  . LYS A 1 3   ? 11.159  18.404  17.458  1.00 66.73 ? 308 LYS A CB  1 
ATOM   15   C CG  . LYS A 1 3   ? 11.182  16.917  17.807  1.00 66.83 ? 308 LYS A CG  1 
ATOM   16   C CD  . LYS A 1 3   ? 10.459  16.072  16.766  1.00 64.83 ? 308 LYS A CD  1 
ATOM   17   C CE  . LYS A 1 3   ? 10.526  14.594  17.115  1.00 67.43 ? 308 LYS A CE  1 
ATOM   18   N NZ  . LYS A 1 3   ? 9.959   13.733  16.037  1.00 69.41 ? 308 LYS A NZ  1 
ATOM   19   N N   . ILE A 1 4   ? 9.716   19.235  15.009  1.00 64.17 ? 309 ILE A N   1 
ATOM   20   C CA  . ILE A 1 4   ? 8.723   19.137  13.946  1.00 59.35 ? 309 ILE A CA  1 
ATOM   21   C C   . ILE A 1 4   ? 9.322   19.657  12.642  1.00 61.28 ? 309 ILE A C   1 
ATOM   22   O O   . ILE A 1 4   ? 9.125   19.081  11.571  1.00 61.23 ? 309 ILE A O   1 
ATOM   23   C CB  . ILE A 1 4   ? 7.457   19.936  14.290  1.00 56.22 ? 309 ILE A CB  1 
ATOM   24   C CG1 . ILE A 1 4   ? 6.967   19.584  15.693  1.00 59.82 ? 309 ILE A CG1 1 
ATOM   25   C CG2 . ILE A 1 4   ? 6.361   19.650  13.292  1.00 57.82 ? 309 ILE A CG2 1 
ATOM   26   C CD1 . ILE A 1 4   ? 5.630   20.206  16.037  1.00 57.75 ? 309 ILE A CD1 1 
ATOM   27   N N   . LEU A 1 5   ? 10.060  20.757  12.757  1.00 59.29 ? 310 LEU A N   1 
ATOM   28   C CA  . LEU A 1 5   ? 10.843  21.302  11.663  1.00 62.40 ? 310 LEU A CA  1 
ATOM   29   C C   . LEU A 1 5   ? 11.825  20.227  11.215  1.00 68.02 ? 310 LEU A C   1 
ATOM   30   O O   . LEU A 1 5   ? 11.946  19.189  11.864  1.00 71.47 ? 310 LEU A O   1 
ATOM   31   C CB  . LEU A 1 5   ? 11.622  22.521  12.168  1.00 62.33 ? 310 LEU A CB  1 
ATOM   32   C CG  . LEU A 1 5   ? 11.763  23.803  11.339  1.00 53.95 ? 310 LEU A CG  1 
ATOM   33   C CD1 . LEU A 1 5   ? 12.528  24.845  12.148  1.00 46.72 ? 310 LEU A CD1 1 
ATOM   34   C CD2 . LEU A 1 5   ? 12.439  23.559  9.996   1.00 53.43 ? 310 LEU A CD2 1 
ATOM   35   N N   . GLU A 1 6   ? 12.516  20.471  10.105  1.00 69.12 ? 311 GLU A N   1 
ATOM   36   C CA  . GLU A 1 6   ? 13.661  19.650  9.706   1.00 73.19 ? 311 GLU A CA  1 
ATOM   37   C C   . GLU A 1 6   ? 13.419  18.145  9.797   1.00 73.23 ? 311 GLU A C   1 
ATOM   38   O O   . GLU A 1 6   ? 14.373  17.367  9.808   1.00 73.66 ? 311 GLU A O   1 
ATOM   39   C CB  . GLU A 1 6   ? 14.880  20.000  10.570  1.00 73.43 ? 311 GLU A CB  1 
ATOM   40   C CG  . GLU A 1 6   ? 15.423  21.406  10.373  1.00 70.77 ? 311 GLU A CG  1 
ATOM   41   C CD  . GLU A 1 6   ? 16.151  21.570  9.051   1.00 75.66 ? 311 GLU A CD  1 
ATOM   42   O OE1 . GLU A 1 6   ? 16.889  22.569  8.901   1.00 78.29 ? 311 GLU A OE1 1 
ATOM   43   O OE2 . GLU A 1 6   ? 15.990  20.699  8.166   1.00 73.65 ? 311 GLU A OE2 1 
ATOM   44   N N   . ASN A 1 7   ? 12.159  17.730  9.857   1.00 71.58 ? 312 ASN A N   1 
ATOM   45   C CA  . ASN A 1 7   ? 11.857  16.329  10.131  1.00 68.01 ? 312 ASN A CA  1 
ATOM   46   C C   . ASN A 1 7   ? 10.693  15.744  9.338   1.00 67.47 ? 312 ASN A C   1 
ATOM   47   O O   . ASN A 1 7   ? 10.892  14.822  8.545   1.00 71.64 ? 312 ASN A O   1 
ATOM   48   C CB  . ASN A 1 7   ? 11.662  16.112  11.632  1.00 69.14 ? 312 ASN A CB  1 
ATOM   49   C CG  . ASN A 1 7   ? 12.976  16.145  12.397  1.00 71.23 ? 312 ASN A CG  1 
ATOM   50   O OD1 . ASN A 1 7   ? 13.310  17.137  13.046  1.00 69.89 ? 312 ASN A OD1 1 
ATOM   51   N ND2 . ASN A 1 7   ? 13.737  15.058  12.308  1.00 73.84 ? 312 ASN A ND2 1 
ATOM   52   N N   . ILE A 1 8   ? 9.484   16.264  9.543   1.00 62.13 ? 313 ILE A N   1 
ATOM   53   C CA  . ILE A 1 8   ? 8.332   15.752  8.807   1.00 63.22 ? 313 ILE A CA  1 
ATOM   54   C C   . ILE A 1 8   ? 8.577   15.867  7.311   1.00 63.18 ? 313 ILE A C   1 
ATOM   55   O O   . ILE A 1 8   ? 7.828   15.314  6.506   1.00 63.50 ? 313 ILE A O   1 
ATOM   56   C CB  . ILE A 1 8   ? 7.029   16.504  9.117   1.00 64.00 ? 313 ILE A CB  1 
ATOM   57   C CG1 . ILE A 1 8   ? 6.976   16.947  10.575  1.00 57.72 ? 313 ILE A CG1 1 
ATOM   58   C CG2 . ILE A 1 8   ? 5.824   15.627  8.764   1.00 54.88 ? 313 ILE A CG2 1 
ATOM   59   C CD1 . ILE A 1 8   ? 5.646   17.564  10.945  1.00 48.98 ? 313 ILE A CD1 1 
ATOM   60   N N   . ARG A 1 9   ? 9.624   16.606  6.955   1.00 61.44 ? 314 ARG A N   1 
ATOM   61   C CA  . ARG A 1 9   ? 10.063  16.744  5.570   1.00 63.55 ? 314 ARG A CA  1 
ATOM   62   C C   . ARG A 1 9   ? 9.814   15.497  4.724   1.00 60.23 ? 314 ARG A C   1 
ATOM   63   O O   . ARG A 1 9   ? 10.519  14.493  4.857   1.00 54.46 ? 314 ARG A O   1 
ATOM   64   C CB  . ARG A 1 9   ? 11.555  17.081  5.535   1.00 62.29 ? 314 ARG A CB  1 
ATOM   65   C CG  . ARG A 1 9   ? 11.870  18.548  5.712   1.00 64.16 ? 314 ARG A CG  1 
ATOM   66   C CD  . ARG A 1 9   ? 11.790  19.271  4.381   1.00 60.07 ? 314 ARG A CD  1 
ATOM   67   N NE  . ARG A 1 9   ? 12.388  20.599  4.445   1.00 53.69 ? 314 ARG A NE  1 
ATOM   68   C CZ  . ARG A 1 9   ? 13.693  20.822  4.550   1.00 53.62 ? 314 ARG A CZ  1 
ATOM   69   N NH1 . ARG A 1 9   ? 14.544  19.805  4.612   1.00 61.87 ? 314 ARG A NH1 1 
ATOM   70   N NH2 . ARG A 1 9   ? 14.146  22.063  4.601   1.00 51.41 ? 314 ARG A NH2 1 
ATOM   71   N N   . GLY A 1 10  ? 8.809   15.570  3.854   1.00 54.74 ? 315 GLY A N   1 
ATOM   72   C CA  . GLY A 1 10  ? 8.572   14.529  2.874   1.00 53.32 ? 315 GLY A CA  1 
ATOM   73   C C   . GLY A 1 10  ? 7.686   13.395  3.349   1.00 58.78 ? 315 GLY A C   1 
ATOM   74   O O   . GLY A 1 10  ? 7.262   12.561  2.545   1.00 60.10 ? 315 GLY A O   1 
ATOM   75   N N   . ILE A 1 11  ? 7.408   13.348  4.649   1.00 55.24 ? 316 ILE A N   1 
ATOM   76   C CA  . ILE A 1 11  ? 6.538   12.309  5.196   1.00 53.93 ? 316 ILE A CA  1 
ATOM   77   C C   . ILE A 1 11  ? 5.101   12.807  5.368   1.00 50.08 ? 316 ILE A C   1 
ATOM   78   O O   . ILE A 1 11  ? 4.816   13.638  6.232   1.00 48.50 ? 316 ILE A O   1 
ATOM   79   C CB  . ILE A 1 11  ? 7.070   11.739  6.542   1.00 56.87 ? 316 ILE A CB  1 
ATOM   80   C CG1 . ILE A 1 11  ? 8.487   11.178  6.382   1.00 63.88 ? 316 ILE A CG1 1 
ATOM   81   C CG2 . ILE A 1 11  ? 6.154   10.639  7.062   1.00 53.67 ? 316 ILE A CG2 1 
ATOM   82   C CD1 . ILE A 1 11  ? 9.586   12.170  6.697   1.00 62.31 ? 316 ILE A CD1 1 
ATOM   83   N N   . GLY A 1 12  ? 4.205   12.297  4.530   1.00 49.49 ? 317 GLY A N   1 
ATOM   84   C CA  . GLY A 1 12  ? 2.791   12.603  4.632   1.00 45.56 ? 317 GLY A CA  1 
ATOM   85   C C   . GLY A 1 12  ? 2.457   14.035  4.265   1.00 46.21 ? 317 GLY A C   1 
ATOM   86   O O   . GLY A 1 12  ? 1.401   14.553  4.641   1.00 42.93 ? 317 GLY A O   1 
ATOM   87   N N   . THR A 1 13  ? 3.356   14.678  3.528   1.00 44.10 ? 318 THR A N   1 
ATOM   88   C CA  . THR A 1 13  ? 3.144   16.061  3.119   1.00 45.88 ? 318 THR A CA  1 
ATOM   89   C C   . THR A 1 13  ? 2.012   16.165  2.092   1.00 44.27 ? 318 THR A C   1 
ATOM   90   O O   . THR A 1 13  ? 0.943   16.705  2.391   1.00 43.96 ? 318 THR A O   1 
ATOM   91   C CB  . THR A 1 13  ? 4.439   16.702  2.576   1.00 45.28 ? 318 THR A CB  1 
ATOM   92   O OG1 . THR A 1 13  ? 5.079   15.800  1.662   1.00 52.86 ? 318 THR A OG1 1 
ATOM   93   C CG2 . THR A 1 13  ? 5.398   17.000  3.727   1.00 44.70 ? 318 THR A CG2 1 
ATOM   94   N N   . ASN A 1 14  ? 2.234   15.635  0.892   1.00 43.47 ? 319 ASN A N   1 
ATOM   95   C CA  . ASN A 1 14  ? 1.200   15.641  -0.141  1.00 41.95 ? 319 ASN A CA  1 
ATOM   96   C C   . ASN A 1 14  ? 0.492   14.296  -0.286  1.00 41.00 ? 319 ASN A C   1 
ATOM   97   O O   . ASN A 1 14  ? -0.289  14.096  -1.219  1.00 39.23 ? 319 ASN A O   1 
ATOM   98   C CB  . ASN A 1 14  ? 1.777   16.097  -1.484  1.00 46.27 ? 319 ASN A CB  1 
ATOM   99   C CG  . ASN A 1 14  ? 1.713   17.610  -1.666  1.00 54.31 ? 319 ASN A CG  1 
ATOM   100  O OD1 . ASN A 1 14  ? 0.741   18.258  -1.266  1.00 50.99 ? 319 ASN A OD1 1 
ATOM   101  N ND2 . ASN A 1 14  ? 2.749   18.177  -2.279  1.00 60.83 ? 319 ASN A ND2 1 
ATOM   102  N N   . THR A 1 15  ? 0.766   13.379  0.638   1.00 35.70 ? 320 THR A N   1 
ATOM   103  C CA  . THR A 1 15  ? 0.098   12.086  0.653   1.00 36.23 ? 320 THR A CA  1 
ATOM   104  C C   . THR A 1 15  ? -0.616  11.836  1.976   1.00 32.93 ? 320 THR A C   1 
ATOM   105  O O   . THR A 1 15  ? -0.166  12.274  3.032   1.00 36.39 ? 320 THR A O   1 
ATOM   106  C CB  . THR A 1 15  ? 1.089   10.938  0.424   1.00 35.09 ? 320 THR A CB  1 
ATOM   107  O OG1 . THR A 1 15  ? 1.984   10.861  1.536   1.00 41.45 ? 320 THR A OG1 1 
ATOM   108  C CG2 . THR A 1 15  ? 1.886   11.164  -0.852  1.00 34.82 ? 320 THR A CG2 1 
ATOM   109  N N   . MET A 1 16  ? -1.740  11.134  1.907   1.00 29.99 ? 321 MET A N   1 
ATOM   110  C CA  . MET A 1 16  ? -2.467  10.729  3.100   1.00 28.40 ? 321 MET A CA  1 
ATOM   111  C C   . MET A 1 16  ? -2.832  9.273   2.946   1.00 28.00 ? 321 MET A C   1 
ATOM   112  O O   . MET A 1 16  ? -3.169  8.838   1.848   1.00 27.40 ? 321 MET A O   1 
ATOM   113  C CB  . MET A 1 16  ? -3.744  11.541  3.259   1.00 27.12 ? 321 MET A CB  1 
ATOM   114  C CG  . MET A 1 16  ? -3.507  13.025  3.348   1.00 34.69 ? 321 MET A CG  1 
ATOM   115  S SD  . MET A 1 16  ? -5.050  13.934  3.480   1.00 36.13 ? 321 MET A SD  1 
ATOM   116  C CE  . MET A 1 16  ? -4.399  15.605  3.531   1.00 34.29 ? 321 MET A CE  1 
ATOM   117  N N   . THR A 1 17  ? -2.763  8.524   4.044   1.00 27.80 ? 322 THR A N   1 
ATOM   118  C CA  . THR A 1 17  ? -3.135  7.113   4.038   1.00 23.99 ? 322 THR A CA  1 
ATOM   119  C C   . THR A 1 17  ? -4.353  6.907   4.922   1.00 24.34 ? 322 THR A C   1 
ATOM   120  O O   . THR A 1 17  ? -4.357  7.282   6.096   1.00 26.08 ? 322 THR A O   1 
ATOM   121  C CB  . THR A 1 17  ? -1.976  6.213   4.521   1.00 26.22 ? 322 THR A CB  1 
ATOM   122  O OG1 . THR A 1 17  ? -0.813  6.455   3.716   1.00 23.75 ? 322 THR A OG1 1 
ATOM   123  C CG2 . THR A 1 17  ? -2.356  4.726   4.428   1.00 23.27 ? 322 THR A CG2 1 
ATOM   124  N N   . ILE A 1 18  ? -5.393  6.322   4.343   1.00 19.81 ? 323 ILE A N   1 
ATOM   125  C CA  . ILE A 1 18  ? -6.620  6.039   5.065   1.00 18.57 ? 323 ILE A CA  1 
ATOM   126  C C   . ILE A 1 18  ? -6.635  4.582   5.541   1.00 22.33 ? 323 ILE A C   1 
ATOM   127  O O   . ILE A 1 18  ? -6.414  3.664   4.751   1.00 18.71 ? 323 ILE A O   1 
ATOM   128  C CB  . ILE A 1 18  ? -7.832  6.318   4.177   1.00 20.90 ? 323 ILE A CB  1 
ATOM   129  C CG1 . ILE A 1 18  ? -7.691  7.705   3.540   1.00 23.49 ? 323 ILE A CG1 1 
ATOM   130  C CG2 . ILE A 1 18  ? -9.118  6.219   4.981   1.00 21.79 ? 323 ILE A CG2 1 
ATOM   131  C CD1 . ILE A 1 18  ? -8.254  7.798   2.158   1.00 24.73 ? 323 ILE A CD1 1 
ATOM   132  N N   . PHE A 1 19  ? -6.889  4.387   6.834   1.00 19.45 ? 324 PHE A N   1 
ATOM   133  C CA  . PHE A 1 19  ? -6.863  3.071   7.468   1.00 21.60 ? 324 PHE A CA  1 
ATOM   134  C C   . PHE A 1 19  ? -8.216  2.720   8.080   1.00 23.05 ? 324 PHE A C   1 
ATOM   135  O O   . PHE A 1 19  ? -8.939  3.599   8.534   1.00 20.73 ? 324 PHE A O   1 
ATOM   136  C CB  . PHE A 1 19  ? -5.840  3.055   8.607   1.00 22.71 ? 324 PHE A CB  1 
ATOM   137  C CG  . PHE A 1 19  ? -4.415  3.111   8.153   1.00 27.87 ? 324 PHE A CG  1 
ATOM   138  C CD1 . PHE A 1 19  ? -3.746  1.959   7.784   1.00 26.70 ? 324 PHE A CD1 1 
ATOM   139  C CD2 . PHE A 1 19  ? -3.735  4.314   8.115   1.00 27.82 ? 324 PHE A CD2 1 
ATOM   140  C CE1 . PHE A 1 19  ? -2.434  2.006   7.371   1.00 27.12 ? 324 PHE A CE1 1 
ATOM   141  C CE2 . PHE A 1 19  ? -2.421  4.363   7.707   1.00 25.96 ? 324 PHE A CE2 1 
ATOM   142  C CZ  . PHE A 1 19  ? -1.770  3.209   7.337   1.00 25.95 ? 324 PHE A CZ  1 
ATOM   143  N N   . ASN A 1 20  ? -8.535  1.429   8.124   1.00 19.78 ? 325 ASN A N   1 
ATOM   144  C CA  . ASN A 1 20  ? -9.704  0.958   8.854   1.00 21.61 ? 325 ASN A CA  1 
ATOM   145  C C   . ASN A 1 20  ? -9.544  1.207   10.344  1.00 24.30 ? 325 ASN A C   1 
ATOM   146  O O   . ASN A 1 20  ? -8.435  1.136   10.870  1.00 23.71 ? 325 ASN A O   1 
ATOM   147  C CB  . ASN A 1 20  ? -9.906  -0.540  8.624   1.00 19.72 ? 325 ASN A CB  1 
ATOM   148  C CG  . ASN A 1 20  ? -10.136 -0.873  7.173   1.00 18.24 ? 325 ASN A CG  1 
ATOM   149  O OD1 . ASN A 1 20  ? -9.376  -1.618  6.568   1.00 17.16 ? 325 ASN A OD1 1 
ATOM   150  N ND2 . ASN A 1 20  ? -11.178 -0.302  6.602   1.00 17.98 ? 325 ASN A ND2 1 
ATOM   151  N N   . GLY A 1 21  ? -10.651 1.485   11.022  1.00 24.63 ? 326 GLY A N   1 
ATOM   152  C CA  . GLY A 1 21  ? -10.633 1.584   12.469  1.00 28.36 ? 326 GLY A CA  1 
ATOM   153  C C   . GLY A 1 21  ? -10.552 3.006   12.988  1.00 30.69 ? 326 GLY A C   1 
ATOM   154  O O   . GLY A 1 21  ? -10.850 3.957   12.266  1.00 25.36 ? 326 GLY A O   1 
ATOM   155  N N   . ASN A 1 22  ? -10.120 3.143   14.241  1.00 33.20 ? 327 ASN A N   1 
ATOM   156  C CA  . ASN A 1 22  ? -10.165 4.421   14.945  1.00 36.56 ? 327 ASN A CA  1 
ATOM   157  C C   . ASN A 1 22  ? -8.793  4.989   15.281  1.00 35.18 ? 327 ASN A C   1 
ATOM   158  O O   . ASN A 1 22  ? -8.674  6.145   15.684  1.00 39.94 ? 327 ASN A O   1 
ATOM   159  C CB  . ASN A 1 22  ? -11.000 4.280   16.215  1.00 39.62 ? 327 ASN A CB  1 
ATOM   160  C CG  . ASN A 1 22  ? -12.418 3.821   15.930  1.00 41.78 ? 327 ASN A CG  1 
ATOM   161  O OD1 . ASN A 1 22  ? -12.959 2.957   16.625  1.00 44.80 ? 327 ASN A OD1 1 
ATOM   162  N ND2 . ASN A 1 22  ? -13.027 4.396   14.901  1.00 41.69 ? 327 ASN A ND2 1 
ATOM   163  N N   . GLY A 1 23  ? -7.760  4.172   15.115  1.00 32.86 ? 328 GLY A N   1 
ATOM   164  C CA  . GLY A 1 23  ? -6.396  4.605   15.350  1.00 36.97 ? 328 GLY A CA  1 
ATOM   165  C C   . GLY A 1 23  ? -5.515  3.423   15.703  1.00 43.73 ? 328 GLY A C   1 
ATOM   166  O O   . GLY A 1 23  ? -6.011  2.315   15.909  1.00 43.14 ? 328 GLY A O   1 
ATOM   167  N N   . PHE A 1 24  ? -4.206  3.648   15.771  1.00 43.60 ? 329 PHE A N   1 
ATOM   168  C CA  . PHE A 1 24  ? -3.289  2.596   16.203  1.00 50.32 ? 329 PHE A CA  1 
ATOM   169  C C   . PHE A 1 24  ? -3.486  2.300   17.686  1.00 49.91 ? 329 PHE A C   1 
ATOM   170  O O   . PHE A 1 24  ? -3.030  1.274   18.190  1.00 55.12 ? 329 PHE A O   1 
ATOM   171  C CB  . PHE A 1 24  ? -1.837  2.982   15.928  1.00 48.59 ? 329 PHE A CB  1 
ATOM   172  C CG  . PHE A 1 24  ? -1.555  3.285   14.486  1.00 47.70 ? 329 PHE A CG  1 
ATOM   173  C CD1 . PHE A 1 24  ? -1.832  2.351   13.502  1.00 46.26 ? 329 PHE A CD1 1 
ATOM   174  C CD2 . PHE A 1 24  ? -1.002  4.497   14.117  1.00 45.23 ? 329 PHE A CD2 1 
ATOM   175  C CE1 . PHE A 1 24  ? -1.568  2.622   12.176  1.00 42.89 ? 329 PHE A CE1 1 
ATOM   176  C CE2 . PHE A 1 24  ? -0.734  4.775   12.791  1.00 47.17 ? 329 PHE A CE2 1 
ATOM   177  C CZ  . PHE A 1 24  ? -1.019  3.840   11.818  1.00 45.87 ? 329 PHE A CZ  1 
ATOM   178  N N   . GLY A 1 25  ? -4.168  3.207   18.380  1.00 47.00 ? 330 GLY A N   1 
ATOM   179  C CA  . GLY A 1 25  ? -4.543  2.993   19.766  1.00 50.46 ? 330 GLY A CA  1 
ATOM   180  C C   . GLY A 1 25  ? -5.845  2.218   19.851  1.00 53.46 ? 330 GLY A C   1 
ATOM   181  O O   . GLY A 1 25  ? -6.662  2.444   20.746  1.00 52.76 ? 330 GLY A O   1 
ATOM   182  N N   . ASP A 1 26  ? -6.034  1.300   18.907  1.00 51.46 ? 331 ASP A N   1 
ATOM   183  C CA  . ASP A 1 26  ? -7.264  0.529   18.806  1.00 48.45 ? 331 ASP A CA  1 
ATOM   184  C C   . ASP A 1 26  ? -7.090  -0.575  17.764  1.00 47.49 ? 331 ASP A C   1 
ATOM   185  O O   . ASP A 1 26  ? -7.696  -0.534  16.692  1.00 45.39 ? 331 ASP A O   1 
ATOM   186  C CB  . ASP A 1 26  ? -8.432  1.446   18.432  1.00 44.76 ? 331 ASP A CB  1 
ATOM   187  C CG  . ASP A 1 26  ? -9.788  0.819   18.716  1.00 45.56 ? 331 ASP A CG  1 
ATOM   188  O OD1 . ASP A 1 26  ? -9.863  -0.415  18.876  1.00 48.73 ? 331 ASP A OD1 1 
ATOM   189  O OD2 . ASP A 1 26  ? -10.786 1.565   18.774  1.00 48.93 ? 331 ASP A OD2 1 
ATOM   190  N N   . ARG A 1 27  ? -6.249  -1.556  18.089  1.00 48.79 ? 332 ARG A N   1 
ATOM   191  C CA  . ARG A 1 27  ? -5.953  -2.669  17.190  1.00 45.94 ? 332 ARG A CA  1 
ATOM   192  C C   . ARG A 1 27  ? -7.215  -3.404  16.770  1.00 44.62 ? 332 ARG A C   1 
ATOM   193  O O   . ARG A 1 27  ? -7.361  -3.794  15.609  1.00 45.23 ? 332 ARG A O   1 
ATOM   194  C CB  . ARG A 1 27  ? -4.993  -3.659  17.851  1.00 48.21 ? 332 ARG A CB  1 
ATOM   195  C CG  . ARG A 1 27  ? -3.572  -3.148  18.031  1.00 54.74 ? 332 ARG A CG  1 
ATOM   196  C CD  . ARG A 1 27  ? -3.516  -2.046  19.074  1.00 55.31 ? 332 ARG A CD  1 
ATOM   197  N NE  . ARG A 1 27  ? -2.144  -1.684  19.421  1.00 59.66 ? 332 ARG A NE  1 
ATOM   198  C CZ  . ARG A 1 27  ? -1.823  -0.785  20.346  1.00 60.10 ? 332 ARG A CZ  1 
ATOM   199  N NH1 . ARG A 1 27  ? -2.777  -0.154  21.018  1.00 60.90 ? 332 ARG A NH1 1 
ATOM   200  N NH2 . ARG A 1 27  ? -0.549  -0.518  20.600  1.00 58.06 ? 332 ARG A NH2 1 
ATOM   201  N N   . ARG A 1 28  ? -8.118  -3.593  17.726  1.00 41.39 ? 333 ARG A N   1 
ATOM   202  C CA  . ARG A 1 28  ? -9.384  -4.266  17.476  1.00 45.15 ? 333 ARG A CA  1 
ATOM   203  C C   . ARG A 1 28  ? -10.116 -3.708  16.255  1.00 47.19 ? 333 ARG A C   1 
ATOM   204  O O   . ARG A 1 28  ? -10.351 -4.429  15.280  1.00 44.47 ? 333 ARG A O   1 
ATOM   205  C CB  . ARG A 1 28  ? -10.283 -4.185  18.711  1.00 46.85 ? 333 ARG A CB  1 
ATOM   206  C CG  . ARG A 1 28  ? -10.063 -5.306  19.712  1.00 49.26 ? 333 ARG A CG  1 
ATOM   207  C CD  . ARG A 1 28  ? -10.669 -6.613  19.221  1.00 53.91 ? 333 ARG A CD  1 
ATOM   208  N NE  . ARG A 1 28  ? -9.862  -7.267  18.191  1.00 52.41 ? 333 ARG A NE  1 
ATOM   209  C CZ  . ARG A 1 28  ? -10.140 -7.250  16.890  1.00 51.51 ? 333 ARG A CZ  1 
ATOM   210  N NH1 . ARG A 1 28  ? -11.210 -6.606  16.438  1.00 49.56 ? 333 ARG A NH1 1 
ATOM   211  N NH2 . ARG A 1 28  ? -9.347  -7.882  16.038  1.00 45.23 ? 333 ARG A NH2 1 
ATOM   212  N N   . SER A 1 29  ? -10.477 -2.427  16.317  1.00 42.55 ? 334 SER A N   1 
ATOM   213  C CA  . SER A 1 29  ? -11.222 -1.797  15.234  1.00 42.41 ? 334 SER A CA  1 
ATOM   214  C C   . SER A 1 29  ? -10.471 -1.875  13.908  1.00 36.05 ? 334 SER A C   1 
ATOM   215  O O   . SER A 1 29  ? -11.078 -1.741  12.843  1.00 37.09 ? 334 SER A O   1 
ATOM   216  C CB  . SER A 1 29  ? -11.572 -0.341  15.574  1.00 40.02 ? 334 SER A CB  1 
ATOM   217  O OG  . SER A 1 29  ? -10.414 0.477   15.639  1.00 38.39 ? 334 SER A OG  1 
ATOM   218  N N   . ARG A 1 30  ? -9.157  -2.096  13.976  1.00 37.02 ? 335 ARG A N   1 
ATOM   219  C CA  . ARG A 1 30  ? -8.324  -2.125  12.771  1.00 37.01 ? 335 ARG A CA  1 
ATOM   220  C C   . ARG A 1 30  ? -8.494  -3.419  11.979  1.00 36.42 ? 335 ARG A C   1 
ATOM   221  O O   . ARG A 1 30  ? -8.160  -3.476  10.793  1.00 35.38 ? 335 ARG A O   1 
ATOM   222  C CB  . ARG A 1 30  ? -6.837  -1.889  13.101  1.00 38.84 ? 335 ARG A CB  1 
ATOM   223  C CG  . ARG A 1 30  ? -6.481  -0.433  13.447  1.00 36.82 ? 335 ARG A CG  1 
ATOM   224  C CD  . ARG A 1 30  ? -4.969  -0.193  13.516  1.00 36.64 ? 335 ARG A CD  1 
ATOM   225  N NE  . ARG A 1 30  ? -4.379  0.088   12.206  1.00 40.28 ? 335 ARG A NE  1 
ATOM   226  C CZ  . ARG A 1 30  ? -3.488  -0.685  11.584  1.00 44.42 ? 335 ARG A CZ  1 
ATOM   227  N NH1 . ARG A 1 30  ? -3.053  -1.812  12.145  1.00 45.02 ? 335 ARG A NH1 1 
ATOM   228  N NH2 . ARG A 1 30  ? -3.021  -0.329  10.394  1.00 35.48 ? 335 ARG A NH2 1 
ATOM   229  N N   . HIS A 1 31  ? -9.014  -4.452  12.636  1.00 37.50 ? 336 HIS A N   1 
ATOM   230  C CA  . HIS A 1 31  ? -9.239  -5.736  11.978  1.00 34.44 ? 336 HIS A CA  1 
ATOM   231  C C   . HIS A 1 31  ? -10.454 -5.711  11.047  1.00 31.91 ? 336 HIS A C   1 
ATOM   232  O O   . HIS A 1 31  ? -10.486 -6.425  10.049  1.00 30.50 ? 336 HIS A O   1 
ATOM   233  C CB  . HIS A 1 31  ? -9.403  -6.850  13.012  1.00 32.17 ? 336 HIS A CB  1 
ATOM   234  C CG  . HIS A 1 31  ? -8.117  -7.294  13.636  1.00 41.09 ? 336 HIS A CG  1 
ATOM   235  N ND1 . HIS A 1 31  ? -7.555  -6.657  14.726  1.00 45.53 ? 336 HIS A ND1 1 
ATOM   236  C CD2 . HIS A 1 31  ? -7.286  -8.321  13.337  1.00 38.39 ? 336 HIS A CD2 1 
ATOM   237  C CE1 . HIS A 1 31  ? -6.438  -7.272  15.067  1.00 40.46 ? 336 HIS A CE1 1 
ATOM   238  N NE2 . HIS A 1 31  ? -6.250  -8.284  14.238  1.00 41.71 ? 336 HIS A NE2 1 
ATOM   239  N N   . ILE A 1 32  ? -11.448 -4.892  11.373  1.00 27.96 ? 337 ILE A N   1 
ATOM   240  C CA  . ILE A 1 32  ? -12.662 -4.830  10.572  1.00 29.99 ? 337 ILE A CA  1 
ATOM   241  C C   . ILE A 1 32  ? -12.406 -4.091  9.268   1.00 25.88 ? 337 ILE A C   1 
ATOM   242  O O   . ILE A 1 32  ? -12.096 -2.902  9.277   1.00 25.34 ? 337 ILE A O   1 
ATOM   243  C CB  . ILE A 1 32  ? -13.787 -4.092  11.310  1.00 29.12 ? 337 ILE A CB  1 
ATOM   244  C CG1 . ILE A 1 32  ? -13.795 -4.464  12.793  1.00 34.88 ? 337 ILE A CG1 1 
ATOM   245  C CG2 . ILE A 1 32  ? -15.130 -4.369  10.636  1.00 28.68 ? 337 ILE A CG2 1 
ATOM   246  C CD1 . ILE A 1 32  ? -14.295 -5.854  13.056  1.00 37.26 ? 337 ILE A CD1 1 
ATOM   247  N N   . GLN A 1 33  ? -12.550 -4.784  8.144   1.00 19.83 ? 338 GLN A N   1 
ATOM   248  C CA  . GLN A 1 33  ? -12.283 -4.169  6.848   1.00 19.44 ? 338 GLN A CA  1 
ATOM   249  C C   . GLN A 1 33  ? -13.518 -3.510  6.241   1.00 23.95 ? 338 GLN A C   1 
ATOM   250  O O   . GLN A 1 33  ? -14.406 -4.201  5.753   1.00 25.31 ? 338 GLN A O   1 
ATOM   251  C CB  . GLN A 1 33  ? -11.784 -5.218  5.864   1.00 22.18 ? 338 GLN A CB  1 
ATOM   252  C CG  . GLN A 1 33  ? -10.326 -5.511  5.949   1.00 22.26 ? 338 GLN A CG  1 
ATOM   253  C CD  . GLN A 1 33  ? -9.841  -6.284  4.741   1.00 24.45 ? 338 GLN A CD  1 
ATOM   254  O OE1 . GLN A 1 33  ? -10.474 -7.259  4.305   1.00 21.51 ? 338 GLN A OE1 1 
ATOM   255  N NE2 . GLN A 1 33  ? -8.709  -5.858  4.195   1.00 24.12 ? 338 GLN A NE2 1 
ATOM   256  N N   . ASN A 1 34  ? -13.562 -2.180  6.242   1.00 21.25 ? 339 ASN A N   1 
ATOM   257  C CA  . ASN A 1 34  ? -14.674 -1.471  5.622   1.00 19.23 ? 339 ASN A CA  1 
ATOM   258  C C   . ASN A 1 34  ? -14.261 -0.663  4.406   1.00 21.29 ? 339 ASN A C   1 
ATOM   259  O O   . ASN A 1 34  ? -15.100 -0.289  3.582   1.00 23.28 ? 339 ASN A O   1 
ATOM   260  C CB  . ASN A 1 34  ? -15.410 -0.610  6.644   1.00 19.59 ? 339 ASN A CB  1 
ATOM   261  C CG  . ASN A 1 34  ? -16.387 -1.411  7.471   1.00 24.48 ? 339 ASN A CG  1 
ATOM   262  O OD1 . ASN A 1 34  ? -16.426 -1.301  8.696   1.00 28.42 ? 339 ASN A OD1 1 
ATOM   263  N ND2 . ASN A 1 34  ? -17.185 -2.232  6.802   1.00 26.36 ? 339 ASN A ND2 1 
ATOM   264  N N   . LEU A 1 35  ? -12.963 -0.407  4.275   1.00 19.53 ? 340 LEU A N   1 
ATOM   265  C CA  . LEU A 1 35  ? -12.461 0.228   3.059   1.00 20.78 ? 340 LEU A CA  1 
ATOM   266  C C   . LEU A 1 35  ? -12.643 -0.734  1.883   1.00 20.18 ? 340 LEU A C   1 
ATOM   267  O O   . LEU A 1 35  ? -12.341 -1.920  2.001   1.00 20.13 ? 340 LEU A O   1 
ATOM   268  C CB  . LEU A 1 35  ? -10.985 0.608   3.222   1.00 19.30 ? 340 LEU A CB  1 
ATOM   269  C CG  . LEU A 1 35  ? -10.726 1.743   4.223   1.00 19.25 ? 340 LEU A CG  1 
ATOM   270  C CD1 . LEU A 1 35  ? -9.239  1.933   4.487   1.00 19.77 ? 340 LEU A CD1 1 
ATOM   271  C CD2 . LEU A 1 35  ? -11.356 3.046   3.716   1.00 22.62 ? 340 LEU A CD2 1 
ATOM   272  N N   . LYS A 1 36  ? -13.137 -0.217  0.760   1.00 19.13 ? 341 LYS A N   1 
ATOM   273  C CA  . LYS A 1 36  ? -13.395 -1.024  -0.433  1.00 20.78 ? 341 LYS A CA  1 
ATOM   274  C C   . LYS A 1 36  ? -12.751 -0.414  -1.657  1.00 17.94 ? 341 LYS A C   1 
ATOM   275  O O   . LYS A 1 36  ? -12.500 0.788   -1.711  1.00 18.61 ? 341 LYS A O   1 
ATOM   276  C CB  . LYS A 1 36  ? -14.897 -1.126  -0.722  1.00 21.19 ? 341 LYS A CB  1 
ATOM   277  C CG  . LYS A 1 36  ? -15.788 -1.306  0.473   1.00 22.50 ? 341 LYS A CG  1 
ATOM   278  C CD  . LYS A 1 36  ? -17.227 -1.272  0.032   1.00 24.65 ? 341 LYS A CD  1 
ATOM   279  C CE  . LYS A 1 36  ? -18.190 -1.479  1.187   1.00 36.62 ? 341 LYS A CE  1 
ATOM   280  N NZ  . LYS A 1 36  ? -19.606 -1.720  0.697   1.00 42.18 ? 341 LYS A NZ  1 
ATOM   281  N N   . ILE A 1 37  ? -12.528 -1.246  -2.662  1.00 18.76 ? 342 ILE A N   1 
ATOM   282  C CA  . ILE A 1 37  ? -12.022 -0.781  -3.950  1.00 20.44 ? 342 ILE A CA  1 
ATOM   283  C C   . ILE A 1 37  ? -12.931 0.293   -4.556  1.00 20.32 ? 342 ILE A C   1 
ATOM   284  O O   . ILE A 1 37  ? -12.448 1.233   -5.189  1.00 21.77 ? 342 ILE A O   1 
ATOM   285  C CB  . ILE A 1 37  ? -11.843 -1.955  -4.935  1.00 19.79 ? 342 ILE A CB  1 
ATOM   286  C CG1 . ILE A 1 37  ? -10.694 -2.850  -4.467  1.00 15.64 ? 342 ILE A CG1 1 
ATOM   287  C CG2 . ILE A 1 37  ? -11.578 -1.445  -6.345  1.00 23.86 ? 342 ILE A CG2 1 
ATOM   288  C CD1 . ILE A 1 37  ? -9.373  -2.117  -4.314  1.00 13.60 ? 342 ILE A CD1 1 
ATOM   289  N N   . SER A 1 38  ? -14.239 0.174   -4.343  1.00 21.72 ? 343 SER A N   1 
ATOM   290  C CA  . SER A 1 38  ? -15.175 1.177   -4.861  1.00 24.61 ? 343 SER A CA  1 
ATOM   291  C C   . SER A 1 38  ? -14.994 2.534   -4.168  1.00 24.81 ? 343 SER A C   1 
ATOM   292  O O   . SER A 1 38  ? -15.163 3.580   -4.798  1.00 23.38 ? 343 SER A O   1 
ATOM   293  C CB  . SER A 1 38  ? -16.625 0.711   -4.732  1.00 24.83 ? 343 SER A CB  1 
ATOM   294  O OG  . SER A 1 38  ? -16.956 0.415   -3.389  1.00 22.96 ? 343 SER A OG  1 
ATOM   295  N N   . ASP A 1 39  ? -14.669 2.509   -2.875  1.00 19.75 ? 344 ASP A N   1 
ATOM   296  C CA  . ASP A 1 39  ? -14.241 3.707   -2.176  1.00 17.79 ? 344 ASP A CA  1 
ATOM   297  C C   . ASP A 1 39  ? -13.057 4.336   -2.924  1.00 23.38 ? 344 ASP A C   1 
ATOM   298  O O   . ASP A 1 39  ? -13.076 5.531   -3.230  1.00 20.54 ? 344 ASP A O   1 
ATOM   299  C CB  . ASP A 1 39  ? -13.816 3.388   -0.739  1.00 21.93 ? 344 ASP A CB  1 
ATOM   300  C CG  . ASP A 1 39  ? -14.968 2.913   0.135   1.00 24.19 ? 344 ASP A CG  1 
ATOM   301  O OD1 . ASP A 1 39  ? -16.149 3.116   -0.223  1.00 21.33 ? 344 ASP A OD1 1 
ATOM   302  O OD2 . ASP A 1 39  ? -14.676 2.332   1.204   1.00 23.95 ? 344 ASP A OD2 1 
ATOM   303  N N   . ALA A 1 40  ? -12.037 3.526   -3.223  1.00 18.28 ? 345 ALA A N   1 
ATOM   304  C CA  . ALA A 1 40  ? -10.856 4.004   -3.936  1.00 21.01 ? 345 ALA A CA  1 
ATOM   305  C C   . ALA A 1 40  ? -11.201 4.555   -5.321  1.00 23.91 ? 345 ALA A C   1 
ATOM   306  O O   . ALA A 1 40  ? -10.611 5.536   -5.770  1.00 23.82 ? 345 ALA A O   1 
ATOM   307  C CB  . ALA A 1 40  ? -9.804  2.896   -4.053  1.00 19.79 ? 345 ALA A CB  1 
ATOM   308  N N   . ASN A 1 41  ? -12.155 3.925   -5.992  1.00 25.36 ? 346 ASN A N   1 
ATOM   309  C CA  . ASN A 1 41  ? -12.578 4.396   -7.303  1.00 26.37 ? 346 ASN A CA  1 
ATOM   310  C C   . ASN A 1 41  ? -13.193 5.791   -7.208  1.00 27.77 ? 346 ASN A C   1 
ATOM   311  O O   . ASN A 1 41  ? -12.856 6.685   -7.978  1.00 30.88 ? 346 ASN A O   1 
ATOM   312  C CB  . ASN A 1 41  ? -13.570 3.412   -7.923  1.00 29.72 ? 346 ASN A CB  1 
ATOM   313  C CG  . ASN A 1 41  ? -13.910 3.754   -9.365  1.00 37.57 ? 346 ASN A CG  1 
ATOM   314  O OD1 . ASN A 1 41  ? -15.066 4.027   -9.692  1.00 40.88 ? 346 ASN A OD1 1 
ATOM   315  N ND2 . ASN A 1 41  ? -12.899 3.758   -10.229 1.00 32.45 ? 346 ASN A ND2 1 
ATOM   316  N N   . THR A 1 42  ? -14.092 5.983   -6.252  1.00 27.48 ? 347 THR A N   1 
ATOM   317  C CA  . THR A 1 42  ? -14.719 7.284   -6.061  1.00 24.00 ? 347 THR A CA  1 
ATOM   318  C C   . THR A 1 42  ? -13.705 8.367   -5.703  1.00 26.23 ? 347 THR A C   1 
ATOM   319  O O   . THR A 1 42  ? -13.784 9.500   -6.192  1.00 23.80 ? 347 THR A O   1 
ATOM   320  C CB  . THR A 1 42  ? -15.802 7.205   -5.000  1.00 27.35 ? 347 THR A CB  1 
ATOM   321  O OG1 . THR A 1 42  ? -16.792 6.268   -5.434  1.00 28.51 ? 347 THR A OG1 1 
ATOM   322  C CG2 . THR A 1 42  ? -16.454 8.573   -4.790  1.00 27.87 ? 347 THR A CG2 1 
ATOM   323  N N   . LEU A 1 43  ? -12.734 8.018   -4.867  1.00 22.15 ? 348 LEU A N   1 
ATOM   324  C CA  . LEU A 1 43  ? -11.678 8.958   -4.508  1.00 25.19 ? 348 LEU A CA  1 
ATOM   325  C C   . LEU A 1 43  ? -10.854 9.355   -5.730  1.00 25.11 ? 348 LEU A C   1 
ATOM   326  O O   . LEU A 1 43  ? -10.486 10.515  -5.891  1.00 26.63 ? 348 LEU A O   1 
ATOM   327  C CB  . LEU A 1 43  ? -10.775 8.373   -3.420  1.00 21.42 ? 348 LEU A CB  1 
ATOM   328  C CG  . LEU A 1 43  ? -11.412 8.206   -2.034  1.00 23.38 ? 348 LEU A CG  1 
ATOM   329  C CD1 . LEU A 1 43  ? -10.571 7.288   -1.141  1.00 24.75 ? 348 LEU A CD1 1 
ATOM   330  C CD2 . LEU A 1 43  ? -11.599 9.558   -1.370  1.00 24.20 ? 348 LEU A CD2 1 
ATOM   331  N N   . SER A 1 44  ? -10.574 8.392   -6.598  1.00 24.23 ? 349 SER A N   1 
ATOM   332  C CA  . SER A 1 44  ? -9.748  8.656   -7.776  1.00 26.83 ? 349 SER A CA  1 
ATOM   333  C C   . SER A 1 44  ? -10.383 9.704   -8.677  1.00 29.07 ? 349 SER A C   1 
ATOM   334  O O   . SER A 1 44  ? -9.713  10.282  -9.534  1.00 29.05 ? 349 SER A O   1 
ATOM   335  C CB  . SER A 1 44  ? -9.521  7.381   -8.582  1.00 26.27 ? 349 SER A CB  1 
ATOM   336  O OG  . SER A 1 44  ? -10.746 6.907   -9.112  1.00 25.41 ? 349 SER A OG  1 
ATOM   337  N N   . LYS A 1 45  ? -11.677 9.944   -8.476  1.00 27.81 ? 350 LYS A N   1 
ATOM   338  C CA  . LYS A 1 45  ? -12.419 10.865  -9.324  1.00 31.36 ? 350 LYS A CA  1 
ATOM   339  C C   . LYS A 1 45  ? -12.526 12.288  -8.778  1.00 32.97 ? 350 LYS A C   1 
ATOM   340  O O   . LYS A 1 45  ? -12.934 13.197  -9.498  1.00 40.66 ? 350 LYS A O   1 
ATOM   341  C CB  . LYS A 1 45  ? -13.802 10.296  -9.643  1.00 31.16 ? 350 LYS A CB  1 
ATOM   342  C CG  . LYS A 1 45  ? -13.737 9.144   -10.630 1.00 30.19 ? 350 LYS A CG  1 
ATOM   343  C CD  . LYS A 1 45  ? -15.037 8.385   -10.731 1.00 35.83 ? 350 LYS A CD  1 
ATOM   344  C CE  . LYS A 1 45  ? -14.925 7.310   -11.812 1.00 45.75 ? 350 LYS A CE  1 
ATOM   345  N NZ  . LYS A 1 45  ? -16.086 6.372   -11.830 1.00 50.65 ? 350 LYS A NZ  1 
ATOM   346  N N   . GLN A 1 46  ? -12.165 12.486  -7.513  1.00 29.51 ? 351 GLN A N   1 
ATOM   347  C CA  . GLN A 1 46  ? -12.187 13.825  -6.934  1.00 29.00 ? 351 GLN A CA  1 
ATOM   348  C C   . GLN A 1 46  ? -11.139 14.676  -7.630  1.00 30.94 ? 351 GLN A C   1 
ATOM   349  O O   . GLN A 1 46  ? -10.064 14.192  -7.981  1.00 26.76 ? 351 GLN A O   1 
ATOM   350  C CB  . GLN A 1 46  ? -11.932 13.788  -5.424  1.00 27.67 ? 351 GLN A CB  1 
ATOM   351  C CG  . GLN A 1 46  ? -12.913 12.920  -4.666  1.00 30.20 ? 351 GLN A CG  1 
ATOM   352  C CD  . GLN A 1 46  ? -14.322 13.022  -5.221  1.00 31.42 ? 351 GLN A CD  1 
ATOM   353  O OE1 . GLN A 1 46  ? -14.901 12.028  -5.665  1.00 31.59 ? 351 GLN A OE1 1 
ATOM   354  N NE2 . GLN A 1 46  ? -14.878 14.226  -5.205  1.00 31.98 ? 351 GLN A NE2 1 
ATOM   355  N N   . SER A 1 47  ? -11.451 15.951  -7.824  1.00 33.02 ? 352 SER A N   1 
ATOM   356  C CA  . SER A 1 47  ? -10.593 16.820  -8.619  1.00 32.24 ? 352 SER A CA  1 
ATOM   357  C C   . SER A 1 47  ? -9.315  17.151  -7.873  1.00 29.26 ? 352 SER A C   1 
ATOM   358  O O   . SER A 1 47  ? -8.292  17.454  -8.481  1.00 28.63 ? 352 SER A O   1 
ATOM   359  C CB  . SER A 1 47  ? -11.338 18.104  -8.996  1.00 37.84 ? 352 SER A CB  1 
ATOM   360  O OG  . SER A 1 47  ? -11.850 18.750  -7.839  1.00 36.99 ? 352 SER A OG  1 
ATOM   361  N N   . TYR A 1 48  ? -9.379  17.097  -6.548  1.00 29.80 ? 353 TYR A N   1 
ATOM   362  C CA  . TYR A 1 48  ? -8.220  17.426  -5.726  1.00 36.24 ? 353 TYR A CA  1 
ATOM   363  C C   . TYR A 1 48  ? -7.309  16.225  -5.479  1.00 31.07 ? 353 TYR A C   1 
ATOM   364  O O   . TYR A 1 48  ? -6.339  16.322  -4.733  1.00 32.00 ? 353 TYR A O   1 
ATOM   365  C CB  . TYR A 1 48  ? -8.666  18.024  -4.388  1.00 33.77 ? 353 TYR A CB  1 
ATOM   366  C CG  . TYR A 1 48  ? -9.657  17.168  -3.630  1.00 29.39 ? 353 TYR A CG  1 
ATOM   367  C CD1 . TYR A 1 48  ? -11.018 17.264  -3.879  1.00 30.79 ? 353 TYR A CD1 1 
ATOM   368  C CD2 . TYR A 1 48  ? -9.232  16.275  -2.662  1.00 26.49 ? 353 TYR A CD2 1 
ATOM   369  C CE1 . TYR A 1 48  ? -11.929 16.486  -3.187  1.00 32.99 ? 353 TYR A CE1 1 
ATOM   370  C CE2 . TYR A 1 48  ? -10.131 15.493  -1.966  1.00 27.40 ? 353 TYR A CE2 1 
ATOM   371  C CZ  . TYR A 1 48  ? -11.477 15.597  -2.233  1.00 31.49 ? 353 TYR A CZ  1 
ATOM   372  O OH  . TYR A 1 48  ? -12.374 14.819  -1.537  1.00 30.87 ? 353 TYR A OH  1 
ATOM   373  N N   . ILE A 1 49  ? -7.619  15.096  -6.108  1.00 30.81 ? 354 ILE A N   1 
ATOM   374  C CA  . ILE A 1 49  ? -6.853  13.872  -5.889  1.00 29.76 ? 354 ILE A CA  1 
ATOM   375  C C   . ILE A 1 49  ? -6.083  13.455  -7.145  1.00 30.23 ? 354 ILE A C   1 
ATOM   376  O O   . ILE A 1 49  ? -6.659  13.311  -8.220  1.00 32.62 ? 354 ILE A O   1 
ATOM   377  C CB  . ILE A 1 49  ? -7.761  12.724  -5.390  1.00 29.86 ? 354 ILE A CB  1 
ATOM   378  C CG1 . ILE A 1 49  ? -8.167  12.975  -3.938  1.00 29.35 ? 354 ILE A CG1 1 
ATOM   379  C CG2 . ILE A 1 49  ? -7.044  11.380  -5.500  1.00 26.87 ? 354 ILE A CG2 1 
ATOM   380  C CD1 . ILE A 1 49  ? -9.263  12.056  -3.430  1.00 27.88 ? 354 ILE A CD1 1 
ATOM   381  N N   . GLN A 1 50  ? -4.777  13.274  -6.997  1.00 27.69 ? 355 GLN A N   1 
ATOM   382  C CA  . GLN A 1 50  ? -3.893  12.991  -8.125  1.00 34.12 ? 355 GLN A CA  1 
ATOM   383  C C   . GLN A 1 50  ? -3.719  11.489  -8.390  1.00 31.39 ? 355 GLN A C   1 
ATOM   384  O O   . GLN A 1 50  ? -3.604  11.059  -9.537  1.00 24.28 ? 355 GLN A O   1 
ATOM   385  C CB  . GLN A 1 50  ? -2.530  13.651  -7.896  1.00 32.27 ? 355 GLN A CB  1 
ATOM   386  C CG  . GLN A 1 50  ? -1.511  13.355  -8.975  1.00 39.57 ? 355 GLN A CG  1 
ATOM   387  C CD  . GLN A 1 50  ? -0.220  14.141  -8.798  1.00 48.31 ? 355 GLN A CD  1 
ATOM   388  O OE1 . GLN A 1 50  ? 0.746   13.945  -9.538  1.00 51.55 ? 355 GLN A OE1 1 
ATOM   389  N NE2 . GLN A 1 50  ? -0.201  15.038  -7.816  1.00 50.70 ? 355 GLN A NE2 1 
ATOM   390  N N   . SER A 1 51  ? -3.689  10.693  -7.329  1.00 27.65 ? 356 SER A N   1 
ATOM   391  C CA  . SER A 1 51  ? -3.636  9.244   -7.481  1.00 28.64 ? 356 SER A CA  1 
ATOM   392  C C   . SER A 1 51  ? -4.137  8.537   -6.231  1.00 25.76 ? 356 SER A C   1 
ATOM   393  O O   . SER A 1 51  ? -4.096  9.083   -5.129  1.00 22.37 ? 356 SER A O   1 
ATOM   394  C CB  . SER A 1 51  ? -2.218  8.775   -7.809  1.00 26.96 ? 356 SER A CB  1 
ATOM   395  O OG  . SER A 1 51  ? -1.386  8.821   -6.663  1.00 28.46 ? 356 SER A OG  1 
ATOM   396  N N   . VAL A 1 52  ? -4.610  7.314   -6.425  1.00 28.65 ? 357 VAL A N   1 
ATOM   397  C CA  . VAL A 1 52  ? -5.158  6.502   -5.348  1.00 25.19 ? 357 VAL A CA  1 
ATOM   398  C C   . VAL A 1 52  ? -4.564  5.093   -5.404  1.00 23.55 ? 357 VAL A C   1 
ATOM   399  O O   . VAL A 1 52  ? -4.603  4.435   -6.448  1.00 23.58 ? 357 VAL A O   1 
ATOM   400  C CB  . VAL A 1 52  ? -6.682  6.419   -5.474  1.00 24.74 ? 357 VAL A CB  1 
ATOM   401  C CG1 . VAL A 1 52  ? -7.269  5.545   -4.375  1.00 21.72 ? 357 VAL A CG1 1 
ATOM   402  C CG2 . VAL A 1 52  ? -7.286  7.829   -5.446  1.00 23.17 ? 357 VAL A CG2 1 
ATOM   403  N N   . THR A 1 53  ? -4.024  4.634   -4.280  1.00 23.61 ? 358 THR A N   1 
ATOM   404  C CA  . THR A 1 53  ? -3.418  3.311   -4.202  1.00 20.37 ? 358 THR A CA  1 
ATOM   405  C C   . THR A 1 53  ? -4.059  2.452   -3.122  1.00 19.99 ? 358 THR A C   1 
ATOM   406  O O   . THR A 1 53  ? -3.866  2.702   -1.937  1.00 19.41 ? 358 THR A O   1 
ATOM   407  C CB  . THR A 1 53  ? -1.924  3.427   -3.901  1.00 23.81 ? 358 THR A CB  1 
ATOM   408  O OG1 . THR A 1 53  ? -1.308  4.222   -4.921  1.00 31.51 ? 358 THR A OG1 1 
ATOM   409  C CG2 . THR A 1 53  ? -1.283  2.056   -3.864  1.00 20.64 ? 358 THR A CG2 1 
ATOM   410  N N   . PRO A 1 54  ? -4.834  1.444   -3.528  1.00 17.19 ? 359 PRO A N   1 
ATOM   411  C CA  . PRO A 1 54  ? -5.423  0.487   -2.584  1.00 20.48 ? 359 PRO A CA  1 
ATOM   412  C C   . PRO A 1 54  ? -4.324  -0.397  -2.004  1.00 19.56 ? 359 PRO A C   1 
ATOM   413  O O   . PRO A 1 54  ? -3.311  -0.598  -2.663  1.00 22.22 ? 359 PRO A O   1 
ATOM   414  C CB  . PRO A 1 54  ? -6.362  -0.348  -3.464  1.00 20.34 ? 359 PRO A CB  1 
ATOM   415  C CG  . PRO A 1 54  ? -6.521  0.445   -4.744  1.00 21.18 ? 359 PRO A CG  1 
ATOM   416  C CD  . PRO A 1 54  ? -5.243  1.186   -4.919  1.00 19.56 ? 359 PRO A CD  1 
ATOM   417  N N   . ASN A 1 55  ? -4.504  -0.907  -0.793  1.00 18.84 ? 360 ASN A N   1 
ATOM   418  C CA  . ASN A 1 55  ? -3.486  -1.764  -0.179  1.00 19.65 ? 360 ASN A CA  1 
ATOM   419  C C   . ASN A 1 55  ? -4.114  -2.827  0.705   1.00 21.97 ? 360 ASN A C   1 
ATOM   420  O O   . ASN A 1 55  ? -4.762  -2.519  1.702   1.00 22.16 ? 360 ASN A O   1 
ATOM   421  C CB  . ASN A 1 55  ? -2.484  -0.925  0.636   1.00 18.25 ? 360 ASN A CB  1 
ATOM   422  C CG  . ASN A 1 55  ? -1.332  -1.757  1.215   1.00 29.66 ? 360 ASN A CG  1 
ATOM   423  O OD1 . ASN A 1 55  ? -1.522  -2.880  1.697   1.00 23.88 ? 360 ASN A OD1 1 
ATOM   424  N ND2 . ASN A 1 55  ? -0.129  -1.190  1.180   1.00 31.36 ? 360 ASN A ND2 1 
ATOM   425  N N   . THR A 1 56  ? -3.938  -4.083  0.317   1.00 20.71 ? 361 THR A N   1 
ATOM   426  C CA  . THR A 1 56  ? -4.266  -5.202  1.182   1.00 21.60 ? 361 THR A CA  1 
ATOM   427  C C   . THR A 1 56  ? -3.031  -6.090  1.228   1.00 19.43 ? 361 THR A C   1 
ATOM   428  O O   . THR A 1 56  ? -2.150  -5.970  0.386   1.00 17.95 ? 361 THR A O   1 
ATOM   429  C CB  . THR A 1 56  ? -5.442  -5.998  0.634   1.00 18.58 ? 361 THR A CB  1 
ATOM   430  O OG1 . THR A 1 56  ? -5.799  -7.024  1.566   1.00 22.81 ? 361 THR A OG1 1 
ATOM   431  C CG2 . THR A 1 56  ? -5.068  -6.630  -0.691  1.00 21.63 ? 361 THR A CG2 1 
ATOM   432  N N   . SER A 1 57  ? -2.939  -6.964  2.217   1.00 20.10 ? 362 SER A N   1 
ATOM   433  C CA  . SER A 1 57  ? -1.827  -7.901  2.240   1.00 20.55 ? 362 SER A CA  1 
ATOM   434  C C   . SER A 1 57  ? -2.165  -9.159  3.011   1.00 25.38 ? 362 SER A C   1 
ATOM   435  O O   . SER A 1 57  ? -3.204  -9.242  3.681   1.00 24.78 ? 362 SER A O   1 
ATOM   436  C CB  . SER A 1 57  ? -0.565  -7.267  2.828   1.00 25.59 ? 362 SER A CB  1 
ATOM   437  O OG  . SER A 1 57  ? -0.736  -6.949  4.195   1.00 30.25 ? 362 SER A OG  1 
ATOM   438  N N   . SER A 1 58  ? -1.258  -10.127 2.903   1.00 23.10 ? 363 SER A N   1 
ATOM   439  C CA  . SER A 1 58  ? -1.371  -11.421 3.550   1.00 21.28 ? 363 SER A CA  1 
ATOM   440  C C   . SER A 1 58  ? 0.047   -11.886 3.823   1.00 22.87 ? 363 SER A C   1 
ATOM   441  O O   . SER A 1 58  ? 0.973   -11.525 3.105   1.00 24.09 ? 363 SER A O   1 
ATOM   442  C CB  . SER A 1 58  ? -2.075  -12.411 2.623   1.00 19.82 ? 363 SER A CB  1 
ATOM   443  O OG  . SER A 1 58  ? -2.435  -13.606 3.304   1.00 28.45 ? 363 SER A OG  1 
ATOM   444  N N   . SER A 1 59  ? 0.218   -12.674 4.872   1.00 23.35 ? 364 SER A N   1 
ATOM   445  C CA  . SER A 1 59  ? 1.526   -13.185 5.254   1.00 21.10 ? 364 SER A CA  1 
ATOM   446  C C   . SER A 1 59  ? 1.450   -14.700 5.209   1.00 22.17 ? 364 SER A C   1 
ATOM   447  O O   . SER A 1 59  ? 0.596   -15.301 5.857   1.00 20.79 ? 364 SER A O   1 
ATOM   448  C CB  . SER A 1 59  ? 1.864   -12.711 6.661   1.00 20.57 ? 364 SER A CB  1 
ATOM   449  O OG  . SER A 1 59  ? 3.087   -13.252 7.101   1.00 33.20 ? 364 SER A OG  1 
ATOM   450  N N   . GLY A 1 60  ? 2.319   -15.324 4.426   1.00 19.19 ? 365 GLY A N   1 
ATOM   451  C CA  . GLY A 1 60  ? 2.192   -16.749 4.186   1.00 17.90 ? 365 GLY A CA  1 
ATOM   452  C C   . GLY A 1 60  ? 3.496   -17.422 3.810   1.00 19.37 ? 365 GLY A C   1 
ATOM   453  O O   . GLY A 1 60  ? 4.575   -16.903 4.094   1.00 20.21 ? 365 GLY A O   1 
ATOM   454  N N   . ILE A 1 61  ? 3.388   -18.582 3.166   1.00 16.24 ? 366 ILE A N   1 
ATOM   455  C CA  . ILE A 1 61  ? 4.551   -19.389 2.843   1.00 16.18 ? 366 ILE A CA  1 
ATOM   456  C C   . ILE A 1 61  ? 4.917   -19.226 1.385   1.00 18.77 ? 366 ILE A C   1 
ATOM   457  O O   . ILE A 1 61  ? 4.084   -19.426 0.499   1.00 20.11 ? 366 ILE A O   1 
ATOM   458  C CB  . ILE A 1 61  ? 4.318   -20.887 3.176   1.00 19.48 ? 366 ILE A CB  1 
ATOM   459  C CG1 . ILE A 1 61  ? 4.347   -21.105 4.687   1.00 20.23 ? 366 ILE A CG1 1 
ATOM   460  C CG2 . ILE A 1 61  ? 5.404   -21.750 2.566   1.00 19.57 ? 366 ILE A CG2 1 
ATOM   461  C CD1 . ILE A 1 61  ? 3.230   -20.444 5.427   1.00 26.79 ? 366 ILE A CD1 1 
ATOM   462  N N   . LEU A 1 62  ? 6.165   -18.842 1.144   1.00 21.02 ? 367 LEU A N   1 
ATOM   463  C CA  . LEU A 1 62  ? 6.658   -18.615 -0.208  1.00 19.77 ? 367 LEU A CA  1 
ATOM   464  C C   . LEU A 1 62  ? 7.632   -19.717 -0.583  1.00 21.45 ? 367 LEU A C   1 
ATOM   465  O O   . LEU A 1 62  ? 8.671   -19.879 0.065   1.00 20.61 ? 367 LEU A O   1 
ATOM   466  C CB  . LEU A 1 62  ? 7.380   -17.266 -0.275  1.00 15.33 ? 367 LEU A CB  1 
ATOM   467  C CG  . LEU A 1 62  ? 7.591   -16.585 -1.628  1.00 22.56 ? 367 LEU A CG  1 
ATOM   468  C CD1 . LEU A 1 62  ? 8.707   -15.567 -1.535  1.00 22.65 ? 367 LEU A CD1 1 
ATOM   469  C CD2 . LEU A 1 62  ? 7.919   -17.590 -2.688  1.00 28.99 ? 367 LEU A CD2 1 
ATOM   470  N N   . VAL A 1 63  ? 7.304   -20.471 -1.625  1.00 21.20 ? 368 VAL A N   1 
ATOM   471  C CA  . VAL A 1 63  ? 8.226   -21.468 -2.161  1.00 18.38 ? 368 VAL A CA  1 
ATOM   472  C C   . VAL A 1 63  ? 8.962   -20.900 -3.379  1.00 24.19 ? 368 VAL A C   1 
ATOM   473  O O   . VAL A 1 63  ? 8.351   -20.288 -4.273  1.00 18.31 ? 368 VAL A O   1 
ATOM   474  C CB  . VAL A 1 63  ? 7.500   -22.769 -2.562  1.00 22.45 ? 368 VAL A CB  1 
ATOM   475  C CG1 . VAL A 1 63  ? 8.431   -23.675 -3.372  1.00 20.90 ? 368 VAL A CG1 1 
ATOM   476  C CG2 . VAL A 1 63  ? 6.961   -23.486 -1.334  1.00 20.24 ? 368 VAL A CG2 1 
ATOM   477  N N   . VAL A 1 64  ? 10.280  -21.070 -3.395  1.00 18.46 ? 369 VAL A N   1 
ATOM   478  C CA  . VAL A 1 64  ? 11.084  -20.635 -4.528  1.00 16.82 ? 369 VAL A CA  1 
ATOM   479  C C   . VAL A 1 64  ? 12.059  -21.740 -4.866  1.00 21.42 ? 369 VAL A C   1 
ATOM   480  O O   . VAL A 1 64  ? 12.984  -22.018 -4.099  1.00 16.93 ? 369 VAL A O   1 
ATOM   481  C CB  . VAL A 1 64  ? 11.879  -19.378 -4.207  1.00 18.67 ? 369 VAL A CB  1 
ATOM   482  C CG1 . VAL A 1 64  ? 12.608  -18.877 -5.462  1.00 20.19 ? 369 VAL A CG1 1 
ATOM   483  C CG2 . VAL A 1 64  ? 10.957  -18.300 -3.623  1.00 22.63 ? 369 VAL A CG2 1 
ATOM   484  N N   . GLY A 1 65  ? 11.852  -22.374 -6.013  1.00 20.10 ? 370 GLY A N   1 
ATOM   485  C CA  . GLY A 1 65  ? 12.643  -23.535 -6.369  1.00 20.94 ? 370 GLY A CA  1 
ATOM   486  C C   . GLY A 1 65  ? 12.393  -24.608 -5.336  1.00 22.91 ? 370 GLY A C   1 
ATOM   487  O O   . GLY A 1 65  ? 11.267  -25.067 -5.169  1.00 23.12 ? 370 GLY A O   1 
ATOM   488  N N   . ASN A 1 66  ? 13.441  -24.996 -4.624  1.00 23.06 ? 371 ASN A N   1 
ATOM   489  C CA  . ASN A 1 66  ? 13.310  -25.997 -3.573  1.00 26.66 ? 371 ASN A CA  1 
ATOM   490  C C   . ASN A 1 66  ? 13.233  -25.401 -2.177  1.00 25.55 ? 371 ASN A C   1 
ATOM   491  O O   . ASN A 1 66  ? 13.109  -26.130 -1.200  1.00 29.05 ? 371 ASN A O   1 
ATOM   492  C CB  . ASN A 1 66  ? 14.467  -26.991 -3.646  1.00 27.16 ? 371 ASN A CB  1 
ATOM   493  C CG  . ASN A 1 66  ? 14.401  -27.861 -4.882  1.00 27.02 ? 371 ASN A CG  1 
ATOM   494  O OD1 . ASN A 1 66  ? 13.331  -28.340 -5.262  1.00 28.39 ? 371 ASN A OD1 1 
ATOM   495  N ND2 . ASN A 1 66  ? 15.545  -28.062 -5.526  1.00 27.53 ? 371 ASN A ND2 1 
ATOM   496  N N   . LYS A 1 67  ? 13.307  -24.078 -2.090  1.00 24.32 ? 372 LYS A N   1 
ATOM   497  C CA  . LYS A 1 67  ? 13.347  -23.384 -0.803  1.00 23.35 ? 372 LYS A CA  1 
ATOM   498  C C   . LYS A 1 67  ? 11.946  -22.969 -0.370  1.00 21.83 ? 372 LYS A C   1 
ATOM   499  O O   . LYS A 1 67  ? 11.097  -22.669 -1.204  1.00 22.92 ? 372 LYS A O   1 
ATOM   500  C CB  . LYS A 1 67  ? 14.256  -22.152 -0.887  1.00 18.59 ? 372 LYS A CB  1 
ATOM   501  C CG  . LYS A 1 67  ? 15.717  -22.441 -1.258  1.00 21.69 ? 372 LYS A CG  1 
ATOM   502  C CD  . LYS A 1 67  ? 16.405  -21.187 -1.814  1.00 35.66 ? 372 LYS A CD  1 
ATOM   503  C CE  . LYS A 1 67  ? 17.909  -21.391 -2.063  1.00 38.14 ? 372 LYS A CE  1 
ATOM   504  N NZ  . LYS A 1 67  ? 18.192  -22.431 -3.108  1.00 49.21 ? 372 LYS A NZ  1 
ATOM   505  N N   . SER A 1 68  ? 11.712  -22.955 0.938   1.00 20.77 ? 373 SER A N   1 
ATOM   506  C CA  . SER A 1 68  ? 10.427  -22.560 1.498   1.00 20.29 ? 373 SER A CA  1 
ATOM   507  C C   . SER A 1 68  ? 10.681  -21.539 2.591   1.00 22.53 ? 373 SER A C   1 
ATOM   508  O O   . SER A 1 68  ? 11.507  -21.773 3.478   1.00 21.60 ? 373 SER A O   1 
ATOM   509  C CB  . SER A 1 68  ? 9.693   -23.784 2.068   1.00 22.59 ? 373 SER A CB  1 
ATOM   510  O OG  . SER A 1 68  ? 8.534   -23.414 2.810   1.00 22.52 ? 373 SER A OG  1 
ATOM   511  N N   . PHE A 1 69  ? 9.977   -20.410 2.516   1.00 19.65 ? 374 PHE A N   1 
ATOM   512  C CA  . PHE A 1 69  ? 10.126  -19.304 3.453   1.00 22.87 ? 374 PHE A CA  1 
ATOM   513  C C   . PHE A 1 69  ? 8.802   -19.037 4.162   1.00 21.52 ? 374 PHE A C   1 
ATOM   514  O O   . PHE A 1 69  ? 7.751   -19.079 3.529   1.00 21.09 ? 374 PHE A O   1 
ATOM   515  C CB  . PHE A 1 69  ? 10.514  -18.021 2.699   1.00 22.15 ? 374 PHE A CB  1 
ATOM   516  C CG  . PHE A 1 69  ? 11.790  -18.125 1.914   1.00 24.09 ? 374 PHE A CG  1 
ATOM   517  C CD1 . PHE A 1 69  ? 12.992  -17.714 2.467   1.00 25.33 ? 374 PHE A CD1 1 
ATOM   518  C CD2 . PHE A 1 69  ? 11.788  -18.619 0.619   1.00 19.22 ? 374 PHE A CD2 1 
ATOM   519  C CE1 . PHE A 1 69  ? 14.170  -17.800 1.745   1.00 26.80 ? 374 PHE A CE1 1 
ATOM   520  C CE2 . PHE A 1 69  ? 12.961  -18.706 -0.107  1.00 22.63 ? 374 PHE A CE2 1 
ATOM   521  C CZ  . PHE A 1 69  ? 14.153  -18.297 0.457   1.00 23.56 ? 374 PHE A CZ  1 
ATOM   522  N N   . THR A 1 70  ? 8.848   -18.741 5.459   1.00 21.29 ? 375 THR A N   1 
ATOM   523  C CA  . THR A 1 70  ? 7.647   -18.292 6.167   1.00 24.77 ? 375 THR A CA  1 
ATOM   524  C C   . THR A 1 70  ? 7.590   -16.791 6.355   1.00 24.97 ? 375 THR A C   1 
ATOM   525  O O   . THR A 1 70  ? 8.590   -16.090 6.214   1.00 28.72 ? 375 THR A O   1 
ATOM   526  C CB  . THR A 1 70  ? 7.510   -18.883 7.572   1.00 25.26 ? 375 THR A CB  1 
ATOM   527  O OG1 . THR A 1 70  ? 8.797   -18.951 8.196   1.00 29.98 ? 375 THR A OG1 1 
ATOM   528  C CG2 . THR A 1 70  ? 6.905   -20.237 7.501   1.00 30.37 ? 375 THR A CG2 1 
ATOM   529  N N   . SER A 1 71  ? 6.401   -16.320 6.711   1.00 25.51 ? 376 SER A N   1 
ATOM   530  C CA  . SER A 1 71  ? 6.138   -14.900 6.900   1.00 30.19 ? 376 SER A CA  1 
ATOM   531  C C   . SER A 1 71  ? 6.699   -14.060 5.758   1.00 24.85 ? 376 SER A C   1 
ATOM   532  O O   . SER A 1 71  ? 7.422   -13.085 5.973   1.00 29.94 ? 376 SER A O   1 
ATOM   533  C CB  . SER A 1 71  ? 6.644   -14.416 8.261   1.00 33.91 ? 376 SER A CB  1 
ATOM   534  O OG  . SER A 1 71  ? 7.942   -14.911 8.534   1.00 42.39 ? 376 SER A OG  1 
ATOM   535  N N   . ALA A 1 72  ? 6.374   -14.468 4.538   1.00 22.95 ? 377 ALA A N   1 
ATOM   536  C CA  . ALA A 1 72  ? 6.540   -13.606 3.385   1.00 24.57 ? 377 ALA A CA  1 
ATOM   537  C C   . ALA A 1 72  ? 5.257   -12.799 3.287   1.00 24.03 ? 377 ALA A C   1 
ATOM   538  O O   . ALA A 1 72  ? 4.163   -13.363 3.338   1.00 21.86 ? 377 ALA A O   1 
ATOM   539  C CB  . ALA A 1 72  ? 6.740   -14.428 2.129   1.00 23.76 ? 377 ALA A CB  1 
ATOM   540  N N   . ASN A 1 73  ? 5.399   -11.484 3.162   1.00 24.07 ? 378 ASN A N   1 
ATOM   541  C CA  . ASN A 1 73  ? 4.269   -10.581 3.014   1.00 19.08 ? 378 ASN A CA  1 
ATOM   542  C C   . ASN A 1 73  ? 3.983   -10.256 1.567   1.00 20.04 ? 378 ASN A C   1 
ATOM   543  O O   . ASN A 1 73  ? 4.799   -9.621  0.894   1.00 23.08 ? 378 ASN A O   1 
ATOM   544  C CB  . ASN A 1 73  ? 4.540   -9.288  3.769   1.00 22.46 ? 378 ASN A CB  1 
ATOM   545  C CG  . ASN A 1 73  ? 4.779   -9.526  5.232   1.00 26.45 ? 378 ASN A CG  1 
ATOM   546  O OD1 . ASN A 1 73  ? 3.931   -10.092 5.919   1.00 29.11 ? 378 ASN A OD1 1 
ATOM   547  N ND2 . ASN A 1 73  ? 5.948   -9.118  5.720   1.00 27.35 ? 378 ASN A ND2 1 
ATOM   548  N N   . LEU A 1 74  ? 2.830   -10.700 1.087   1.00 14.52 ? 379 LEU A N   1 
ATOM   549  C CA  . LEU A 1 74  ? 2.358   -10.323 -0.237  1.00 18.61 ? 379 LEU A CA  1 
ATOM   550  C C   . LEU A 1 74  ? 1.415   -9.147  -0.102  1.00 19.60 ? 379 LEU A C   1 
ATOM   551  O O   . LEU A 1 74  ? 0.384   -9.242  0.562   1.00 20.27 ? 379 LEU A O   1 
ATOM   552  C CB  . LEU A 1 74  ? 1.632   -11.482 -0.917  1.00 20.94 ? 379 LEU A CB  1 
ATOM   553  C CG  . LEU A 1 74  ? 1.106   -11.249 -2.336  1.00 20.81 ? 379 LEU A CG  1 
ATOM   554  C CD1 . LEU A 1 74  ? 2.242   -10.965 -3.325  1.00 17.39 ? 379 LEU A CD1 1 
ATOM   555  C CD2 . LEU A 1 74  ? 0.304   -12.470 -2.781  1.00 19.68 ? 379 LEU A CD2 1 
ATOM   556  N N   . TYR A 1 75  ? 1.785   -8.036  -0.726  1.00 20.90 ? 380 TYR A N   1 
ATOM   557  C CA  . TYR A 1 75  ? 0.937   -6.859  -0.789  1.00 17.06 ? 380 TYR A CA  1 
ATOM   558  C C   . TYR A 1 75  ? 0.218   -6.829  -2.120  1.00 21.45 ? 380 TYR A C   1 
ATOM   559  O O   . TYR A 1 75  ? 0.820   -7.087  -3.167  1.00 22.40 ? 380 TYR A O   1 
ATOM   560  C CB  . TYR A 1 75  ? 1.776   -5.597  -0.644  1.00 16.37 ? 380 TYR A CB  1 
ATOM   561  C CG  . TYR A 1 75  ? 2.377   -5.426  0.720   1.00 23.21 ? 380 TYR A CG  1 
ATOM   562  C CD1 . TYR A 1 75  ? 1.652   -4.827  1.749   1.00 26.07 ? 380 TYR A CD1 1 
ATOM   563  C CD2 . TYR A 1 75  ? 3.666   -5.865  0.990   1.00 23.39 ? 380 TYR A CD2 1 
ATOM   564  C CE1 . TYR A 1 75  ? 2.198   -4.678  3.011   1.00 27.78 ? 380 TYR A CE1 1 
ATOM   565  C CE2 . TYR A 1 75  ? 4.221   -5.710  2.245   1.00 27.78 ? 380 TYR A CE2 1 
ATOM   566  C CZ  . TYR A 1 75  ? 3.481   -5.113  3.251   1.00 26.98 ? 380 TYR A CZ  1 
ATOM   567  O OH  . TYR A 1 75  ? 4.037   -4.959  4.500   1.00 36.68 ? 380 TYR A OH  1 
ATOM   568  N N   . GLY A 1 76  ? -1.078  -6.538  -2.070  1.00 20.27 ? 381 GLY A N   1 
ATOM   569  C CA  . GLY A 1 76  ? -1.860  -6.298  -3.264  1.00 16.60 ? 381 GLY A CA  1 
ATOM   570  C C   . GLY A 1 76  ? -2.068  -4.809  -3.302  1.00 18.53 ? 381 GLY A C   1 
ATOM   571  O O   . GLY A 1 76  ? -2.843  -4.277  -2.512  1.00 17.92 ? 381 GLY A O   1 
ATOM   572  N N   . ILE A 1 77  ? -1.358  -4.130  -4.194  1.00 17.37 ? 382 ILE A N   1 
ATOM   573  C CA  . ILE A 1 77  ? -1.354  -2.661  -4.199  1.00 18.92 ? 382 ILE A CA  1 
ATOM   574  C C   . ILE A 1 77  ? -1.626  -2.066  -5.582  1.00 21.49 ? 382 ILE A C   1 
ATOM   575  O O   . ILE A 1 77  ? -1.690  -2.791  -6.578  1.00 21.01 ? 382 ILE A O   1 
ATOM   576  C CB  . ILE A 1 77  ? -0.022  -2.085  -3.618  1.00 20.05 ? 382 ILE A CB  1 
ATOM   577  C CG1 . ILE A 1 77  ? 1.205   -2.835  -4.155  1.00 18.64 ? 382 ILE A CG1 1 
ATOM   578  C CG2 . ILE A 1 77  ? -0.021  -2.174  -2.105  1.00 20.90 ? 382 ILE A CG2 1 
ATOM   579  C CD1 . ILE A 1 77  ? 1.395   -2.778  -5.661  1.00 18.44 ? 382 ILE A CD1 1 
ATOM   580  N N   . GLY A 1 78  ? -1.803  -0.746  -5.635  1.00 20.73 ? 383 GLY A N   1 
ATOM   581  C CA  . GLY A 1 78  ? -2.041  -0.068  -6.897  1.00 21.77 ? 383 GLY A CA  1 
ATOM   582  C C   . GLY A 1 78  ? -0.782  0.263   -7.688  1.00 23.47 ? 383 GLY A C   1 
ATOM   583  O O   . GLY A 1 78  ? 0.323   0.291   -7.143  1.00 20.15 ? 383 GLY A O   1 
ATOM   584  N N   . GLU A 1 79  ? -0.963  0.539   -8.978  1.00 25.47 ? 384 GLU A N   1 
ATOM   585  C CA  . GLU A 1 79  ? 0.125   0.957   -9.871  1.00 23.09 ? 384 GLU A CA  1 
ATOM   586  C C   . GLU A 1 79  ? 1.025   2.069   -9.311  1.00 22.40 ? 384 GLU A C   1 
ATOM   587  O O   . GLU A 1 79  ? 2.238   2.019   -9.473  1.00 24.15 ? 384 GLU A O   1 
ATOM   588  C CB  . GLU A 1 79  ? -0.452  1.384   -11.223 1.00 25.21 ? 384 GLU A CB  1 
ATOM   589  C CG  . GLU A 1 79  ? 0.533   2.105   -12.125 1.00 33.29 ? 384 GLU A CG  1 
ATOM   590  C CD  . GLU A 1 79  ? -0.002  2.269   -13.533 1.00 37.76 ? 384 GLU A CD  1 
ATOM   591  O OE1 . GLU A 1 79  ? -1.239  2.396   -13.683 1.00 36.35 ? 384 GLU A OE1 1 
ATOM   592  O OE2 . GLU A 1 79  ? 0.811   2.259   -14.486 1.00 37.73 ? 384 GLU A OE2 1 
ATOM   593  N N   . GLN A 1 80  ? 0.432   3.060   -8.647  1.00 24.14 ? 385 GLN A N   1 
ATOM   594  C CA  . GLN A 1 80  ? 1.188   4.205   -8.123  1.00 23.65 ? 385 GLN A CA  1 
ATOM   595  C C   . GLN A 1 80  ? 1.879   3.935   -6.791  1.00 26.29 ? 385 GLN A C   1 
ATOM   596  O O   . GLN A 1 80  ? 2.506   4.833   -6.218  1.00 25.15 ? 385 GLN A O   1 
ATOM   597  C CB  . GLN A 1 80  ? 0.290   5.447   -7.979  1.00 26.95 ? 385 GLN A CB  1 
ATOM   598  C CG  . GLN A 1 80  ? -0.325  5.955   -9.281  1.00 25.34 ? 385 GLN A CG  1 
ATOM   599  C CD  . GLN A 1 80  ? 0.699   6.065   -10.402 1.00 33.00 ? 385 GLN A CD  1 
ATOM   600  O OE1 . GLN A 1 80  ? 1.780   6.625   -10.224 1.00 31.34 ? 385 GLN A OE1 1 
ATOM   601  N NE2 . GLN A 1 80  ? 0.359   5.517   -11.566 1.00 36.71 ? 385 GLN A NE2 1 
ATOM   602  N N   . TYR A 1 81  ? 1.771   2.708   -6.290  1.00 23.68 ? 386 TYR A N   1 
ATOM   603  C CA  . TYR A 1 81  ? 2.313   2.399   -4.971  1.00 25.58 ? 386 TYR A CA  1 
ATOM   604  C C   . TYR A 1 81  ? 3.802   2.726   -4.847  1.00 26.07 ? 386 TYR A C   1 
ATOM   605  O O   . TYR A 1 81  ? 4.230   3.339   -3.872  1.00 27.75 ? 386 TYR A O   1 
ATOM   606  C CB  . TYR A 1 81  ? 2.065   0.936   -4.587  1.00 25.13 ? 386 TYR A CB  1 
ATOM   607  C CG  . TYR A 1 81  ? 2.624   0.581   -3.226  1.00 24.31 ? 386 TYR A CG  1 
ATOM   608  C CD1 . TYR A 1 81  ? 3.896   0.061   -3.100  1.00 25.18 ? 386 TYR A CD1 1 
ATOM   609  C CD2 . TYR A 1 81  ? 1.881   0.788   -2.068  1.00 25.88 ? 386 TYR A CD2 1 
ATOM   610  C CE1 . TYR A 1 81  ? 4.421   -0.257  -1.859  1.00 29.40 ? 386 TYR A CE1 1 
ATOM   611  C CE2 . TYR A 1 81  ? 2.394   0.469   -0.823  1.00 29.94 ? 386 TYR A CE2 1 
ATOM   612  C CZ  . TYR A 1 81  ? 3.669   -0.052  -0.726  1.00 31.00 ? 386 TYR A CZ  1 
ATOM   613  O OH  . TYR A 1 81  ? 4.205   -0.372  0.503   1.00 33.65 ? 386 TYR A OH  1 
ATOM   614  N N   . PHE A 1 82  ? 4.593   2.318   -5.830  1.00 23.18 ? 387 PHE A N   1 
ATOM   615  C CA  . PHE A 1 82  ? 6.042   2.460   -5.722  1.00 29.69 ? 387 PHE A CA  1 
ATOM   616  C C   . PHE A 1 82  ? 6.480   3.918   -5.718  1.00 31.65 ? 387 PHE A C   1 
ATOM   617  O O   . PHE A 1 82  ? 7.382   4.303   -4.972  1.00 32.52 ? 387 PHE A O   1 
ATOM   618  C CB  . PHE A 1 82  ? 6.737   1.678   -6.834  1.00 30.03 ? 387 PHE A CB  1 
ATOM   619  C CG  . PHE A 1 82  ? 6.309   0.245   -6.904  1.00 24.59 ? 387 PHE A CG  1 
ATOM   620  C CD1 . PHE A 1 82  ? 6.813   -0.681  -6.010  1.00 26.59 ? 387 PHE A CD1 1 
ATOM   621  C CD2 . PHE A 1 82  ? 5.379   -0.166  -7.840  1.00 24.40 ? 387 PHE A CD2 1 
ATOM   622  C CE1 . PHE A 1 82  ? 6.417   -2.008  -6.066  1.00 26.28 ? 387 PHE A CE1 1 
ATOM   623  C CE2 . PHE A 1 82  ? 4.979   -1.486  -7.897  1.00 26.63 ? 387 PHE A CE2 1 
ATOM   624  C CZ  . PHE A 1 82  ? 5.498   -2.406  -7.003  1.00 20.54 ? 387 PHE A CZ  1 
ATOM   625  N N   . ASP A 1 83  ? 5.825   4.726   -6.541  1.00 27.96 ? 388 ASP A N   1 
ATOM   626  C CA  . ASP A 1 83  ? 6.129   6.145   -6.612  1.00 32.86 ? 388 ASP A CA  1 
ATOM   627  C C   . ASP A 1 83  ? 5.815   6.867   -5.299  1.00 30.83 ? 388 ASP A C   1 
ATOM   628  O O   . ASP A 1 83  ? 6.644   7.603   -4.769  1.00 34.01 ? 388 ASP A O   1 
ATOM   629  C CB  . ASP A 1 83  ? 5.362   6.794   -7.768  1.00 36.65 ? 388 ASP A CB  1 
ATOM   630  C CG  . ASP A 1 83  ? 5.636   8.290   -7.883  1.00 39.66 ? 388 ASP A CG  1 
ATOM   631  O OD1 . ASP A 1 83  ? 6.807   8.698   -7.694  1.00 39.42 ? 388 ASP A OD1 1 
ATOM   632  O OD2 . ASP A 1 83  ? 4.677   9.049   -8.158  1.00 37.94 ? 388 ASP A OD2 1 
ATOM   633  N N   . VAL A 1 84  ? 4.616   6.645   -4.776  1.00 32.52 ? 389 VAL A N   1 
ATOM   634  C CA  . VAL A 1 84  ? 4.163   7.358   -3.588  1.00 31.91 ? 389 VAL A CA  1 
ATOM   635  C C   . VAL A 1 84  ? 4.905   6.916   -2.329  1.00 32.49 ? 389 VAL A C   1 
ATOM   636  O O   . VAL A 1 84  ? 5.031   7.675   -1.370  1.00 34.59 ? 389 VAL A O   1 
ATOM   637  C CB  . VAL A 1 84  ? 2.644   7.194   -3.391  1.00 31.74 ? 389 VAL A CB  1 
ATOM   638  C CG1 . VAL A 1 84  ? 2.199   7.855   -2.101  1.00 38.72 ? 389 VAL A CG1 1 
ATOM   639  C CG2 . VAL A 1 84  ? 1.901   7.783   -4.577  1.00 32.31 ? 389 VAL A CG2 1 
ATOM   640  N N   . GLU A 1 85  ? 5.411   5.689   -2.336  1.00 32.11 ? 390 GLU A N   1 
ATOM   641  C CA  . GLU A 1 85  ? 6.138   5.184   -1.175  1.00 35.29 ? 390 GLU A CA  1 
ATOM   642  C C   . GLU A 1 85  ? 7.636   5.436   -1.301  1.00 34.12 ? 390 GLU A C   1 
ATOM   643  O O   . GLU A 1 85  ? 8.403   5.157   -0.378  1.00 36.70 ? 390 GLU A O   1 
ATOM   644  C CB  . GLU A 1 85  ? 5.866   3.692   -0.980  1.00 35.12 ? 390 GLU A CB  1 
ATOM   645  C CG  . GLU A 1 85  ? 4.443   3.380   -0.558  1.00 35.85 ? 390 GLU A CG  1 
ATOM   646  C CD  . GLU A 1 85  ? 4.201   3.670   0.907   1.00 39.32 ? 390 GLU A CD  1 
ATOM   647  O OE1 . GLU A 1 85  ? 3.022   3.798   1.290   1.00 46.20 ? 390 GLU A OE1 1 
ATOM   648  O OE2 . GLU A 1 85  ? 5.186   3.772   1.676   1.00 38.18 ? 390 GLU A OE2 1 
ATOM   649  N N   . GLY A 1 86  ? 8.046   5.951   -2.453  1.00 30.77 ? 391 GLY A N   1 
ATOM   650  C CA  . GLY A 1 86  ? 9.449   6.222   -2.716  1.00 32.50 ? 391 GLY A CA  1 
ATOM   651  C C   . GLY A 1 86  ? 10.326  4.991   -2.840  1.00 36.29 ? 391 GLY A C   1 
ATOM   652  O O   . GLY A 1 86  ? 11.461  4.979   -2.358  1.00 40.74 ? 391 GLY A O   1 
ATOM   653  N N   . LEU A 1 87  ? 9.809   3.947   -3.481  1.00 32.29 ? 392 LEU A N   1 
ATOM   654  C CA  . LEU A 1 87  ? 10.602  2.752   -3.724  1.00 30.52 ? 392 LEU A CA  1 
ATOM   655  C C   . LEU A 1 87  ? 11.155  2.859   -5.136  1.00 34.87 ? 392 LEU A C   1 
ATOM   656  O O   . LEU A 1 87  ? 10.387  2.957   -6.090  1.00 35.03 ? 392 LEU A O   1 
ATOM   657  C CB  . LEU A 1 87  ? 9.755   1.480   -3.573  1.00 33.72 ? 392 LEU A CB  1 
ATOM   658  C CG  . LEU A 1 87  ? 9.338   1.046   -2.163  1.00 33.02 ? 392 LEU A CG  1 
ATOM   659  C CD1 . LEU A 1 87  ? 8.634   2.174   -1.465  1.00 38.39 ? 392 LEU A CD1 1 
ATOM   660  C CD2 . LEU A 1 87  ? 8.439   -0.173  -2.192  1.00 31.61 ? 392 LEU A CD2 1 
ATOM   661  N N   . LYS A 1 88  ? 12.481  2.856   -5.261  1.00 34.36 ? 393 LYS A N   1 
ATOM   662  C CA  . LYS A 1 88  ? 13.139  3.041   -6.553  1.00 37.75 ? 393 LYS A CA  1 
ATOM   663  C C   . LYS A 1 88  ? 13.242  1.730   -7.331  1.00 32.43 ? 393 LYS A C   1 
ATOM   664  O O   . LYS A 1 88  ? 13.720  0.734   -6.800  1.00 32.57 ? 393 LYS A O   1 
ATOM   665  C CB  . LYS A 1 88  ? 14.549  3.612   -6.356  1.00 39.39 ? 393 LYS A CB  1 
ATOM   666  C CG  . LYS A 1 88  ? 14.613  4.907   -5.543  1.00 48.77 ? 393 LYS A CG  1 
ATOM   667  C CD  . LYS A 1 88  ? 16.030  5.498   -5.513  1.00 53.45 ? 393 LYS A CD  1 
ATOM   668  C CE  . LYS A 1 88  ? 16.786  5.186   -4.214  1.00 53.39 ? 393 LYS A CE  1 
ATOM   669  N NZ  . LYS A 1 88  ? 17.136  3.741   -4.056  1.00 52.11 ? 393 LYS A NZ  1 
ATOM   670  N N   . LEU A 1 89  ? 12.811  1.730   -8.589  1.00 32.51 ? 394 LEU A N   1 
ATOM   671  C CA  . LEU A 1 89  ? 13.033  0.566   -9.443  1.00 33.16 ? 394 LEU A CA  1 
ATOM   672  C C   . LEU A 1 89  ? 14.536  0.331   -9.576  1.00 34.23 ? 394 LEU A C   1 
ATOM   673  O O   . LEU A 1 89  ? 15.279  1.241   -9.937  1.00 35.10 ? 394 LEU A O   1 
ATOM   674  C CB  . LEU A 1 89  ? 12.397  0.759   -10.823 1.00 26.80 ? 394 LEU A CB  1 
ATOM   675  C CG  . LEU A 1 89  ? 12.597  -0.367  -11.854 1.00 29.61 ? 394 LEU A CG  1 
ATOM   676  C CD1 . LEU A 1 89  ? 12.012  -1.685  -11.371 1.00 28.07 ? 394 LEU A CD1 1 
ATOM   677  C CD2 . LEU A 1 89  ? 11.987  0.006   -13.195 1.00 30.86 ? 394 LEU A CD2 1 
ATOM   678  N N   . LYS A 1 90  ? 14.978  -0.883  -9.271  1.00 29.64 ? 395 LYS A N   1 
ATOM   679  C CA  . LYS A 1 90  ? 16.391  -1.232  -9.336  1.00 28.43 ? 395 LYS A CA  1 
ATOM   680  C C   . LYS A 1 90  ? 16.675  -2.173  -10.494 1.00 34.96 ? 395 LYS A C   1 
ATOM   681  O O   . LYS A 1 90  ? 17.810  -2.255  -10.961 1.00 37.89 ? 395 LYS A O   1 
ATOM   682  C CB  . LYS A 1 90  ? 16.850  -1.893  -8.033  1.00 32.10 ? 395 LYS A CB  1 
ATOM   683  C CG  . LYS A 1 90  ? 16.866  -0.961  -6.831  1.00 37.78 ? 395 LYS A CG  1 
ATOM   684  C CD  . LYS A 1 90  ? 17.717  0.275   -7.112  1.00 41.20 ? 395 LYS A CD  1 
ATOM   685  C CE  . LYS A 1 90  ? 17.550  1.332   -6.033  1.00 44.98 ? 395 LYS A CE  1 
ATOM   686  N NZ  . LYS A 1 90  ? 18.221  2.616   -6.402  1.00 49.92 ? 395 LYS A NZ  1 
ATOM   687  N N   . GLN A 1 91  ? 15.650  -2.884  -10.957 1.00 28.48 ? 396 GLN A N   1 
ATOM   688  C CA  . GLN A 1 91  ? 15.844  -3.906  -11.979 1.00 30.71 ? 396 GLN A CA  1 
ATOM   689  C C   . GLN A 1 91  ? 14.512  -4.417  -12.548 1.00 30.35 ? 396 GLN A C   1 
ATOM   690  O O   . GLN A 1 91  ? 13.511  -4.492  -11.837 1.00 26.24 ? 396 GLN A O   1 
ATOM   691  C CB  . GLN A 1 91  ? 16.656  -5.066  -11.393 1.00 32.37 ? 396 GLN A CB  1 
ATOM   692  C CG  . GLN A 1 91  ? 16.916  -6.184  -12.365 1.00 35.75 ? 396 GLN A CG  1 
ATOM   693  C CD  . GLN A 1 91  ? 17.576  -7.380  -11.716 1.00 40.37 ? 396 GLN A CD  1 
ATOM   694  O OE1 . GLN A 1 91  ? 17.825  -7.394  -10.506 1.00 40.21 ? 396 GLN A OE1 1 
ATOM   695  N NE2 . GLN A 1 91  ? 17.863  -8.398  -12.518 1.00 42.62 ? 396 GLN A NE2 1 
ATOM   696  N N   . GLY A 1 92  ? 14.501  -4.763  -13.831 1.00 28.57 ? 397 GLY A N   1 
ATOM   697  C CA  . GLY A 1 92  ? 13.285  -5.222  -14.484 1.00 28.50 ? 397 GLY A CA  1 
ATOM   698  C C   . GLY A 1 92  ? 12.281  -4.105  -14.693 1.00 29.96 ? 397 GLY A C   1 
ATOM   699  O O   . GLY A 1 92  ? 12.628  -3.041  -15.208 1.00 33.53 ? 397 GLY A O   1 
ATOM   700  N N   . ARG A 1 93  ? 11.032  -4.340  -14.304 1.00 26.20 ? 398 ARG A N   1 
ATOM   701  C CA  . ARG A 1 93  ? 9.979   -3.345  -14.476 1.00 26.27 ? 398 ARG A CA  1 
ATOM   702  C C   . ARG A 1 93  ? 9.012   -3.326  -13.285 1.00 30.49 ? 398 ARG A C   1 
ATOM   703  O O   . ARG A 1 93  ? 9.003   -4.247  -12.464 1.00 27.43 ? 398 ARG A O   1 
ATOM   704  C CB  . ARG A 1 93  ? 9.197   -3.612  -15.761 1.00 26.68 ? 398 ARG A CB  1 
ATOM   705  C CG  . ARG A 1 93  ? 8.215   -4.780  -15.656 1.00 27.83 ? 398 ARG A CG  1 
ATOM   706  C CD  . ARG A 1 93  ? 7.433   -4.976  -16.943 1.00 26.06 ? 398 ARG A CD  1 
ATOM   707  N NE  . ARG A 1 93  ? 6.504   -6.108  -16.893 1.00 26.04 ? 398 ARG A NE  1 
ATOM   708  C CZ  . ARG A 1 93  ? 5.274   -6.055  -16.386 1.00 26.32 ? 398 ARG A CZ  1 
ATOM   709  N NH1 . ARG A 1 93  ? 4.818   -4.925  -15.861 1.00 24.70 ? 398 ARG A NH1 1 
ATOM   710  N NH2 . ARG A 1 93  ? 4.497   -7.135  -16.398 1.00 25.44 ? 398 ARG A NH2 1 
ATOM   711  N N   . LEU A 1 94  ? 8.206   -2.270  -13.204 1.00 26.91 ? 399 LEU A N   1 
ATOM   712  C CA  . LEU A 1 94  ? 7.164   -2.145  -12.189 1.00 27.16 ? 399 LEU A CA  1 
ATOM   713  C C   . LEU A 1 94  ? 5.818   -2.584  -12.760 1.00 26.36 ? 399 LEU A C   1 
ATOM   714  O O   . LEU A 1 94  ? 5.708   -2.874  -13.957 1.00 28.79 ? 399 LEU A O   1 
ATOM   715  C CB  . LEU A 1 94  ? 7.053   -0.696  -11.703 1.00 26.53 ? 399 LEU A CB  1 
ATOM   716  C CG  . LEU A 1 94  ? 8.289   -0.045  -11.081 1.00 28.96 ? 399 LEU A CG  1 
ATOM   717  C CD1 . LEU A 1 94  ? 7.948   1.356   -10.596 1.00 27.42 ? 399 LEU A CD1 1 
ATOM   718  C CD2 . LEU A 1 94  ? 8.831   -0.890  -9.939  1.00 25.27 ? 399 LEU A CD2 1 
ATOM   719  N N   . LEU A 1 95  ? 4.796   -2.628  -11.907 1.00 23.68 ? 400 LEU A N   1 
ATOM   720  C CA  . LEU A 1 95  ? 3.450   -2.963  -12.361 1.00 24.10 ? 400 LEU A CA  1 
ATOM   721  C C   . LEU A 1 95  ? 2.955   -1.897  -13.317 1.00 27.22 ? 400 LEU A C   1 
ATOM   722  O O   . LEU A 1 95  ? 3.328   -0.724  -13.198 1.00 25.35 ? 400 LEU A O   1 
ATOM   723  C CB  . LEU A 1 95  ? 2.460   -3.059  -11.197 1.00 25.48 ? 400 LEU A CB  1 
ATOM   724  C CG  . LEU A 1 95  ? 2.520   -4.198  -10.176 1.00 27.22 ? 400 LEU A CG  1 
ATOM   725  C CD1 . LEU A 1 95  ? 2.578   -5.557  -10.858 1.00 21.93 ? 400 LEU A CD1 1 
ATOM   726  C CD2 . LEU A 1 95  ? 3.698   -4.017  -9.278  1.00 30.90 ? 400 LEU A CD2 1 
ATOM   727  N N   . THR A 1 96  ? 2.098   -2.319  -14.244 1.00 23.48 ? 401 THR A N   1 
ATOM   728  C CA  . THR A 1 96  ? 1.447   -1.425  -15.189 1.00 28.17 ? 401 THR A CA  1 
ATOM   729  C C   . THR A 1 96  ? -0.065  -1.483  -15.001 1.00 30.38 ? 401 THR A C   1 
ATOM   730  O O   . THR A 1 96  ? -0.587  -2.335  -14.274 1.00 25.07 ? 401 THR A O   1 
ATOM   731  C CB  . THR A 1 96  ? 1.745   -1.835  -16.643 1.00 23.72 ? 401 THR A CB  1 
ATOM   732  O OG1 . THR A 1 96  ? 1.317   -3.184  -16.854 1.00 26.96 ? 401 THR A OG1 1 
ATOM   733  C CG2 . THR A 1 96  ? 3.228   -1.727  -16.944 1.00 26.97 ? 401 THR A CG2 1 
ATOM   734  N N   . GLU A 1 97  ? -0.771  -0.578  -15.671 1.00 30.08 ? 402 GLU A N   1 
ATOM   735  C CA  . GLU A 1 97  ? -2.227  -0.575  -15.637 1.00 29.07 ? 402 GLU A CA  1 
ATOM   736  C C   . GLU A 1 97  ? -2.757  -1.887  -16.192 1.00 27.62 ? 402 GLU A C   1 
ATOM   737  O O   . GLU A 1 97  ? -3.805  -2.381  -15.764 1.00 24.60 ? 402 GLU A O   1 
ATOM   738  C CB  . GLU A 1 97  ? -2.773  0.609   -16.438 1.00 32.20 ? 402 GLU A CB  1 
ATOM   739  C CG  . GLU A 1 97  ? -4.278  0.607   -16.620 1.00 34.87 ? 402 GLU A CG  1 
ATOM   740  C CD  . GLU A 1 97  ? -4.748  1.736   -17.529 1.00 45.54 ? 402 GLU A CD  1 
ATOM   741  O OE1 . GLU A 1 97  ? -4.305  2.884   -17.323 1.00 49.03 ? 402 GLU A OE1 1 
ATOM   742  O OE2 . GLU A 1 97  ? -5.557  1.476   -18.445 1.00 46.03 ? 402 GLU A OE2 1 
ATOM   743  N N   . ASP A 1 98  ? -2.018  -2.465  -17.136 1.00 24.23 ? 403 ASP A N   1 
ATOM   744  C CA  . ASP A 1 98  ? -2.430  -3.726  -17.735 1.00 29.60 ? 403 ASP A CA  1 
ATOM   745  C C   . ASP A 1 98  ? -2.341  -4.886  -16.739 1.00 26.07 ? 403 ASP A C   1 
ATOM   746  O O   . ASP A 1 98  ? -3.166  -5.794  -16.760 1.00 24.50 ? 403 ASP A O   1 
ATOM   747  C CB  . ASP A 1 98  ? -1.595  -4.029  -18.978 1.00 31.14 ? 403 ASP A CB  1 
ATOM   748  C CG  . ASP A 1 98  ? -1.869  -5.407  -19.535 1.00 36.00 ? 403 ASP A CG  1 
ATOM   749  O OD1 . ASP A 1 98  ? -1.079  -6.338  -19.247 1.00 39.99 ? 403 ASP A OD1 1 
ATOM   750  O OD2 . ASP A 1 98  ? -2.885  -5.567  -20.249 1.00 40.44 ? 403 ASP A OD2 1 
ATOM   751  N N   . ASP A 1 99  ? -1.325  -4.866  -15.885 1.00 26.02 ? 404 ASP A N   1 
ATOM   752  C CA  . ASP A 1 99  ? -1.198  -5.895  -14.847 1.00 22.48 ? 404 ASP A CA  1 
ATOM   753  C C   . ASP A 1 99  ? -2.412  -5.819  -13.929 1.00 21.31 ? 404 ASP A C   1 
ATOM   754  O O   . ASP A 1 99  ? -3.045  -6.826  -13.619 1.00 21.50 ? 404 ASP A O   1 
ATOM   755  C CB  . ASP A 1 99  ? 0.076   -5.698  -14.034 1.00 19.41 ? 404 ASP A CB  1 
ATOM   756  C CG  . ASP A 1 99  ? 1.335   -5.965  -14.831 1.00 20.71 ? 404 ASP A CG  1 
ATOM   757  O OD1 . ASP A 1 99  ? 1.399   -6.983  -15.554 1.00 22.86 ? 404 ASP A OD1 1 
ATOM   758  O OD2 . ASP A 1 99  ? 2.285   -5.168  -14.711 1.00 23.73 ? 404 ASP A OD2 1 
ATOM   759  N N   . VAL A 1 100 ? -2.743  -4.606  -13.513 1.00 23.70 ? 405 VAL A N   1 
ATOM   760  C CA  . VAL A 1 100 ? -3.900  -4.383  -12.654 1.00 21.29 ? 405 VAL A CA  1 
ATOM   761  C C   . VAL A 1 100 ? -5.199  -4.811  -13.332 1.00 25.28 ? 405 VAL A C   1 
ATOM   762  O O   . VAL A 1 100 ? -5.975  -5.576  -12.760 1.00 23.69 ? 405 VAL A O   1 
ATOM   763  C CB  . VAL A 1 100 ? -3.986  -2.916  -12.243 1.00 22.48 ? 405 VAL A CB  1 
ATOM   764  C CG1 . VAL A 1 100 ? -5.313  -2.630  -11.546 1.00 22.42 ? 405 VAL A CG1 1 
ATOM   765  C CG2 . VAL A 1 100 ? -2.787  -2.544  -11.364 1.00 20.70 ? 405 VAL A CG2 1 
ATOM   766  N N   . ASP A 1 101 ? -5.430  -4.319  -14.550 1.00 24.89 ? 406 ASP A N   1 
ATOM   767  C CA  . ASP A 1 101 ? -6.645  -4.628  -15.303 1.00 22.96 ? 406 ASP A CA  1 
ATOM   768  C C   . ASP A 1 101 ? -6.843  -6.126  -15.569 1.00 27.53 ? 406 ASP A C   1 
ATOM   769  O O   . ASP A 1 101 ? -7.970  -6.623  -15.545 1.00 25.87 ? 406 ASP A O   1 
ATOM   770  C CB  . ASP A 1 101 ? -6.647  -3.877  -16.638 1.00 28.14 ? 406 ASP A CB  1 
ATOM   771  C CG  . ASP A 1 101 ? -7.081  -2.425  -16.499 1.00 36.75 ? 406 ASP A CG  1 
ATOM   772  O OD1 . ASP A 1 101 ? -7.978  -2.139  -15.680 1.00 37.30 ? 406 ASP A OD1 1 
ATOM   773  O OD2 . ASP A 1 101 ? -6.525  -1.568  -17.216 1.00 38.19 ? 406 ASP A OD2 1 
ATOM   774  N N   . GLN A 1 102 ? -5.752  -6.835  -15.837 1.00 21.34 ? 407 GLN A N   1 
ATOM   775  C CA  . GLN A 1 102 ? -5.829  -8.253  -16.179 1.00 24.29 ? 407 GLN A CA  1 
ATOM   776  C C   . GLN A 1 102 ? -5.547  -9.154  -14.969 1.00 25.72 ? 407 GLN A C   1 
ATOM   777  O O   . GLN A 1 102 ? -5.495  -10.372 -15.094 1.00 23.58 ? 407 GLN A O   1 
ATOM   778  C CB  . GLN A 1 102 ? -4.855  -8.583  -17.316 1.00 26.14 ? 407 GLN A CB  1 
ATOM   779  C CG  . GLN A 1 102 ? -5.085  -7.770  -18.583 1.00 28.86 ? 407 GLN A CG  1 
ATOM   780  C CD  . GLN A 1 102 ? -6.477  -7.976  -19.154 1.00 34.91 ? 407 GLN A CD  1 
ATOM   781  O OE1 . GLN A 1 102 ? -6.835  -9.082  -19.559 1.00 45.39 ? 407 GLN A OE1 1 
ATOM   782  N NE2 . GLN A 1 102 ? -7.271  -6.911  -19.187 1.00 40.64 ? 407 GLN A NE2 1 
ATOM   783  N N   . SER A 1 103 ? -5.372  -8.553  -13.797 1.00 22.93 ? 408 SER A N   1 
ATOM   784  C CA  . SER A 1 103 ? -5.100  -9.332  -12.594 1.00 23.66 ? 408 SER A CA  1 
ATOM   785  C C   . SER A 1 103 ? -3.980  -10.341 -12.853 1.00 21.32 ? 408 SER A C   1 
ATOM   786  O O   . SER A 1 103 ? -4.138  -11.530 -12.599 1.00 22.41 ? 408 SER A O   1 
ATOM   787  C CB  . SER A 1 103 ? -6.366  -10.065 -12.136 1.00 23.47 ? 408 SER A CB  1 
ATOM   788  O OG  . SER A 1 103 ? -7.371  -9.140  -11.740 1.00 27.66 ? 408 SER A OG  1 
ATOM   789  N N   . ASN A 1 104 ? -2.856  -9.857  -13.368 1.00 18.09 ? 409 ASN A N   1 
ATOM   790  C CA  . ASN A 1 104 ? -1.729  -10.719 -13.691 1.00 19.93 ? 409 ASN A CA  1 
ATOM   791  C C   . ASN A 1 104 ? -1.022  -11.188 -12.428 1.00 22.50 ? 409 ASN A C   1 
ATOM   792  O O   . ASN A 1 104 ? -0.842  -10.415 -11.476 1.00 16.99 ? 409 ASN A O   1 
ATOM   793  C CB  . ASN A 1 104 ? -0.727  -9.991  -14.595 1.00 21.03 ? 409 ASN A CB  1 
ATOM   794  C CG  . ASN A 1 104 ? -1.170  -9.938  -16.051 1.00 24.70 ? 409 ASN A CG  1 
ATOM   795  O OD1 . ASN A 1 104 ? -0.640  -9.160  -16.842 1.00 26.22 ? 409 ASN A OD1 1 
ATOM   796  N ND2 . ASN A 1 104 ? -2.146  -10.758 -16.405 1.00 25.53 ? 409 ASN A ND2 1 
ATOM   797  N N   . GLN A 1 105 ? -0.615  -12.454 -12.425 1.00 21.60 ? 410 GLN A N   1 
ATOM   798  C CA  . GLN A 1 105 ? 0.143   -13.006 -11.307 1.00 18.80 ? 410 GLN A CA  1 
ATOM   799  C C   . GLN A 1 105 ? 1.612   -12.672 -11.486 1.00 18.79 ? 410 GLN A C   1 
ATOM   800  O O   . GLN A 1 105 ? 2.433   -13.522 -11.844 1.00 18.84 ? 410 GLN A O   1 
ATOM   801  C CB  . GLN A 1 105 ? -0.085  -14.510 -11.183 1.00 17.36 ? 410 GLN A CB  1 
ATOM   802  C CG  . GLN A 1 105 ? -1.496  -14.836 -10.719 1.00 20.98 ? 410 GLN A CG  1 
ATOM   803  C CD  . GLN A 1 105 ? -1.898  -16.282 -10.978 1.00 25.17 ? 410 GLN A CD  1 
ATOM   804  O OE1 . GLN A 1 105 ? -3.047  -16.559 -11.293 1.00 29.60 ? 410 GLN A OE1 1 
ATOM   805  N NE2 . GLN A 1 105 ? -0.951  -17.202 -10.846 1.00 19.60 ? 410 GLN A NE2 1 
ATOM   806  N N   . VAL A 1 106 ? 1.925   -11.402 -11.277 1.00 17.03 ? 411 VAL A N   1 
ATOM   807  C CA  . VAL A 1 106 ? 3.294   -10.929 -11.362 1.00 18.75 ? 411 VAL A CA  1 
ATOM   808  C C   . VAL A 1 106 ? 3.646   -10.290 -10.039 1.00 18.94 ? 411 VAL A C   1 
ATOM   809  O O   . VAL A 1 106 ? 2.773   -9.780  -9.336  1.00 19.35 ? 411 VAL A O   1 
ATOM   810  C CB  . VAL A 1 106 ? 3.487   -9.891  -12.500 1.00 19.18 ? 411 VAL A CB  1 
ATOM   811  C CG1 . VAL A 1 106 ? 3.273   -10.546 -13.875 1.00 16.36 ? 411 VAL A CG1 1 
ATOM   812  C CG2 . VAL A 1 106 ? 2.553   -8.708  -12.311 1.00 18.08 ? 411 VAL A CG2 1 
ATOM   813  N N   . VAL A 1 107 ? 4.922   -10.316 -9.692  1.00 16.15 ? 412 VAL A N   1 
ATOM   814  C CA  . VAL A 1 107 ? 5.330   -9.751  -8.426  1.00 17.19 ? 412 VAL A CA  1 
ATOM   815  C C   . VAL A 1 107 ? 6.567   -8.883  -8.573  1.00 19.17 ? 412 VAL A C   1 
ATOM   816  O O   . VAL A 1 107 ? 7.447   -9.154  -9.400  1.00 18.29 ? 412 VAL A O   1 
ATOM   817  C CB  . VAL A 1 107 ? 5.534   -10.868 -7.357  1.00 19.96 ? 412 VAL A CB  1 
ATOM   818  C CG1 . VAL A 1 107 ? 6.600   -11.850 -7.789  1.00 18.72 ? 412 VAL A CG1 1 
ATOM   819  C CG2 . VAL A 1 107 ? 5.880   -10.255 -6.025  1.00 25.67 ? 412 VAL A CG2 1 
ATOM   820  N N   . VAL A 1 108 ? 6.613   -7.817  -7.787  1.00 18.78 ? 413 VAL A N   1 
ATOM   821  C CA  . VAL A 1 108 ? 7.803   -6.984  -7.700  1.00 16.87 ? 413 VAL A CA  1 
ATOM   822  C C   . VAL A 1 108 ? 8.457   -7.225  -6.339  1.00 20.86 ? 413 VAL A C   1 
ATOM   823  O O   . VAL A 1 108 ? 7.804   -7.120  -5.305  1.00 21.07 ? 413 VAL A O   1 
ATOM   824  C CB  . VAL A 1 108 ? 7.464   -5.486  -7.899  1.00 20.83 ? 413 VAL A CB  1 
ATOM   825  C CG1 . VAL A 1 108 ? 8.674   -4.617  -7.609  1.00 23.09 ? 413 VAL A CG1 1 
ATOM   826  C CG2 . VAL A 1 108 ? 6.947   -5.239  -9.324  1.00 16.89 ? 413 VAL A CG2 1 
ATOM   827  N N   . LEU A 1 109 ? 9.744   -7.566  -6.340  1.00 20.17 ? 414 LEU A N   1 
ATOM   828  C CA  . LEU A 1 109 ? 10.442  -7.884  -5.102  1.00 20.72 ? 414 LEU A CA  1 
ATOM   829  C C   . LEU A 1 109 ? 11.064  -6.673  -4.414  1.00 27.39 ? 414 LEU A C   1 
ATOM   830  O O   . LEU A 1 109 ? 11.463  -5.695  -5.046  1.00 24.95 ? 414 LEU A O   1 
ATOM   831  C CB  . LEU A 1 109 ? 11.520  -8.940  -5.338  1.00 22.17 ? 414 LEU A CB  1 
ATOM   832  C CG  . LEU A 1 109 ? 11.061  -10.296 -5.863  1.00 22.76 ? 414 LEU A CG  1 
ATOM   833  C CD1 . LEU A 1 109 ? 12.238  -11.261 -5.838  1.00 24.99 ? 414 LEU A CD1 1 
ATOM   834  C CD2 . LEU A 1 109 ? 9.914   -10.830 -5.031  1.00 18.65 ? 414 LEU A CD2 1 
ATOM   835  N N   . ASP A 1 110 ? 11.125  -6.770  -3.096  1.00 24.32 ? 415 ASP A N   1 
ATOM   836  C CA  . ASP A 1 110 ? 11.884  -5.864  -2.255  1.00 31.18 ? 415 ASP A CA  1 
ATOM   837  C C   . ASP A 1 110 ? 13.372  -6.172  -2.447  1.00 33.77 ? 415 ASP A C   1 
ATOM   838  O O   . ASP A 1 110 ? 13.740  -7.291  -2.796  1.00 29.27 ? 415 ASP A O   1 
ATOM   839  C CB  . ASP A 1 110 ? 11.479  -6.142  -0.808  1.00 34.83 ? 415 ASP A CB  1 
ATOM   840  C CG  . ASP A 1 110 ? 12.078  -5.190  0.161   1.00 37.76 ? 415 ASP A CG  1 
ATOM   841  O OD1 . ASP A 1 110 ? 11.307  -4.426  0.786   1.00 37.00 ? 415 ASP A OD1 1 
ATOM   842  O OD2 . ASP A 1 110 ? 13.318  -5.211  0.307   1.00 49.36 ? 415 ASP A OD2 1 
ATOM   843  N N   . GLU A 1 111 ? 14.224  -5.180  -2.224  1.00 35.24 ? 416 GLU A N   1 
ATOM   844  C CA  . GLU A 1 111 ? 15.664  -5.374  -2.313  1.00 36.19 ? 416 GLU A CA  1 
ATOM   845  C C   . GLU A 1 111 ? 16.092  -6.542  -1.431  1.00 33.38 ? 416 GLU A C   1 
ATOM   846  O O   . GLU A 1 111 ? 16.773  -7.472  -1.878  1.00 32.25 ? 416 GLU A O   1 
ATOM   847  C CB  . GLU A 1 111 ? 16.384  -4.102  -1.866  1.00 41.35 ? 416 GLU A CB  1 
ATOM   848  C CG  . GLU A 1 111 ? 17.808  -3.982  -2.337  1.00 40.49 ? 416 GLU A CG  1 
ATOM   849  C CD  . GLU A 1 111 ? 17.903  -3.433  -3.745  1.00 50.39 ? 416 GLU A CD  1 
ATOM   850  O OE1 . GLU A 1 111 ? 17.154  -3.923  -4.619  1.00 46.64 ? 416 GLU A OE1 1 
ATOM   851  O OE2 . GLU A 1 111 ? 18.726  -2.516  -3.978  1.00 50.39 ? 416 GLU A OE2 1 
ATOM   852  N N   . SER A 1 112 ? 15.677  -6.500  -0.173  1.00 31.78 ? 417 SER A N   1 
ATOM   853  C CA  . SER A 1 112 ? 16.068  -7.533  0.774   1.00 31.16 ? 417 SER A CA  1 
ATOM   854  C C   . SER A 1 112 ? 15.362  -8.866  0.510   1.00 31.39 ? 417 SER A C   1 
ATOM   855  O O   . SER A 1 112 ? 15.869  -9.925  0.888   1.00 27.87 ? 417 SER A O   1 
ATOM   856  C CB  . SER A 1 112 ? 15.848  -7.064  2.215   1.00 32.57 ? 417 SER A CB  1 
ATOM   857  O OG  . SER A 1 112 ? 14.529  -6.588  2.398   1.00 41.84 ? 417 SER A OG  1 
ATOM   858  N N   . ALA A 1 113 ? 14.204  -8.818  -0.145  1.00 25.77 ? 418 ALA A N   1 
ATOM   859  C CA  . ALA A 1 113 ? 13.514  -10.043 -0.537  1.00 29.20 ? 418 ALA A CA  1 
ATOM   860  C C   . ALA A 1 113 ? 14.309  -10.742 -1.639  1.00 27.79 ? 418 ALA A C   1 
ATOM   861  O O   . ALA A 1 113 ? 14.535  -11.955 -1.581  1.00 27.19 ? 418 ALA A O   1 
ATOM   862  C CB  . ALA A 1 113 ? 12.087  -9.746  -1.008  1.00 25.12 ? 418 ALA A CB  1 
ATOM   863  N N   . LYS A 1 114 ? 14.735  -9.968  -2.635  1.00 25.72 ? 419 LYS A N   1 
ATOM   864  C CA  . LYS A 1 114 ? 15.565  -10.484 -3.717  1.00 26.70 ? 419 LYS A CA  1 
ATOM   865  C C   . LYS A 1 114 ? 16.804  -11.179 -3.151  1.00 29.15 ? 419 LYS A C   1 
ATOM   866  O O   . LYS A 1 114 ? 17.129  -12.303 -3.531  1.00 30.16 ? 419 LYS A O   1 
ATOM   867  C CB  . LYS A 1 114 ? 15.967  -9.346  -4.656  1.00 28.25 ? 419 LYS A CB  1 
ATOM   868  C CG  . LYS A 1 114 ? 16.615  -9.789  -5.958  1.00 30.54 ? 419 LYS A CG  1 
ATOM   869  C CD  . LYS A 1 114 ? 18.099  -10.097 -5.784  1.00 36.25 ? 419 LYS A CD  1 
ATOM   870  C CE  . LYS A 1 114 ? 18.660  -10.783 -7.025  1.00 40.09 ? 419 LYS A CE  1 
ATOM   871  N NZ  . LYS A 1 114 ? 20.149  -10.943 -6.986  1.00 41.17 ? 419 LYS A NZ  1 
ATOM   872  N N   . LYS A 1 115 ? 17.486  -10.509 -2.229  1.00 30.48 ? 420 LYS A N   1 
ATOM   873  C CA  . LYS A 1 115 ? 18.675  -11.070 -1.606  1.00 31.98 ? 420 LYS A CA  1 
ATOM   874  C C   . LYS A 1 115 ? 18.387  -12.362 -0.842  1.00 29.88 ? 420 LYS A C   1 
ATOM   875  O O   . LYS A 1 115 ? 19.140  -13.324 -0.944  1.00 30.47 ? 420 LYS A O   1 
ATOM   876  C CB  . LYS A 1 115 ? 19.330  -10.053 -0.669  1.00 33.56 ? 420 LYS A CB  1 
ATOM   877  C CG  . LYS A 1 115 ? 20.493  -10.636 0.122   1.00 41.15 ? 420 LYS A CG  1 
ATOM   878  C CD  . LYS A 1 115 ? 21.008  -9.684  1.186   1.00 49.76 ? 420 LYS A CD  1 
ATOM   879  C CE  . LYS A 1 115 ? 22.208  -10.277 1.917   1.00 54.35 ? 420 LYS A CE  1 
ATOM   880  N NZ  . LYS A 1 115 ? 22.597  -9.447  3.092   1.00 60.04 ? 420 LYS A NZ  1 
ATOM   881  N N   . ALA A 1 116 ? 17.301  -12.384 -0.079  1.00 28.93 ? 421 ALA A N   1 
ATOM   882  C CA  . ALA A 1 116 ? 16.978  -13.537 0.758   1.00 28.74 ? 421 ALA A CA  1 
ATOM   883  C C   . ALA A 1 116 ? 16.596  -14.765 -0.059  1.00 28.41 ? 421 ALA A C   1 
ATOM   884  O O   . ALA A 1 116 ? 16.961  -15.893 0.275   1.00 31.16 ? 421 ALA A O   1 
ATOM   885  C CB  . ALA A 1 116 ? 15.858  -13.187 1.734   1.00 32.28 ? 421 ALA A CB  1 
ATOM   886  N N   . ILE A 1 117 ? 15.870  -14.534 -1.143  1.00 30.26 ? 422 ILE A N   1 
ATOM   887  C CA  . ILE A 1 117 ? 15.301  -15.613 -1.935  1.00 27.00 ? 422 ILE A CA  1 
ATOM   888  C C   . ILE A 1 117 ? 16.179  -15.999 -3.115  1.00 29.85 ? 422 ILE A C   1 
ATOM   889  O O   . ILE A 1 117 ? 16.171  -17.145 -3.555  1.00 30.03 ? 422 ILE A O   1 
ATOM   890  C CB  . ILE A 1 117 ? 13.953  -15.178 -2.512  1.00 27.64 ? 422 ILE A CB  1 
ATOM   891  C CG1 . ILE A 1 117 ? 12.964  -14.873 -1.393  1.00 27.92 ? 422 ILE A CG1 1 
ATOM   892  C CG2 . ILE A 1 117 ? 13.408  -16.233 -3.453  1.00 31.53 ? 422 ILE A CG2 1 
ATOM   893  C CD1 . ILE A 1 117 ? 11.838  -13.991 -1.868  1.00 36.91 ? 422 ILE A CD1 1 
ATOM   894  N N   . PHE A 1 118 ? 16.922  -15.034 -3.642  1.00 28.43 ? 423 PHE A N   1 
ATOM   895  C CA  . PHE A 1 118 ? 17.667  -15.253 -4.877  1.00 34.99 ? 423 PHE A CA  1 
ATOM   896  C C   . PHE A 1 118 ? 19.171  -15.024 -4.742  1.00 36.30 ? 423 PHE A C   1 
ATOM   897  O O   . PHE A 1 118 ? 19.937  -15.402 -5.621  1.00 39.39 ? 423 PHE A O   1 
ATOM   898  C CB  . PHE A 1 118 ? 17.091  -14.395 -6.006  1.00 29.44 ? 423 PHE A CB  1 
ATOM   899  C CG  . PHE A 1 118 ? 15.778  -14.903 -6.539  1.00 27.37 ? 423 PHE A CG  1 
ATOM   900  C CD1 . PHE A 1 118 ? 14.609  -14.184 -6.354  1.00 25.81 ? 423 PHE A CD1 1 
ATOM   901  C CD2 . PHE A 1 118 ? 15.713  -16.114 -7.213  1.00 29.84 ? 423 PHE A CD2 1 
ATOM   902  C CE1 . PHE A 1 118 ? 13.400  -14.657 -6.840  1.00 25.90 ? 423 PHE A CE1 1 
ATOM   903  C CE2 . PHE A 1 118 ? 14.504  -16.597 -7.701  1.00 27.34 ? 423 PHE A CE2 1 
ATOM   904  C CZ  . PHE A 1 118 ? 13.349  -15.867 -7.513  1.00 25.76 ? 423 PHE A CZ  1 
ATOM   905  N N   . ALA A 1 119 ? 19.586  -14.418 -3.633  1.00 35.58 ? 424 ALA A N   1 
ATOM   906  C CA  . ALA A 1 119 ? 20.992  -14.105 -3.420  1.00 37.02 ? 424 ALA A CA  1 
ATOM   907  C C   . ALA A 1 119 ? 21.581  -13.450 -4.667  1.00 40.20 ? 424 ALA A C   1 
ATOM   908  O O   . ALA A 1 119 ? 21.185  -12.342 -5.032  1.00 39.25 ? 424 ALA A O   1 
ATOM   909  C CB  . ALA A 1 119 ? 21.766  -15.363 -3.051  1.00 37.31 ? 424 ALA A CB  1 
ATOM   910  N N   . ASN A 1 120 ? 22.506  -14.142 -5.331  1.00 40.92 ? 425 ASN A N   1 
ATOM   911  C CA  . ASN A 1 120 ? 23.189  -13.584 -6.498  1.00 40.42 ? 425 ASN A CA  1 
ATOM   912  C C   . ASN A 1 120 ? 22.603  -14.056 -7.827  1.00 41.08 ? 425 ASN A C   1 
ATOM   913  O O   . ASN A 1 120 ? 23.101  -13.701 -8.899  1.00 45.70 ? 425 ASN A O   1 
ATOM   914  C CB  . ASN A 1 120 ? 24.695  -13.867 -6.434  1.00 43.10 ? 425 ASN A CB  1 
ATOM   915  C CG  . ASN A 1 120 ? 25.397  -13.049 -5.355  1.00 46.73 ? 425 ASN A CG  1 
ATOM   916  O OD1 . ASN A 1 120 ? 25.526  -11.827 -5.472  1.00 42.59 ? 425 ASN A OD1 1 
ATOM   917  N ND2 . ASN A 1 120 ? 25.852  -13.723 -4.296  1.00 40.82 ? 425 ASN A ND2 1 
ATOM   918  N N   . GLU A 1 121 ? 21.537  -14.846 -7.752  1.00 38.49 ? 426 GLU A N   1 
ATOM   919  C CA  . GLU A 1 121 ? 20.831  -15.310 -8.943  1.00 36.24 ? 426 GLU A CA  1 
ATOM   920  C C   . GLU A 1 121 ? 20.001  -14.192 -9.572  1.00 35.08 ? 426 GLU A C   1 
ATOM   921  O O   . GLU A 1 121 ? 19.566  -13.258 -8.891  1.00 36.16 ? 426 GLU A O   1 
ATOM   922  C CB  . GLU A 1 121 ? 19.917  -16.487 -8.587  1.00 36.15 ? 426 GLU A CB  1 
ATOM   923  C CG  . GLU A 1 121 ? 20.609  -17.587 -7.793  1.00 40.63 ? 426 GLU A CG  1 
ATOM   924  C CD  . GLU A 1 121 ? 19.637  -18.443 -6.991  1.00 45.32 ? 426 GLU A CD  1 
ATOM   925  O OE1 . GLU A 1 121 ? 18.512  -18.697 -7.474  1.00 45.83 ? 426 GLU A OE1 1 
ATOM   926  O OE2 . GLU A 1 121 ? 20.002  -18.862 -5.873  1.00 45.54 ? 426 GLU A OE2 1 
ATOM   927  N N   . ASN A 1 122 ? 19.784  -14.293 -10.877 1.00 32.51 ? 427 ASN A N   1 
ATOM   928  C CA  . ASN A 1 122 ? 18.879  -13.391 -11.571 1.00 30.01 ? 427 ASN A CA  1 
ATOM   929  C C   . ASN A 1 122 ? 17.431  -13.733 -11.240 1.00 32.66 ? 427 ASN A C   1 
ATOM   930  O O   . ASN A 1 122 ? 16.958  -14.812 -11.595 1.00 32.44 ? 427 ASN A O   1 
ATOM   931  C CB  . ASN A 1 122 ? 19.073  -13.508 -13.077 1.00 28.94 ? 427 ASN A CB  1 
ATOM   932  C CG  . ASN A 1 122 ? 17.925  -12.898 -13.851 1.00 32.44 ? 427 ASN A CG  1 
ATOM   933  O OD1 . ASN A 1 122 ? 17.577  -11.737 -13.646 1.00 32.27 ? 427 ASN A OD1 1 
ATOM   934  N ND2 . ASN A 1 122 ? 17.319  -13.681 -14.739 1.00 36.41 ? 427 ASN A ND2 1 
ATOM   935  N N   . PRO A 1 123 ? 16.714  -12.814 -10.573 1.00 31.05 ? 428 PRO A N   1 
ATOM   936  C CA  . PRO A 1 123 ? 15.326  -13.051 -10.162 1.00 27.93 ? 428 PRO A CA  1 
ATOM   937  C C   . PRO A 1 123 ? 14.310  -12.877 -11.295 1.00 28.10 ? 428 PRO A C   1 
ATOM   938  O O   . PRO A 1 123 ? 13.238  -13.498 -11.272 1.00 22.92 ? 428 PRO A O   1 
ATOM   939  C CB  . PRO A 1 123 ? 15.119  -11.968 -9.109  1.00 27.06 ? 428 PRO A CB  1 
ATOM   940  C CG  . PRO A 1 123 ? 15.893  -10.816 -9.698  1.00 32.14 ? 428 PRO A CG  1 
ATOM   941  C CD  . PRO A 1 123 ? 17.186  -11.497 -10.107 1.00 31.83 ? 428 PRO A CD  1 
ATOM   942  N N   . LEU A 1 124 ? 14.644  -12.044 -12.277 1.00 27.60 ? 429 LEU A N   1 
ATOM   943  C CA  . LEU A 1 124 ? 13.709  -11.700 -13.342 1.00 23.64 ? 429 LEU A CA  1 
ATOM   944  C C   . LEU A 1 124 ? 13.246  -12.927 -14.116 1.00 25.33 ? 429 LEU A C   1 
ATOM   945  O O   . LEU A 1 124 ? 14.055  -13.698 -14.630 1.00 26.81 ? 429 LEU A O   1 
ATOM   946  C CB  . LEU A 1 124 ? 14.330  -10.673 -14.300 1.00 26.63 ? 429 LEU A CB  1 
ATOM   947  C CG  . LEU A 1 124 ? 14.776  -9.331  -13.703 1.00 28.60 ? 429 LEU A CG  1 
ATOM   948  C CD1 . LEU A 1 124 ? 15.074  -8.336  -14.814 1.00 28.25 ? 429 LEU A CD1 1 
ATOM   949  C CD2 . LEU A 1 124 ? 13.713  -8.770  -12.772 1.00 25.34 ? 429 LEU A CD2 1 
ATOM   950  N N   . GLY A 1 125 ? 11.936  -13.106 -14.190 1.00 22.27 ? 430 GLY A N   1 
ATOM   951  C CA  . GLY A 1 125 ? 11.367  -14.174 -14.984 1.00 26.53 ? 430 GLY A CA  1 
ATOM   952  C C   . GLY A 1 125 ? 11.162  -15.449 -14.191 1.00 22.22 ? 430 GLY A C   1 
ATOM   953  O O   . GLY A 1 125 ? 10.530  -16.390 -14.660 1.00 22.78 ? 430 GLY A O   1 
ATOM   954  N N   . LYS A 1 126 ? 11.689  -15.481 -12.977 1.00 20.01 ? 431 LYS A N   1 
ATOM   955  C CA  . LYS A 1 126 ? 11.516  -16.663 -12.139 1.00 23.14 ? 431 LYS A CA  1 
ATOM   956  C C   . LYS A 1 126 ? 10.203  -16.682 -11.361 1.00 21.20 ? 431 LYS A C   1 
ATOM   957  O O   . LYS A 1 126 ? 9.611   -15.639 -11.085 1.00 20.48 ? 431 LYS A O   1 
ATOM   958  C CB  . LYS A 1 126 ? 12.724  -16.861 -11.235 1.00 26.65 ? 431 LYS A CB  1 
ATOM   959  C CG  . LYS A 1 126 ? 13.837  -17.586 -11.979 1.00 27.71 ? 431 LYS A CG  1 
ATOM   960  C CD  . LYS A 1 126 ? 15.185  -17.264 -11.416 1.00 31.94 ? 431 LYS A CD  1 
ATOM   961  C CE  . LYS A 1 126 ? 16.263  -17.700 -12.379 1.00 27.13 ? 431 LYS A CE  1 
ATOM   962  N NZ  . LYS A 1 126 ? 17.605  -17.541 -11.773 1.00 33.14 ? 431 LYS A NZ  1 
ATOM   963  N N   . THR A 1 127 ? 9.735   -17.885 -11.039 1.00 20.19 ? 432 THR A N   1 
ATOM   964  C CA  . THR A 1 127 ? 8.430   -18.046 -10.407 1.00 19.04 ? 432 THR A CA  1 
ATOM   965  C C   . THR A 1 127 ? 8.552   -18.271 -8.913  1.00 23.15 ? 432 THR A C   1 
ATOM   966  O O   . THR A 1 127 ? 9.368   -19.081 -8.461  1.00 23.38 ? 432 THR A O   1 
ATOM   967  C CB  . THR A 1 127 ? 7.642   -19.199 -11.042 1.00 21.45 ? 432 THR A CB  1 
ATOM   968  O OG1 . THR A 1 127 ? 7.283   -18.845 -12.387 1.00 20.93 ? 432 THR A OG1 1 
ATOM   969  C CG2 . THR A 1 127 ? 6.387   -19.487 -10.250 1.00 17.22 ? 432 THR A CG2 1 
ATOM   970  N N   . VAL A 1 128 ? 7.764   -17.519 -8.149  1.00 20.26 ? 433 VAL A N   1 
ATOM   971  C CA  . VAL A 1 128 ? 7.671   -17.710 -6.710  1.00 18.74 ? 433 VAL A CA  1 
ATOM   972  C C   . VAL A 1 128 ? 6.231   -18.101 -6.381  1.00 22.62 ? 433 VAL A C   1 
ATOM   973  O O   . VAL A 1 128 ? 5.289   -17.602 -6.997  1.00 21.52 ? 433 VAL A O   1 
ATOM   974  C CB  . VAL A 1 128 ? 8.075   -16.450 -5.920  1.00 23.63 ? 433 VAL A CB  1 
ATOM   975  C CG1 . VAL A 1 128 ? 9.463   -15.966 -6.353  1.00 24.66 ? 433 VAL A CG1 1 
ATOM   976  C CG2 . VAL A 1 128 ? 7.045   -15.353 -6.096  1.00 21.99 ? 433 VAL A CG2 1 
ATOM   977  N N   . ILE A 1 129 ? 6.062   -19.009 -5.427  1.00 21.32 ? 434 ILE A N   1 
ATOM   978  C CA  . ILE A 1 129 ? 4.750   -19.550 -5.113  1.00 18.86 ? 434 ILE A CA  1 
ATOM   979  C C   . ILE A 1 129 ? 4.308   -19.117 -3.723  1.00 19.70 ? 434 ILE A C   1 
ATOM   980  O O   . ILE A 1 129 ? 4.916   -19.494 -2.715  1.00 19.05 ? 434 ILE A O   1 
ATOM   981  C CB  . ILE A 1 129 ? 4.755   -21.090 -5.200  1.00 19.67 ? 434 ILE A CB  1 
ATOM   982  C CG1 . ILE A 1 129 ? 5.259   -21.543 -6.566  1.00 23.84 ? 434 ILE A CG1 1 
ATOM   983  C CG2 . ILE A 1 129 ? 3.374   -21.647 -4.943  1.00 20.20 ? 434 ILE A CG2 1 
ATOM   984  C CD1 . ILE A 1 129 ? 5.184   -23.041 -6.760  1.00 26.85 ? 434 ILE A CD1 1 
ATOM   985  N N   . PHE A 1 130 ? 3.252   -18.314 -3.672  1.00 17.46 ? 435 PHE A N   1 
ATOM   986  C CA  . PHE A 1 130 ? 2.698   -17.861 -2.401  1.00 18.93 ? 435 PHE A CA  1 
ATOM   987  C C   . PHE A 1 130 ? 1.428   -18.652 -2.056  1.00 22.17 ? 435 PHE A C   1 
ATOM   988  O O   . PHE A 1 130 ? 0.449   -18.644 -2.813  1.00 17.90 ? 435 PHE A O   1 
ATOM   989  C CB  . PHE A 1 130 ? 2.411   -16.360 -2.454  1.00 17.56 ? 435 PHE A CB  1 
ATOM   990  C CG  . PHE A 1 130 ? 1.929   -15.786 -1.151  1.00 18.34 ? 435 PHE A CG  1 
ATOM   991  C CD1 . PHE A 1 130 ? 2.826   -15.339 -0.200  1.00 16.76 ? 435 PHE A CD1 1 
ATOM   992  C CD2 . PHE A 1 130 ? 0.578   -15.703 -0.878  1.00 18.26 ? 435 PHE A CD2 1 
ATOM   993  C CE1 . PHE A 1 130 ? 2.381   -14.816 0.996   1.00 17.76 ? 435 PHE A CE1 1 
ATOM   994  C CE2 . PHE A 1 130 ? 0.129   -15.181 0.320   1.00 18.18 ? 435 PHE A CE2 1 
ATOM   995  C CZ  . PHE A 1 130 ? 1.035   -14.734 1.252   1.00 18.62 ? 435 PHE A CZ  1 
ATOM   996  N N   . ASN A 1 131 ? 1.453   -19.342 -0.916  1.00 18.47 ? 436 ASN A N   1 
ATOM   997  C CA  . ASN A 1 131 ? 0.329   -20.190 -0.513  1.00 21.44 ? 436 ASN A CA  1 
ATOM   998  C C   . ASN A 1 131 ? -0.252  -20.978 -1.691  1.00 21.17 ? 436 ASN A C   1 
ATOM   999  O O   . ASN A 1 131 ? -1.473  -20.987 -1.913  1.00 20.32 ? 436 ASN A O   1 
ATOM   1000 C CB  . ASN A 1 131 ? -0.763  -19.364 0.181   1.00 18.59 ? 436 ASN A CB  1 
ATOM   1001 C CG  . ASN A 1 131 ? -0.428  -19.056 1.641   1.00 24.03 ? 436 ASN A CG  1 
ATOM   1002 O OD1 . ASN A 1 131 ? -1.187  -18.374 2.331   1.00 28.27 ? 436 ASN A OD1 1 
ATOM   1003 N ND2 . ASN A 1 131 ? 0.707   -19.564 2.116   1.00 18.27 ? 436 ASN A ND2 1 
ATOM   1004 N N   . LYS A 1 132 ? 0.646   -21.608 -2.451  1.00 20.12 ? 437 LYS A N   1 
ATOM   1005 C CA  . LYS A 1 132 ? 0.296   -22.490 -3.570  1.00 21.54 ? 437 LYS A CA  1 
ATOM   1006 C C   . LYS A 1 132 ? 0.030   -21.780 -4.907  1.00 22.10 ? 437 LYS A C   1 
ATOM   1007 O O   . LYS A 1 132 ? -0.131  -22.437 -5.930  1.00 21.97 ? 437 LYS A O   1 
ATOM   1008 C CB  . LYS A 1 132 ? -0.885  -23.394 -3.210  1.00 20.22 ? 437 LYS A CB  1 
ATOM   1009 C CG  . LYS A 1 132 ? -0.603  -24.331 -2.048  1.00 23.78 ? 437 LYS A CG  1 
ATOM   1010 C CD  . LYS A 1 132 ? -1.839  -25.138 -1.706  1.00 25.55 ? 437 LYS A CD  1 
ATOM   1011 C CE  . LYS A 1 132 ? -2.142  -26.156 -2.780  1.00 28.51 ? 437 LYS A CE  1 
ATOM   1012 N NZ  . LYS A 1 132 ? -3.290  -27.014 -2.378  1.00 35.13 ? 437 LYS A NZ  1 
ATOM   1013 N N   . ARG A 1 133 ? -0.013  -20.452 -4.895  1.00 20.08 ? 438 ARG A N   1 
ATOM   1014 C CA  . ARG A 1 133 ? -0.301  -19.687 -6.105  1.00 20.58 ? 438 ARG A CA  1 
ATOM   1015 C C   . ARG A 1 133 ? 0.983   -19.126 -6.726  1.00 21.13 ? 438 ARG A C   1 
ATOM   1016 O O   . ARG A 1 133 ? 1.708   -18.381 -6.077  1.00 19.26 ? 438 ARG A O   1 
ATOM   1017 C CB  . ARG A 1 133 ? -1.283  -18.557 -5.780  1.00 21.59 ? 438 ARG A CB  1 
ATOM   1018 C CG  . ARG A 1 133 ? -1.425  -17.511 -6.875  1.00 22.35 ? 438 ARG A CG  1 
ATOM   1019 C CD  . ARG A 1 133 ? -2.452  -17.928 -7.890  1.00 26.20 ? 438 ARG A CD  1 
ATOM   1020 N NE  . ARG A 1 133 ? -3.743  -18.180 -7.256  1.00 32.64 ? 438 ARG A NE  1 
ATOM   1021 C CZ  . ARG A 1 133 ? -4.834  -18.551 -7.917  1.00 31.04 ? 438 ARG A CZ  1 
ATOM   1022 N NH1 . ARG A 1 133 ? -4.788  -18.705 -9.233  1.00 33.52 ? 438 ARG A NH1 1 
ATOM   1023 N NH2 . ARG A 1 133 ? -5.967  -18.762 -7.268  1.00 26.19 ? 438 ARG A NH2 1 
ATOM   1024 N N   . PRO A 1 134 ? 1.271   -19.491 -7.987  1.00 18.89 ? 439 PRO A N   1 
ATOM   1025 C CA  . PRO A 1 134 ? 2.499   -19.050 -8.656  1.00 18.40 ? 439 PRO A CA  1 
ATOM   1026 C C   . PRO A 1 134 ? 2.446   -17.619 -9.195  1.00 17.86 ? 439 PRO A C   1 
ATOM   1027 O O   . PRO A 1 134 ? 1.488   -17.252 -9.873  1.00 20.51 ? 439 PRO A O   1 
ATOM   1028 C CB  . PRO A 1 134 ? 2.611   -20.049 -9.811  1.00 16.56 ? 439 PRO A CB  1 
ATOM   1029 C CG  . PRO A 1 134 ? 1.205   -20.270 -10.186 1.00 22.72 ? 439 PRO A CG  1 
ATOM   1030 C CD  . PRO A 1 134 ? 0.552   -20.471 -8.817  1.00 24.46 ? 439 PRO A CD  1 
ATOM   1031 N N   . PHE A 1 135 ? 3.482   -16.840 -8.897  1.00 16.47 ? 440 PHE A N   1 
ATOM   1032 C CA  . PHE A 1 135 ? 3.653   -15.486 -9.415  1.00 16.23 ? 440 PHE A CA  1 
ATOM   1033 C C   . PHE A 1 135 ? 4.992   -15.383 -10.119 1.00 20.77 ? 440 PHE A C   1 
ATOM   1034 O O   . PHE A 1 135 ? 5.988   -15.946 -9.651  1.00 18.18 ? 440 PHE A O   1 
ATOM   1035 C CB  . PHE A 1 135 ? 3.658   -14.464 -8.278  1.00 16.17 ? 440 PHE A CB  1 
ATOM   1036 C CG  . PHE A 1 135 ? 2.327   -14.251 -7.643  1.00 16.40 ? 440 PHE A CG  1 
ATOM   1037 C CD1 . PHE A 1 135 ? 1.854   -15.132 -6.686  1.00 18.13 ? 440 PHE A CD1 1 
ATOM   1038 C CD2 . PHE A 1 135 ? 1.552   -13.154 -7.980  1.00 17.81 ? 440 PHE A CD2 1 
ATOM   1039 C CE1 . PHE A 1 135 ? 0.620   -14.936 -6.094  1.00 17.71 ? 440 PHE A CE1 1 
ATOM   1040 C CE2 . PHE A 1 135 ? 0.322   -12.945 -7.377  1.00 18.44 ? 440 PHE A CE2 1 
ATOM   1041 C CZ  . PHE A 1 135 ? -0.146  -13.840 -6.438  1.00 18.25 ? 440 PHE A CZ  1 
ATOM   1042 N N   . ARG A 1 136 ? 5.023   -14.642 -11.224 1.00 15.94 ? 441 ARG A N   1 
ATOM   1043 C CA  . ARG A 1 136 ? 6.270   -14.410 -11.949 1.00 19.99 ? 441 ARG A CA  1 
ATOM   1044 C C   . ARG A 1 136 ? 6.927   -13.092 -11.532 1.00 17.15 ? 441 ARG A C   1 
ATOM   1045 O O   . ARG A 1 136 ? 6.285   -12.044 -11.538 1.00 17.84 ? 441 ARG A O   1 
ATOM   1046 C CB  . ARG A 1 136 ? 6.016   -14.432 -13.460 1.00 20.01 ? 441 ARG A CB  1 
ATOM   1047 C CG  . ARG A 1 136 ? 7.204   -14.008 -14.294 1.00 24.15 ? 441 ARG A CG  1 
ATOM   1048 C CD  . ARG A 1 136 ? 6.953   -14.279 -15.774 1.00 29.35 ? 441 ARG A CD  1 
ATOM   1049 N NE  . ARG A 1 136 ? 5.723   -13.650 -16.252 1.00 35.68 ? 441 ARG A NE  1 
ATOM   1050 C CZ  . ARG A 1 136 ? 5.646   -12.396 -16.685 1.00 36.99 ? 441 ARG A CZ  1 
ATOM   1051 N NH1 . ARG A 1 136 ? 6.733   -11.634 -16.694 1.00 41.31 ? 441 ARG A NH1 1 
ATOM   1052 N NH2 . ARG A 1 136 ? 4.489   -11.899 -17.110 1.00 36.90 ? 441 ARG A NH2 1 
ATOM   1053 N N   . VAL A 1 137 ? 8.201   -13.154 -11.152 1.00 18.04 ? 442 VAL A N   1 
ATOM   1054 C CA  . VAL A 1 137 ? 8.952   -11.971 -10.748 1.00 18.77 ? 442 VAL A CA  1 
ATOM   1055 C C   . VAL A 1 137 ? 9.274   -11.073 -11.949 1.00 20.25 ? 442 VAL A C   1 
ATOM   1056 O O   . VAL A 1 137 ? 9.941   -11.502 -12.894 1.00 19.75 ? 442 VAL A O   1 
ATOM   1057 C CB  . VAL A 1 137 ? 10.256  -12.363 -10.032 1.00 22.30 ? 442 VAL A CB  1 
ATOM   1058 C CG1 . VAL A 1 137 ? 11.019  -11.117 -9.597  1.00 21.41 ? 442 VAL A CG1 1 
ATOM   1059 C CG2 . VAL A 1 137 ? 9.951   -13.244 -8.833  1.00 19.91 ? 442 VAL A CG2 1 
ATOM   1060 N N   . ILE A 1 138 ? 8.795   -9.833  -11.917 1.00 16.76 ? 443 ILE A N   1 
ATOM   1061 C CA  . ILE A 1 138 ? 8.985   -8.940  -13.056 1.00 19.88 ? 443 ILE A CA  1 
ATOM   1062 C C   . ILE A 1 138 ? 9.967   -7.806  -12.755 1.00 23.13 ? 443 ILE A C   1 
ATOM   1063 O O   . ILE A 1 138 ? 10.446  -7.134  -13.670 1.00 21.46 ? 443 ILE A O   1 
ATOM   1064 C CB  . ILE A 1 138 ? 7.638   -8.338  -13.570 1.00 23.16 ? 443 ILE A CB  1 
ATOM   1065 C CG1 . ILE A 1 138 ? 6.938   -7.529  -12.471 1.00 20.82 ? 443 ILE A CG1 1 
ATOM   1066 C CG2 . ILE A 1 138 ? 6.717   -9.421  -14.097 1.00 22.49 ? 443 ILE A CG2 1 
ATOM   1067 C CD1 . ILE A 1 138 ? 5.831   -6.617  -13.003 1.00 20.66 ? 443 ILE A CD1 1 
ATOM   1068 N N   . GLY A 1 139 ? 10.282  -7.604  -11.480 1.00 21.34 ? 444 GLY A N   1 
ATOM   1069 C CA  . GLY A 1 139 ? 11.149  -6.508  -11.105 1.00 21.39 ? 444 GLY A CA  1 
ATOM   1070 C C   . GLY A 1 139 ? 11.546  -6.500  -9.644  1.00 26.26 ? 444 GLY A C   1 
ATOM   1071 O O   . GLY A 1 139 ? 11.128  -7.367  -8.863  1.00 21.74 ? 444 GLY A O   1 
ATOM   1072 N N   . VAL A 1 140 ? 12.352  -5.501  -9.284  1.00 24.42 ? 445 VAL A N   1 
ATOM   1073 C CA  . VAL A 1 140 ? 12.890  -5.342  -7.939  1.00 23.04 ? 445 VAL A CA  1 
ATOM   1074 C C   . VAL A 1 140 ? 12.959  -3.859  -7.605  1.00 30.01 ? 445 VAL A C   1 
ATOM   1075 O O   . VAL A 1 140 ? 13.392  -3.059  -8.433  1.00 30.80 ? 445 VAL A O   1 
ATOM   1076 C CB  . VAL A 1 140 ? 14.323  -5.912  -7.843  1.00 24.46 ? 445 VAL A CB  1 
ATOM   1077 C CG1 . VAL A 1 140 ? 14.870  -5.770  -6.427  1.00 27.65 ? 445 VAL A CG1 1 
ATOM   1078 C CG2 . VAL A 1 140 ? 14.346  -7.360  -8.273  1.00 24.78 ? 445 VAL A CG2 1 
ATOM   1079 N N   . VAL A 1 141 ? 12.531  -3.493  -6.400  1.00 28.27 ? 446 VAL A N   1 
ATOM   1080 C CA  . VAL A 1 141 ? 12.607  -2.106  -5.949  1.00 26.76 ? 446 VAL A CA  1 
ATOM   1081 C C   . VAL A 1 141 ? 13.442  -2.001  -4.677  1.00 30.76 ? 446 VAL A C   1 
ATOM   1082 O O   . VAL A 1 141 ? 13.691  -3.001  -4.002  1.00 28.46 ? 446 VAL A O   1 
ATOM   1083 C CB  . VAL A 1 141 ? 11.212  -1.517  -5.657  1.00 29.82 ? 446 VAL A CB  1 
ATOM   1084 C CG1 . VAL A 1 141 ? 10.421  -1.331  -6.946  1.00 28.99 ? 446 VAL A CG1 1 
ATOM   1085 C CG2 . VAL A 1 141 ? 10.451  -2.399  -4.672  1.00 23.62 ? 446 VAL A CG2 1 
ATOM   1086 N N   . SER A 1 142 ? 13.890  -0.792  -4.355  1.00 29.80 ? 447 SER A N   1 
ATOM   1087 C CA  . SER A 1 142 ? 14.556  -0.561  -3.081  1.00 33.97 ? 447 SER A CA  1 
ATOM   1088 C C   . SER A 1 142 ? 13.527  -0.764  -1.970  1.00 35.47 ? 447 SER A C   1 
ATOM   1089 O O   . SER A 1 142 ? 12.323  -0.685  -2.216  1.00 37.23 ? 447 SER A O   1 
ATOM   1090 C CB  . SER A 1 142 ? 15.121  0.852   -3.025  1.00 35.40 ? 447 SER A CB  1 
ATOM   1091 O OG  . SER A 1 142 ? 14.079  1.804   -3.110  1.00 34.07 ? 447 SER A OG  1 
ATOM   1092 N N   . ASP A 1 143 ? 13.979  -1.035  -0.753  1.00 37.50 ? 448 ASP A N   1 
ATOM   1093 C CA  . ASP A 1 143 ? 13.031  -1.334  0.318   1.00 44.12 ? 448 ASP A CA  1 
ATOM   1094 C C   . ASP A 1 143 ? 12.647  -0.145  1.194   1.00 44.41 ? 448 ASP A C   1 
ATOM   1095 O O   . ASP A 1 143 ? 13.203  0.946   1.067   1.00 44.45 ? 448 ASP A O   1 
ATOM   1096 C CB  . ASP A 1 143 ? 13.512  -2.504  1.180   1.00 44.13 ? 448 ASP A CB  1 
ATOM   1097 C CG  . ASP A 1 143 ? 15.010  -2.589  1.265   1.00 44.95 ? 448 ASP A CG  1 
ATOM   1098 O OD1 . ASP A 1 143 ? 15.658  -1.528  1.360   1.00 47.84 ? 448 ASP A OD1 1 
ATOM   1099 O OD2 . ASP A 1 143 ? 15.535  -3.721  1.240   1.00 44.63 ? 448 ASP A OD2 1 
ATOM   1100 N N   . GLN A 1 144 ? 11.683  -0.376  2.081   1.00 45.41 ? 449 GLN A N   1 
ATOM   1101 C CA  . GLN A 1 144 ? 11.171  0.658   2.966   1.00 43.35 ? 449 GLN A CA  1 
ATOM   1102 C C   . GLN A 1 144 ? 12.221  1.113   3.972   1.00 50.24 ? 449 GLN A C   1 
ATOM   1103 O O   . GLN A 1 144 ? 12.534  0.393   4.920   1.00 58.54 ? 449 GLN A O   1 
ATOM   1104 C CB  . GLN A 1 144 ? 9.928   0.156   3.702   1.00 50.84 ? 449 GLN A CB  1 
ATOM   1105 C CG  . GLN A 1 144 ? 8.716   -0.066  2.808   1.00 49.64 ? 449 GLN A CG  1 
ATOM   1106 C CD  . GLN A 1 144 ? 8.259   1.207   2.116   1.00 49.81 ? 449 GLN A CD  1 
ATOM   1107 O OE1 . GLN A 1 144 ? 9.073   1.985   1.618   1.00 52.86 ? 449 GLN A OE1 1 
ATOM   1108 N NE2 . GLN A 1 144 ? 6.949   1.423   2.077   1.00 46.27 ? 449 GLN A NE2 1 
ATOM   1109 N N   . SER A 1 153 ? 12.110  -7.566  5.202   1.00 47.73 ? 458 SER A N   1 
ATOM   1110 C CA  . SER A 1 153 ? 11.569  -8.776  5.813   1.00 42.40 ? 458 SER A CA  1 
ATOM   1111 C C   . SER A 1 153 ? 10.594  -9.500  4.893   1.00 38.25 ? 458 SER A C   1 
ATOM   1112 O O   . SER A 1 153 ? 9.467   -9.801  5.276   1.00 46.40 ? 458 SER A O   1 
ATOM   1113 C CB  . SER A 1 153 ? 10.901  -8.452  7.147   1.00 44.21 ? 458 SER A CB  1 
ATOM   1114 O OG  . SER A 1 153 ? 11.874  -8.317  8.171   1.00 56.82 ? 458 SER A OG  1 
ATOM   1115 N N   . LEU A 1 154 ? 11.055  -9.791  3.683   1.00 43.17 ? 459 LEU A N   1 
ATOM   1116 C CA  . LEU A 1 154 ? 10.272  -10.506 2.673   1.00 35.78 ? 459 LEU A CA  1 
ATOM   1117 C C   . LEU A 1 154 ? 8.995   -9.806  2.258   1.00 32.07 ? 459 LEU A C   1 
ATOM   1118 O O   . LEU A 1 154 ? 7.887   -10.235 2.598   1.00 30.31 ? 459 LEU A O   1 
ATOM   1119 C CB  . LEU A 1 154 ? 9.986   -11.939 3.092   1.00 34.24 ? 459 LEU A CB  1 
ATOM   1120 C CG  . LEU A 1 154 ? 10.958  -12.903 2.424   1.00 36.23 ? 459 LEU A CG  1 
ATOM   1121 C CD1 . LEU A 1 154 ? 12.371  -12.603 2.884   1.00 37.18 ? 459 LEU A CD1 1 
ATOM   1122 C CD2 . LEU A 1 154 ? 10.576  -14.338 2.739   1.00 34.71 ? 459 LEU A CD2 1 
ATOM   1123 N N   . ASN A 1 155 ? 9.167   -8.730  1.503   1.00 25.26 ? 460 ASN A N   1 
ATOM   1124 C CA  . ASN A 1 155 ? 8.047   -8.009  0.942   1.00 25.99 ? 460 ASN A CA  1 
ATOM   1125 C C   . ASN A 1 155 ? 7.927   -8.312  -0.542  1.00 26.84 ? 460 ASN A C   1 
ATOM   1126 O O   . ASN A 1 155 ? 8.903   -8.198  -1.288  1.00 25.65 ? 460 ASN A O   1 
ATOM   1127 C CB  . ASN A 1 155 ? 8.220   -6.511  1.180   1.00 29.05 ? 460 ASN A CB  1 
ATOM   1128 C CG  . ASN A 1 155 ? 8.317   -6.168  2.661   1.00 32.58 ? 460 ASN A CG  1 
ATOM   1129 O OD1 . ASN A 1 155 ? 7.432   -6.503  3.444   1.00 30.16 ? 460 ASN A OD1 1 
ATOM   1130 N ND2 . ASN A 1 155 ? 9.398   -5.504  3.049   1.00 36.30 ? 460 ASN A ND2 1 
ATOM   1131 N N   . LEU A 1 156 ? 6.733   -8.730  -0.958  1.00 22.42 ? 461 LEU A N   1 
ATOM   1132 C CA  . LEU A 1 156 ? 6.420   -8.885  -2.375  1.00 26.00 ? 461 LEU A CA  1 
ATOM   1133 C C   . LEU A 1 156 ? 5.235   -7.988  -2.738  1.00 22.10 ? 461 LEU A C   1 
ATOM   1134 O O   . LEU A 1 156 ? 4.280   -7.883  -1.970  1.00 20.16 ? 461 LEU A O   1 
ATOM   1135 C CB  . LEU A 1 156 ? 6.085   -10.337 -2.723  1.00 21.38 ? 461 LEU A CB  1 
ATOM   1136 C CG  . LEU A 1 156 ? 6.936   -11.503 -2.207  1.00 25.18 ? 461 LEU A CG  1 
ATOM   1137 C CD1 . LEU A 1 156 ? 6.953   -12.585 -3.273  1.00 27.02 ? 461 LEU A CD1 1 
ATOM   1138 C CD2 . LEU A 1 156 ? 8.349   -11.108 -1.872  1.00 29.87 ? 461 LEU A CD2 1 
ATOM   1139 N N   . TYR A 1 157 ? 5.294   -7.361  -3.910  1.00 17.26 ? 462 TYR A N   1 
ATOM   1140 C CA  . TYR A 1 157 ? 4.244   -6.443  -4.340  1.00 17.68 ? 462 TYR A CA  1 
ATOM   1141 C C   . TYR A 1 157 ? 3.576   -6.896  -5.627  1.00 19.35 ? 462 TYR A C   1 
ATOM   1142 O O   . TYR A 1 157 ? 4.239   -7.119  -6.636  1.00 20.01 ? 462 TYR A O   1 
ATOM   1143 C CB  . TYR A 1 157 ? 4.810   -5.035  -4.523  1.00 18.67 ? 462 TYR A CB  1 
ATOM   1144 C CG  . TYR A 1 157 ? 5.551   -4.534  -3.305  1.00 19.37 ? 462 TYR A CG  1 
ATOM   1145 C CD1 . TYR A 1 157 ? 4.864   -4.044  -2.208  1.00 22.08 ? 462 TYR A CD1 1 
ATOM   1146 C CD2 . TYR A 1 157 ? 6.932   -4.563  -3.250  1.00 22.91 ? 462 TYR A CD2 1 
ATOM   1147 C CE1 . TYR A 1 157 ? 5.528   -3.586  -1.089  1.00 21.81 ? 462 TYR A CE1 1 
ATOM   1148 C CE2 . TYR A 1 157 ? 7.610   -4.109  -2.132  1.00 27.85 ? 462 TYR A CE2 1 
ATOM   1149 C CZ  . TYR A 1 157 ? 6.899   -3.619  -1.057  1.00 21.83 ? 462 TYR A CZ  1 
ATOM   1150 O OH  . TYR A 1 157 ? 7.561   -3.162  0.055   1.00 27.19 ? 462 TYR A OH  1 
ATOM   1151 N N   . SER A 1 158 ? 2.255   -7.007  -5.581  1.00 17.02 ? 463 SER A N   1 
ATOM   1152 C CA  . SER A 1 158 ? 1.469   -7.550  -6.677  1.00 17.06 ? 463 SER A CA  1 
ATOM   1153 C C   . SER A 1 158 ? 0.250   -6.650  -6.855  1.00 17.03 ? 463 SER A C   1 
ATOM   1154 O O   . SER A 1 158 ? -0.074  -5.877  -5.954  1.00 18.83 ? 463 SER A O   1 
ATOM   1155 C CB  . SER A 1 158 ? 1.057   -8.983  -6.319  1.00 18.90 ? 463 SER A CB  1 
ATOM   1156 O OG  . SER A 1 158 ? 0.572   -9.701  -7.430  1.00 20.22 ? 463 SER A OG  1 
ATOM   1157 N N   . PRO A 1 159 ? -0.427  -6.719  -8.015  1.00 16.08 ? 464 PRO A N   1 
ATOM   1158 C CA  . PRO A 1 159 ? -1.585  -5.828  -8.174  1.00 18.18 ? 464 PRO A CA  1 
ATOM   1159 C C   . PRO A 1 159 ? -2.673  -6.150  -7.165  1.00 19.04 ? 464 PRO A C   1 
ATOM   1160 O O   . PRO A 1 159 ? -2.932  -7.336  -6.916  1.00 19.81 ? 464 PRO A O   1 
ATOM   1161 C CB  . PRO A 1 159 ? -2.083  -6.147  -9.592  1.00 19.42 ? 464 PRO A CB  1 
ATOM   1162 C CG  . PRO A 1 159 ? -0.884  -6.712  -10.302 1.00 19.03 ? 464 PRO A CG  1 
ATOM   1163 C CD  . PRO A 1 159 ? -0.147  -7.486  -9.241  1.00 17.87 ? 464 PRO A CD  1 
ATOM   1164 N N   . TYR A 1 160 ? -3.300  -5.121  -6.596  1.00 18.82 ? 465 TYR A N   1 
ATOM   1165 C CA  . TYR A 1 160 ? -4.393  -5.321  -5.642  1.00 17.67 ? 465 TYR A CA  1 
ATOM   1166 C C   . TYR A 1 160 ? -5.465  -6.239  -6.221  1.00 18.47 ? 465 TYR A C   1 
ATOM   1167 O O   . TYR A 1 160 ? -6.071  -7.025  -5.494  1.00 18.94 ? 465 TYR A O   1 
ATOM   1168 C CB  . TYR A 1 160 ? -5.022  -3.986  -5.203  1.00 16.03 ? 465 TYR A CB  1 
ATOM   1169 C CG  . TYR A 1 160 ? -5.798  -3.247  -6.292  1.00 16.38 ? 465 TYR A CG  1 
ATOM   1170 C CD1 . TYR A 1 160 ? -7.082  -3.632  -6.644  1.00 19.71 ? 465 TYR A CD1 1 
ATOM   1171 C CD2 . TYR A 1 160 ? -5.232  -2.167  -6.969  1.00 21.45 ? 465 TYR A CD2 1 
ATOM   1172 C CE1 . TYR A 1 160 ? -7.794  -2.963  -7.653  1.00 20.00 ? 465 TYR A CE1 1 
ATOM   1173 C CE2 . TYR A 1 160 ? -5.929  -1.488  -7.972  1.00 21.53 ? 465 TYR A CE2 1 
ATOM   1174 C CZ  . TYR A 1 160 ? -7.211  -1.895  -8.309  1.00 21.79 ? 465 TYR A CZ  1 
ATOM   1175 O OH  . TYR A 1 160 ? -7.913  -1.229  -9.294  1.00 24.61 ? 465 TYR A OH  1 
ATOM   1176 N N   . SER A 1 161 ? -5.694  -6.135  -7.531  1.00 19.28 ? 466 SER A N   1 
ATOM   1177 C CA  . SER A 1 161 ? -6.725  -6.923  -8.201  1.00 18.78 ? 466 SER A CA  1 
ATOM   1178 C C   . SER A 1 161 ? -6.394  -8.417  -8.178  1.00 19.64 ? 466 SER A C   1 
ATOM   1179 O O   . SER A 1 161 ? -7.245  -9.251  -7.863  1.00 21.03 ? 466 SER A O   1 
ATOM   1180 C CB  . SER A 1 161 ? -6.904  -6.437  -9.641  1.00 19.56 ? 466 SER A CB  1 
ATOM   1181 O OG  . SER A 1 161 ? -5.652  -6.373  -10.307 1.00 19.80 ? 466 SER A OG  1 
ATOM   1182 N N   . THR A 1 162 ? -5.151  -8.741  -8.512  1.00 17.31 ? 467 THR A N   1 
ATOM   1183 C CA  . THR A 1 162 ? -4.659  -10.118 -8.458  1.00 20.01 ? 467 THR A CA  1 
ATOM   1184 C C   . THR A 1 162 ? -4.776  -10.720 -7.064  1.00 19.91 ? 467 THR A C   1 
ATOM   1185 O O   . THR A 1 162 ? -5.206  -11.860 -6.901  1.00 19.92 ? 467 THR A O   1 
ATOM   1186 C CB  . THR A 1 162 ? -3.188  -10.179 -8.870  1.00 19.42 ? 467 THR A CB  1 
ATOM   1187 O OG1 . THR A 1 162 ? -3.016  -9.452  -10.090 1.00 17.51 ? 467 THR A OG1 1 
ATOM   1188 C CG2 . THR A 1 162 ? -2.746  -11.625 -9.074  1.00 20.13 ? 467 THR A CG2 1 
ATOM   1189 N N   . VAL A 1 163 ? -4.398  -9.945  -6.057  1.00 18.23 ? 468 VAL A N   1 
ATOM   1190 C CA  . VAL A 1 163 ? -4.404  -10.432 -4.687  1.00 17.79 ? 468 VAL A CA  1 
ATOM   1191 C C   . VAL A 1 163 ? -5.830  -10.626 -4.173  1.00 21.02 ? 468 VAL A C   1 
ATOM   1192 O O   . VAL A 1 163 ? -6.136  -11.625 -3.529  1.00 20.37 ? 468 VAL A O   1 
ATOM   1193 C CB  . VAL A 1 163 ? -3.593  -9.501  -3.769  1.00 16.48 ? 468 VAL A CB  1 
ATOM   1194 C CG1 . VAL A 1 163 ? -3.759  -9.892  -2.319  1.00 18.65 ? 468 VAL A CG1 1 
ATOM   1195 C CG2 . VAL A 1 163 ? -2.146  -9.571  -4.157  1.00 16.83 ? 468 VAL A CG2 1 
ATOM   1196 N N   . LEU A 1 164 ? -6.705  -9.681  -4.486  1.00 18.56 ? 469 LEU A N   1 
ATOM   1197 C CA  . LEU A 1 164 ? -8.095  -9.771  -4.078  1.00 20.30 ? 469 LEU A CA  1 
ATOM   1198 C C   . LEU A 1 164 ? -8.776  -10.916 -4.819  1.00 21.71 ? 469 LEU A C   1 
ATOM   1199 O O   . LEU A 1 164 ? -9.463  -11.725 -4.219  1.00 22.38 ? 469 LEU A O   1 
ATOM   1200 C CB  . LEU A 1 164 ? -8.831  -8.454  -4.369  1.00 17.50 ? 469 LEU A CB  1 
ATOM   1201 C CG  . LEU A 1 164 ? -8.489  -7.252  -3.482  1.00 20.52 ? 469 LEU A CG  1 
ATOM   1202 C CD1 . LEU A 1 164 ? -9.082  -5.983  -4.057  1.00 16.64 ? 469 LEU A CD1 1 
ATOM   1203 C CD2 . LEU A 1 164 ? -8.973  -7.480  -2.043  1.00 17.77 ? 469 LEU A CD2 1 
ATOM   1204 N N   . ASN A 1 165 ? -8.593  -10.969 -6.133  1.00 23.04 ? 470 ASN A N   1 
ATOM   1205 C CA  . ASN A 1 165 ? -9.303  -11.943 -6.954  1.00 23.62 ? 470 ASN A CA  1 
ATOM   1206 C C   . ASN A 1 165 ? -8.844  -13.380 -6.684  1.00 24.03 ? 470 ASN A C   1 
ATOM   1207 O O   . ASN A 1 165 ? -9.652  -14.301 -6.682  1.00 26.10 ? 470 ASN A O   1 
ATOM   1208 C CB  . ASN A 1 165 ? -9.168  -11.601 -8.447  1.00 24.20 ? 470 ASN A CB  1 
ATOM   1209 C CG  . ASN A 1 165 ? -9.983  -10.367 -8.855  1.00 29.45 ? 470 ASN A CG  1 
ATOM   1210 O OD1 . ASN A 1 165 ? -10.994 -10.038 -8.232  1.00 25.95 ? 470 ASN A OD1 1 
ATOM   1211 N ND2 . ASN A 1 165 ? -9.548  -9.692  -9.920  1.00 25.39 ? 470 ASN A ND2 1 
ATOM   1212 N N   . LYS A 1 166 ? -7.553  -13.561 -6.431  1.00 22.74 ? 471 LYS A N   1 
ATOM   1213 C CA  . LYS A 1 166 ? -6.965  -14.898 -6.378  1.00 24.87 ? 471 LYS A CA  1 
ATOM   1214 C C   . LYS A 1 166 ? -6.502  -15.350 -4.993  1.00 26.31 ? 471 LYS A C   1 
ATOM   1215 O O   . LYS A 1 166 ? -6.378  -16.548 -4.739  1.00 26.04 ? 471 LYS A O   1 
ATOM   1216 C CB  . LYS A 1 166 ? -5.806  -15.004 -7.379  1.00 24.22 ? 471 LYS A CB  1 
ATOM   1217 C CG  . LYS A 1 166 ? -6.243  -14.877 -8.842  1.00 29.46 ? 471 LYS A CG  1 
ATOM   1218 C CD  . LYS A 1 166 ? -5.048  -14.661 -9.765  1.00 37.07 ? 471 LYS A CD  1 
ATOM   1219 C CE  . LYS A 1 166 ? -5.427  -14.819 -11.239 1.00 38.01 ? 471 LYS A CE  1 
ATOM   1220 N NZ  . LYS A 1 166 ? -6.087  -13.605 -11.792 1.00 36.43 ? 471 LYS A NZ  1 
ATOM   1221 N N   . ILE A 1 167 ? -6.239  -14.406 -4.098  1.00 20.71 ? 472 ILE A N   1 
ATOM   1222 C CA  . ILE A 1 167 ? -5.706  -14.760 -2.783  1.00 22.46 ? 472 ILE A CA  1 
ATOM   1223 C C   . ILE A 1 167 ? -6.717  -14.580 -1.649  1.00 23.46 ? 472 ILE A C   1 
ATOM   1224 O O   . ILE A 1 167 ? -7.156  -15.553 -1.035  1.00 20.52 ? 472 ILE A O   1 
ATOM   1225 C CB  . ILE A 1 167 ? -4.443  -13.936 -2.430  1.00 26.25 ? 472 ILE A CB  1 
ATOM   1226 C CG1 . ILE A 1 167 ? -3.414  -13.982 -3.567  1.00 25.00 ? 472 ILE A CG1 1 
ATOM   1227 C CG2 . ILE A 1 167 ? -3.829  -14.443 -1.143  1.00 24.15 ? 472 ILE A CG2 1 
ATOM   1228 C CD1 . ILE A 1 167 ? -2.777  -15.329 -3.761  1.00 25.27 ? 472 ILE A CD1 1 
ATOM   1229 N N   . THR A 1 168 ? -7.072  -13.330 -1.359  1.00 21.04 ? 473 THR A N   1 
ATOM   1230 C CA  . THR A 1 168 ? -7.896  -13.028 -0.194  1.00 20.99 ? 473 THR A CA  1 
ATOM   1231 C C   . THR A 1 168 ? -9.381  -13.142 -0.481  1.00 19.61 ? 473 THR A C   1 
ATOM   1232 O O   . THR A 1 168 ? -10.166 -13.437 0.420   1.00 25.15 ? 473 THR A O   1 
ATOM   1233 C CB  . THR A 1 168 ? -7.626  -11.604 0.336   1.00 24.59 ? 473 THR A CB  1 
ATOM   1234 O OG1 . THR A 1 168 ? -8.248  -10.647 -0.531  1.00 21.71 ? 473 THR A OG1 1 
ATOM   1235 C CG2 . THR A 1 168 ? -6.128  -11.334 0.407   1.00 23.52 ? 473 THR A CG2 1 
ATOM   1236 N N   . GLY A 1 169 ? -9.765  -12.898 -1.729  1.00 18.46 ? 474 GLY A N   1 
ATOM   1237 C CA  . GLY A 1 169 ? -11.168 -12.781 -2.093  1.00 20.97 ? 474 GLY A CA  1 
ATOM   1238 C C   . GLY A 1 169 ? -11.731 -11.417 -1.714  1.00 24.23 ? 474 GLY A C   1 
ATOM   1239 O O   . GLY A 1 169 ? -11.109 -10.671 -0.959  1.00 21.12 ? 474 GLY A O   1 
ATOM   1240 N N   . GLY A 1 170 ? -12.901 -11.082 -2.246  1.00 20.96 ? 475 GLY A N   1 
ATOM   1241 C CA  . GLY A 1 170 ? -13.582 -9.859  -1.864  1.00 22.85 ? 475 GLY A CA  1 
ATOM   1242 C C   . GLY A 1 170 ? -13.073 -8.614  -2.572  1.00 23.62 ? 475 GLY A C   1 
ATOM   1243 O O   . GLY A 1 170 ? -12.269 -8.702  -3.495  1.00 20.24 ? 475 GLY A O   1 
ATOM   1244 N N   . SER A 1 171 ? -13.552 -7.453  -2.139  1.00 19.12 ? 476 SER A N   1 
ATOM   1245 C CA  . SER A 1 171 ? -13.083 -6.174  -2.669  1.00 25.25 ? 476 SER A CA  1 
ATOM   1246 C C   . SER A 1 171 ? -12.699 -5.220  -1.538  1.00 21.71 ? 476 SER A C   1 
ATOM   1247 O O   . SER A 1 171 ? -12.530 -4.022  -1.762  1.00 20.31 ? 476 SER A O   1 
ATOM   1248 C CB  . SER A 1 171 ? -14.156 -5.519  -3.556  1.00 25.75 ? 476 SER A CB  1 
ATOM   1249 O OG  . SER A 1 171 ? -15.223 -5.004  -2.773  1.00 31.28 ? 476 SER A OG  1 
ATOM   1250 N N   . ARG A 1 172 ? -12.570 -5.753  -0.327  1.00 18.78 ? 477 ARG A N   1 
ATOM   1251 C CA  . ARG A 1 172 ? -12.221 -4.936  0.833   1.00 20.14 ? 477 ARG A CA  1 
ATOM   1252 C C   . ARG A 1 172 ? -10.727 -4.927  1.102   1.00 19.69 ? 477 ARG A C   1 
ATOM   1253 O O   . ARG A 1 172 ? -10.038 -5.903  0.827   1.00 15.95 ? 477 ARG A O   1 
ATOM   1254 C CB  . ARG A 1 172 ? -12.996 -5.402  2.061   1.00 19.41 ? 477 ARG A CB  1 
ATOM   1255 C CG  . ARG A 1 172 ? -14.422 -4.928  2.018   1.00 24.79 ? 477 ARG A CG  1 
ATOM   1256 C CD  . ARG A 1 172 ? -15.348 -5.788  2.835   1.00 27.80 ? 477 ARG A CD  1 
ATOM   1257 N NE  . ARG A 1 172 ? -16.735 -5.461  2.530   1.00 29.01 ? 477 ARG A NE  1 
ATOM   1258 C CZ  . ARG A 1 172 ? -17.497 -4.670  3.277   1.00 35.47 ? 477 ARG A CZ  1 
ATOM   1259 N NH1 . ARG A 1 172 ? -17.006 -4.132  4.389   1.00 31.53 ? 477 ARG A NH1 1 
ATOM   1260 N NH2 . ARG A 1 172 ? -18.752 -4.423  2.919   1.00 32.08 ? 477 ARG A NH2 1 
ATOM   1261 N N   . ILE A 1 173 ? -10.233 -3.814  1.647   1.00 20.38 ? 478 ILE A N   1 
ATOM   1262 C CA  . ILE A 1 173 ? -8.796  -3.594  1.756   1.00 17.65 ? 478 ILE A CA  1 
ATOM   1263 C C   . ILE A 1 173 ? -8.368  -3.001  3.096   1.00 15.58 ? 478 ILE A C   1 
ATOM   1264 O O   . ILE A 1 173 ? -9.200  -2.556  3.882   1.00 18.50 ? 478 ILE A O   1 
ATOM   1265 C CB  . ILE A 1 173 ? -8.313  -2.678  0.623   1.00 17.40 ? 478 ILE A CB  1 
ATOM   1266 C CG1 . ILE A 1 173 ? -9.112  -1.368  0.649   1.00 18.83 ? 478 ILE A CG1 1 
ATOM   1267 C CG2 . ILE A 1 173 ? -8.431  -3.380  -0.717  1.00 14.23 ? 478 ILE A CG2 1 
ATOM   1268 C CD1 . ILE A 1 173 ? -8.852  -0.476  -0.523  1.00 18.22 ? 478 ILE A CD1 1 
ATOM   1269 N N   . GLY A 1 174 ? -7.063  -2.996  3.338   1.00 13.11 ? 479 GLY A N   1 
ATOM   1270 C CA  . GLY A 1 174 ? -6.513  -2.572  4.610   1.00 16.48 ? 479 GLY A CA  1 
ATOM   1271 C C   . GLY A 1 174 ? -6.314  -1.075  4.711   1.00 19.38 ? 479 GLY A C   1 
ATOM   1272 O O   . GLY A 1 174 ? -6.472  -0.492  5.791   1.00 18.38 ? 479 GLY A O   1 
ATOM   1273 N N   . SER A 1 175 ? -5.970  -0.452  3.584   1.00 16.54 ? 480 SER A N   1 
ATOM   1274 C CA  . SER A 1 175 ? -5.803  0.996   3.522   1.00 17.58 ? 480 SER A CA  1 
ATOM   1275 C C   . SER A 1 175 ? -5.802  1.533   2.086   1.00 17.99 ? 480 SER A C   1 
ATOM   1276 O O   . SER A 1 175 ? -5.733  0.777   1.116   1.00 17.63 ? 480 SER A O   1 
ATOM   1277 C CB  . SER A 1 175 ? -4.512  1.418   4.234   1.00 20.42 ? 480 SER A CB  1 
ATOM   1278 O OG  . SER A 1 175 ? -3.362  0.941   3.553   1.00 20.20 ? 480 SER A OG  1 
ATOM   1279 N N   . ILE A 1 176 ? -5.875  2.853   1.974   1.00 17.08 ? 481 ILE A N   1 
ATOM   1280 C CA  . ILE A 1 176 ? -5.831  3.552   0.702   1.00 18.72 ? 481 ILE A CA  1 
ATOM   1281 C C   . ILE A 1 176 ? -4.913  4.753   0.850   1.00 20.57 ? 481 ILE A C   1 
ATOM   1282 O O   . ILE A 1 176 ? -5.136  5.611   1.705   1.00 20.58 ? 481 ILE A O   1 
ATOM   1283 C CB  . ILE A 1 176 ? -7.233  4.096   0.314   1.00 16.91 ? 481 ILE A CB  1 
ATOM   1284 C CG1 . ILE A 1 176 ? -8.233  2.953   0.132   1.00 21.07 ? 481 ILE A CG1 1 
ATOM   1285 C CG2 . ILE A 1 176 ? -7.153  4.948   -0.942  1.00 17.17 ? 481 ILE A CG2 1 
ATOM   1286 C CD1 . ILE A 1 176 ? -9.690  3.413   0.129   1.00 18.34 ? 481 ILE A CD1 1 
ATOM   1287 N N   . THR A 1 177 ? -3.878  4.828   0.032   1.00 18.30 ? 482 THR A N   1 
ATOM   1288 C CA  . THR A 1 177 ? -3.046  6.021   0.042   1.00 22.03 ? 482 THR A CA  1 
ATOM   1289 C C   . THR A 1 177 ? -3.413  6.913   -1.139  1.00 24.62 ? 482 THR A C   1 
ATOM   1290 O O   . THR A 1 177 ? -3.472  6.450   -2.277  1.00 23.90 ? 482 THR A O   1 
ATOM   1291 C CB  . THR A 1 177 ? -1.549  5.684   0.010   1.00 24.48 ? 482 THR A CB  1 
ATOM   1292 O OG1 . THR A 1 177 ? -1.224  4.851   1.133   1.00 25.64 ? 482 THR A OG1 1 
ATOM   1293 C CG2 . THR A 1 177 ? -0.719  6.961   0.073   1.00 25.71 ? 482 THR A CG2 1 
ATOM   1294 N N   . VAL A 1 178 ? -3.679  8.186   -0.853  1.00 21.89 ? 483 VAL A N   1 
ATOM   1295 C CA  . VAL A 1 178 ? -4.034  9.153   -1.883  1.00 23.47 ? 483 VAL A CA  1 
ATOM   1296 C C   . VAL A 1 178 ? -2.911  10.173  -2.029  1.00 26.10 ? 483 VAL A C   1 
ATOM   1297 O O   . VAL A 1 178 ? -2.281  10.562  -1.045  1.00 27.24 ? 483 VAL A O   1 
ATOM   1298 C CB  . VAL A 1 178 ? -5.365  9.898   -1.570  1.00 25.05 ? 483 VAL A CB  1 
ATOM   1299 C CG1 . VAL A 1 178 ? -6.496  8.918   -1.279  1.00 24.02 ? 483 VAL A CG1 1 
ATOM   1300 C CG2 . VAL A 1 178 ? -5.189  10.847  -0.413  1.00 28.84 ? 483 VAL A CG2 1 
ATOM   1301 N N   . LYS A 1 179 ? -2.650  10.584  -3.265  1.00 26.79 ? 484 LYS A N   1 
ATOM   1302 C CA  . LYS A 1 179 ? -1.716  11.669  -3.522  1.00 29.39 ? 484 LYS A CA  1 
ATOM   1303 C C   . LYS A 1 179 ? -2.558  12.900  -3.780  1.00 33.58 ? 484 LYS A C   1 
ATOM   1304 O O   . LYS A 1 179 ? -3.407  12.905  -4.674  1.00 29.36 ? 484 LYS A O   1 
ATOM   1305 C CB  . LYS A 1 179 ? -0.849  11.364  -4.740  1.00 33.16 ? 484 LYS A CB  1 
ATOM   1306 C CG  . LYS A 1 179 ? 0.578   11.900  -4.661  1.00 37.92 ? 484 LYS A CG  1 
ATOM   1307 C CD  . LYS A 1 179 ? 0.640   13.415  -4.798  1.00 41.97 ? 484 LYS A CD  1 
ATOM   1308 C CE  . LYS A 1 179 ? 2.084   13.880  -4.984  1.00 47.88 ? 484 LYS A CE  1 
ATOM   1309 N NZ  . LYS A 1 179 ? 2.206   15.354  -5.188  1.00 59.92 ? 484 LYS A NZ  1 
ATOM   1310 N N   . ILE A 1 180 ? -2.331  13.930  -2.972  1.00 35.05 ? 485 ILE A N   1 
ATOM   1311 C CA  . ILE A 1 180 ? -3.100  15.166  -3.039  1.00 35.93 ? 485 ILE A CA  1 
ATOM   1312 C C   . ILE A 1 180 ? -2.596  16.066  -4.172  1.00 36.76 ? 485 ILE A C   1 
ATOM   1313 O O   . ILE A 1 180 ? -1.393  16.130  -4.434  1.00 40.05 ? 485 ILE A O   1 
ATOM   1314 C CB  . ILE A 1 180 ? -3.026  15.909  -1.683  1.00 36.32 ? 485 ILE A CB  1 
ATOM   1315 C CG1 . ILE A 1 180 ? -3.918  15.219  -0.657  1.00 36.20 ? 485 ILE A CG1 1 
ATOM   1316 C CG2 . ILE A 1 180 ? -3.447  17.343  -1.816  1.00 38.50 ? 485 ILE A CG2 1 
ATOM   1317 C CD1 . ILE A 1 180 ? -5.354  15.080  -1.107  1.00 30.84 ? 485 ILE A CD1 1 
ATOM   1318 N N   . SER A 1 181 ? -3.522  16.732  -4.858  1.00 36.99 ? 486 SER A N   1 
ATOM   1319 C CA  . SER A 1 181 ? -3.159  17.712  -5.880  1.00 46.42 ? 486 SER A CA  1 
ATOM   1320 C C   . SER A 1 181 ? -2.136  18.690  -5.314  1.00 45.97 ? 486 SER A C   1 
ATOM   1321 O O   . SER A 1 181 ? -2.260  19.151  -4.178  1.00 40.92 ? 486 SER A O   1 
ATOM   1322 C CB  . SER A 1 181 ? -4.393  18.478  -6.382  1.00 45.21 ? 486 SER A CB  1 
ATOM   1323 O OG  . SER A 1 181 ? -5.314  17.615  -7.036  1.00 44.59 ? 486 SER A OG  1 
ATOM   1324 N N   . ASP A 1 182 ? -1.123  19.001  -6.115  1.00 50.33 ? 487 ASP A N   1 
ATOM   1325 C CA  . ASP A 1 182 ? -0.052  19.888  -5.685  1.00 52.84 ? 487 ASP A CA  1 
ATOM   1326 C C   . ASP A 1 182 ? -0.580  21.257  -5.241  1.00 48.74 ? 487 ASP A C   1 
ATOM   1327 O O   . ASP A 1 182 ? -0.036  21.872  -4.325  1.00 52.43 ? 487 ASP A O   1 
ATOM   1328 C CB  . ASP A 1 182 ? 0.979   20.057  -6.811  1.00 62.51 ? 487 ASP A CB  1 
ATOM   1329 C CG  . ASP A 1 182 ? 1.436   18.724  -7.399  1.00 68.42 ? 487 ASP A CG  1 
ATOM   1330 O OD1 . ASP A 1 182 ? 1.953   18.725  -8.541  1.00 71.49 ? 487 ASP A OD1 1 
ATOM   1331 O OD2 . ASP A 1 182 ? 1.279   17.679  -6.726  1.00 64.89 ? 487 ASP A OD2 1 
ATOM   1332 N N   . ASP A 1 183 ? -1.648  21.724  -5.882  1.00 47.28 ? 488 ASP A N   1 
ATOM   1333 C CA  . ASP A 1 183 ? -2.136  23.081  -5.647  1.00 48.72 ? 488 ASP A CA  1 
ATOM   1334 C C   . ASP A 1 183 ? -3.342  23.190  -4.707  1.00 49.27 ? 488 ASP A C   1 
ATOM   1335 O O   . ASP A 1 183 ? -4.093  24.162  -4.782  1.00 47.60 ? 488 ASP A O   1 
ATOM   1336 C CB  . ASP A 1 183 ? -2.439  23.786  -6.979  1.00 42.00 ? 488 ASP A CB  1 
ATOM   1337 C CG  . ASP A 1 183 ? -3.455  23.032  -7.827  1.00 53.23 ? 488 ASP A CG  1 
ATOM   1338 O OD1 . ASP A 1 183 ? -4.365  22.401  -7.248  1.00 51.59 ? 488 ASP A OD1 1 
ATOM   1339 O OD2 . ASP A 1 183 ? -3.342  23.070  -9.073  1.00 55.87 ? 488 ASP A OD2 1 
ATOM   1340 N N   . VAL A 1 184 ? -3.525  22.216  -3.817  1.00 47.56 ? 489 VAL A N   1 
ATOM   1341 C CA  . VAL A 1 184 ? -4.651  22.273  -2.879  1.00 42.64 ? 489 VAL A CA  1 
ATOM   1342 C C   . VAL A 1 184 ? -4.213  22.253  -1.417  1.00 39.66 ? 489 VAL A C   1 
ATOM   1343 O O   . VAL A 1 184 ? -3.236  21.590  -1.054  1.00 39.84 ? 489 VAL A O   1 
ATOM   1344 C CB  . VAL A 1 184 ? -5.685  21.141  -3.126  1.00 46.09 ? 489 VAL A CB  1 
ATOM   1345 C CG1 . VAL A 1 184 ? -5.025  19.793  -3.023  1.00 41.46 ? 489 VAL A CG1 1 
ATOM   1346 C CG2 . VAL A 1 184 ? -6.831  21.231  -2.123  1.00 42.23 ? 489 VAL A CG2 1 
ATOM   1347 N N   . ASN A 1 185 ? -4.949  22.994  -0.594  1.00 34.53 ? 490 ASN A N   1 
ATOM   1348 C CA  . ASN A 1 185 ? -4.710  23.078  0.845   1.00 35.92 ? 490 ASN A CA  1 
ATOM   1349 C C   . ASN A 1 185 ? -4.878  21.724  1.539   1.00 34.16 ? 490 ASN A C   1 
ATOM   1350 O O   . ASN A 1 185 ? -5.976  21.172  1.590   1.00 30.86 ? 490 ASN A O   1 
ATOM   1351 C CB  . ASN A 1 185 ? -5.667  24.109  1.457   1.00 34.64 ? 490 ASN A CB  1 
ATOM   1352 C CG  . ASN A 1 185 ? -5.441  24.318  2.945   1.00 38.71 ? 490 ASN A CG  1 
ATOM   1353 O OD1 . ASN A 1 185 ? -5.493  23.374  3.744   1.00 34.84 ? 490 ASN A OD1 1 
ATOM   1354 N ND2 . ASN A 1 185 ? -5.212  25.569  3.329   1.00 36.13 ? 490 ASN A ND2 1 
ATOM   1355 N N   . SER A 1 186 ? -3.782  21.202  2.078   1.00 34.93 ? 491 SER A N   1 
ATOM   1356 C CA  . SER A 1 186 ? -3.763  19.872  2.677   1.00 33.72 ? 491 SER A CA  1 
ATOM   1357 C C   . SER A 1 186 ? -4.855  19.681  3.736   1.00 32.53 ? 491 SER A C   1 
ATOM   1358 O O   . SER A 1 186 ? -5.469  18.617  3.820   1.00 27.35 ? 491 SER A O   1 
ATOM   1359 C CB  . SER A 1 186 ? -2.383  19.597  3.275   1.00 36.11 ? 491 SER A CB  1 
ATOM   1360 O OG  . SER A 1 186 ? -2.306  18.294  3.815   1.00 45.39 ? 491 SER A OG  1 
ATOM   1361 N N   . THR A 1 187 ? -5.095  20.713  4.538   1.00 28.91 ? 492 THR A N   1 
ATOM   1362 C CA  . THR A 1 187 ? -6.128  20.652  5.562   1.00 25.61 ? 492 THR A CA  1 
ATOM   1363 C C   . THR A 1 187 ? -7.527  20.548  4.953   1.00 29.14 ? 492 THR A C   1 
ATOM   1364 O O   . THR A 1 187 ? -8.385  19.822  5.458   1.00 24.11 ? 492 THR A O   1 
ATOM   1365 C CB  . THR A 1 187 ? -6.081  21.882  6.483   1.00 32.06 ? 492 THR A CB  1 
ATOM   1366 O OG1 . THR A 1 187 ? -4.902  21.832  7.304   1.00 34.85 ? 492 THR A OG1 1 
ATOM   1367 C CG2 . THR A 1 187 ? -7.299  21.909  7.366   1.00 34.11 ? 492 THR A CG2 1 
ATOM   1368 N N   . VAL A 1 188 ? -7.755  21.283  3.868   1.00 30.12 ? 493 VAL A N   1 
ATOM   1369 C CA  . VAL A 1 188 ? -9.046  21.253  3.187   1.00 29.28 ? 493 VAL A CA  1 
ATOM   1370 C C   . VAL A 1 188 ? -9.250  19.901  2.508   1.00 27.24 ? 493 VAL A C   1 
ATOM   1371 O O   . VAL A 1 188 ? -10.343 19.342  2.533   1.00 25.60 ? 493 VAL A O   1 
ATOM   1372 C CB  . VAL A 1 188 ? -9.157  22.367  2.126   1.00 32.54 ? 493 VAL A CB  1 
ATOM   1373 C CG1 . VAL A 1 188 ? -10.388 22.152  1.262   1.00 31.81 ? 493 VAL A CG1 1 
ATOM   1374 C CG2 . VAL A 1 188 ? -9.181  23.746  2.789   1.00 31.50 ? 493 VAL A CG2 1 
ATOM   1375 N N   . ALA A 1 189 ? -8.184  19.377  1.910   1.00 25.97 ? 494 ALA A N   1 
ATOM   1376 C CA  . ALA A 1 189 ? -8.241  18.083  1.239   1.00 25.71 ? 494 ALA A CA  1 
ATOM   1377 C C   . ALA A 1 189 ? -8.579  16.967  2.223   1.00 26.44 ? 494 ALA A C   1 
ATOM   1378 O O   . ALA A 1 189 ? -9.395  16.091  1.926   1.00 26.57 ? 494 ALA A O   1 
ATOM   1379 C CB  . ALA A 1 189 ? -6.934  17.792  0.533   1.00 28.60 ? 494 ALA A CB  1 
ATOM   1380 N N   . GLU A 1 190 ? -7.956  16.999  3.397   1.00 25.59 ? 495 GLU A N   1 
ATOM   1381 C CA  . GLU A 1 190 ? -8.259  16.002  4.416   1.00 27.47 ? 495 GLU A CA  1 
ATOM   1382 C C   . GLU A 1 190 ? -9.740  16.055  4.752   1.00 25.07 ? 495 GLU A C   1 
ATOM   1383 O O   . GLU A 1 190 ? -10.403 15.023  4.812   1.00 26.32 ? 495 GLU A O   1 
ATOM   1384 C CB  . GLU A 1 190 ? -7.421  16.207  5.682   1.00 25.63 ? 495 GLU A CB  1 
ATOM   1385 C CG  . GLU A 1 190 ? -7.836  15.297  6.831   1.00 32.09 ? 495 GLU A CG  1 
ATOM   1386 C CD  . GLU A 1 190 ? -6.820  15.264  7.963   1.00 36.87 ? 495 GLU A CD  1 
ATOM   1387 O OE1 . GLU A 1 190 ? -5.652  15.653  7.731   1.00 35.79 ? 495 GLU A OE1 1 
ATOM   1388 O OE2 . GLU A 1 190 ? -7.193  14.847  9.082   1.00 35.24 ? 495 GLU A OE2 1 
ATOM   1389 N N   . LYS A 1 191 ? -10.260 17.264  4.946   1.00 22.34 ? 496 LYS A N   1 
ATOM   1390 C CA  . LYS A 1 191 ? -11.654 17.439  5.339   1.00 23.37 ? 496 LYS A CA  1 
ATOM   1391 C C   . LYS A 1 191 ? -12.630 16.919  4.290   1.00 24.74 ? 496 LYS A C   1 
ATOM   1392 O O   . LYS A 1 191 ? -13.598 16.245  4.630   1.00 25.88 ? 496 LYS A O   1 
ATOM   1393 C CB  . LYS A 1 191 ? -11.958 18.910  5.638   1.00 31.18 ? 496 LYS A CB  1 
ATOM   1394 C CG  . LYS A 1 191 ? -11.334 19.423  6.926   1.00 37.11 ? 496 LYS A CG  1 
ATOM   1395 C CD  . LYS A 1 191 ? -11.676 20.890  7.163   1.00 42.64 ? 496 LYS A CD  1 
ATOM   1396 C CE  . LYS A 1 191 ? -13.187 21.105  7.273   1.00 52.92 ? 496 LYS A CE  1 
ATOM   1397 N NZ  . LYS A 1 191 ? -13.549 22.557  7.402   1.00 55.52 ? 496 LYS A NZ  1 
ATOM   1398 N N   . SER A 1 192 ? -12.395 17.259  3.026   1.00 22.39 ? 497 SER A N   1 
ATOM   1399 C CA  . SER A 1 192 ? -13.260 16.786  1.945   1.00 26.88 ? 497 SER A CA  1 
ATOM   1400 C C   . SER A 1 192 ? -13.222 15.262  1.878   1.00 26.75 ? 497 SER A C   1 
ATOM   1401 O O   . SER A 1 192 ? -14.246 14.598  1.724   1.00 26.66 ? 497 SER A O   1 
ATOM   1402 C CB  . SER A 1 192 ? -12.799 17.352  0.601   1.00 29.20 ? 497 SER A CB  1 
ATOM   1403 O OG  . SER A 1 192 ? -12.576 18.748  0.671   1.00 33.12 ? 497 SER A OG  1 
ATOM   1404 N N   . LEU A 1 193 ? -12.016 14.723  1.990   1.00 22.53 ? 498 LEU A N   1 
ATOM   1405 C CA  . LEU A 1 193 ? -11.778 13.296  1.913   1.00 25.41 ? 498 LEU A CA  1 
ATOM   1406 C C   . LEU A 1 193 ? -12.506 12.583  3.053   1.00 25.41 ? 498 LEU A C   1 
ATOM   1407 O O   . LEU A 1 193 ? -13.154 11.558  2.847   1.00 23.21 ? 498 LEU A O   1 
ATOM   1408 C CB  . LEU A 1 193 ? -10.273 13.055  1.988   1.00 27.94 ? 498 LEU A CB  1 
ATOM   1409 C CG  . LEU A 1 193 ? -9.695  11.756  1.461   1.00 34.55 ? 498 LEU A CG  1 
ATOM   1410 C CD1 . LEU A 1 193 ? -8.178  11.875  1.412   1.00 36.17 ? 498 LEU A CD1 1 
ATOM   1411 C CD2 . LEU A 1 193 ? -10.122 10.618  2.355   1.00 31.09 ? 498 LEU A CD2 1 
ATOM   1412 N N   . THR A 1 194 ? -12.397 13.142  4.255   1.00 24.58 ? 499 THR A N   1 
ATOM   1413 C CA  . THR A 1 194 ? -13.087 12.612  5.428   1.00 20.93 ? 499 THR A CA  1 
ATOM   1414 C C   . THR A 1 194 ? -14.594 12.649  5.252   1.00 24.53 ? 499 THR A C   1 
ATOM   1415 O O   . THR A 1 194 ? -15.288 11.679  5.538   1.00 23.29 ? 499 THR A O   1 
ATOM   1416 C CB  . THR A 1 194 ? -12.745 13.406  6.685   1.00 21.54 ? 499 THR A CB  1 
ATOM   1417 O OG1 . THR A 1 194 ? -11.346 13.282  6.960   1.00 28.11 ? 499 THR A OG1 1 
ATOM   1418 C CG2 . THR A 1 194 ? -13.548 12.889  7.876   1.00 24.94 ? 499 THR A CG2 1 
ATOM   1419 N N   . GLU A 1 195 ? -15.115 13.774  4.787   1.00 24.30 ? 500 GLU A N   1 
ATOM   1420 C CA  . GLU A 1 195 ? -16.555 13.874  4.606   1.00 27.15 ? 500 GLU A CA  1 
ATOM   1421 C C   . GLU A 1 195 ? -17.076 12.902  3.551   1.00 23.31 ? 500 GLU A C   1 
ATOM   1422 O O   . GLU A 1 195 ? -18.118 12.286  3.744   1.00 23.45 ? 500 GLU A O   1 
ATOM   1423 C CB  . GLU A 1 195 ? -16.979 15.317  4.320   1.00 28.23 ? 500 GLU A CB  1 
ATOM   1424 C CG  . GLU A 1 195 ? -16.986 16.161  5.580   1.00 30.60 ? 500 GLU A CG  1 
ATOM   1425 C CD  . GLU A 1 195 ? -17.605 15.417  6.765   1.00 39.59 ? 500 GLU A CD  1 
ATOM   1426 O OE1 . GLU A 1 195 ? -18.742 14.912  6.625   1.00 42.89 ? 500 GLU A OE1 1 
ATOM   1427 O OE2 . GLU A 1 195 ? -16.955 15.332  7.835   1.00 37.20 ? 500 GLU A OE2 1 
ATOM   1428 N N   . LEU A 1 196 ? -16.340 12.749  2.451   1.00 21.85 ? 501 LEU A N   1 
ATOM   1429 C CA  . LEU A 1 196 ? -16.754 11.834  1.393   1.00 23.74 ? 501 LEU A CA  1 
ATOM   1430 C C   . LEU A 1 196 ? -16.811 10.388  1.901   1.00 25.83 ? 501 LEU A C   1 
ATOM   1431 O O   . LEU A 1 196 ? -17.812 9.690   1.704   1.00 22.48 ? 501 LEU A O   1 
ATOM   1432 C CB  . LEU A 1 196 ? -15.831 11.944  0.178   1.00 25.85 ? 501 LEU A CB  1 
ATOM   1433 C CG  . LEU A 1 196 ? -16.076 11.002  -1.010  1.00 23.22 ? 501 LEU A CG  1 
ATOM   1434 C CD1 . LEU A 1 196 ? -17.486 11.141  -1.568  1.00 22.24 ? 501 LEU A CD1 1 
ATOM   1435 C CD2 . LEU A 1 196 ? -15.044 11.262  -2.104  1.00 24.50 ? 501 LEU A CD2 1 
ATOM   1436 N N   . LEU A 1 197 ? -15.746 9.951   2.574   1.00 24.75 ? 502 LEU A N   1 
ATOM   1437 C CA  . LEU A 1 197 ? -15.681 8.583   3.095   1.00 24.65 ? 502 LEU A CA  1 
ATOM   1438 C C   . LEU A 1 197 ? -16.705 8.295   4.184   1.00 23.14 ? 502 LEU A C   1 
ATOM   1439 O O   . LEU A 1 197 ? -17.227 7.183   4.254   1.00 24.00 ? 502 LEU A O   1 
ATOM   1440 C CB  . LEU A 1 197 ? -14.276 8.249   3.597   1.00 23.03 ? 502 LEU A CB  1 
ATOM   1441 C CG  . LEU A 1 197 ? -13.265 7.892   2.516   1.00 23.64 ? 502 LEU A CG  1 
ATOM   1442 C CD1 . LEU A 1 197 ? -11.870 7.979   3.083   1.00 28.51 ? 502 LEU A CD1 1 
ATOM   1443 C CD2 . LEU A 1 197 ? -13.537 6.494   1.963   1.00 29.44 ? 502 LEU A CD2 1 
ATOM   1444 N N   . LYS A 1 198 ? -16.969 9.274   5.049   1.00 20.81 ? 503 LYS A N   1 
ATOM   1445 C CA  . LYS A 1 198 ? -18.077 9.169   6.004   1.00 24.23 ? 503 LYS A CA  1 
ATOM   1446 C C   . LYS A 1 198 ? -19.415 8.973   5.286   1.00 21.12 ? 503 LYS A C   1 
ATOM   1447 O O   . LYS A 1 198 ? -20.220 8.138   5.685   1.00 23.89 ? 503 LYS A O   1 
ATOM   1448 C CB  . LYS A 1 198 ? -18.160 10.405  6.908   1.00 27.54 ? 503 LYS A CB  1 
ATOM   1449 C CG  . LYS A 1 198 ? -16.954 10.596  7.811   1.00 32.72 ? 503 LYS A CG  1 
ATOM   1450 C CD  . LYS A 1 198 ? -16.958 11.954  8.497   1.00 37.68 ? 503 LYS A CD  1 
ATOM   1451 C CE  . LYS A 1 198 ? -18.046 12.047  9.554   1.00 40.64 ? 503 LYS A CE  1 
ATOM   1452 N NZ  . LYS A 1 198 ? -17.847 13.266  10.399  1.00 52.83 ? 503 LYS A NZ  1 
ATOM   1453 N N   . SER A 1 199 ? -19.647 9.760   4.240   1.00 24.70 ? 504 SER A N   1 
ATOM   1454 C CA  . SER A 1 199 ? -20.855 9.652   3.422   1.00 23.37 ? 504 SER A CA  1 
ATOM   1455 C C   . SER A 1 199 ? -20.954 8.259   2.794   1.00 22.22 ? 504 SER A C   1 
ATOM   1456 O O   . SER A 1 199 ? -22.023 7.638   2.769   1.00 20.53 ? 504 SER A O   1 
ATOM   1457 C CB  . SER A 1 199 ? -20.829 10.716  2.322   1.00 21.97 ? 504 SER A CB  1 
ATOM   1458 O OG  . SER A 1 199 ? -22.009 10.692  1.539   1.00 23.44 ? 504 SER A OG  1 
ATOM   1459 N N   . LEU A 1 200 ? -19.827 7.785   2.278   1.00 22.14 ? 505 LEU A N   1 
ATOM   1460 C CA  . LEU A 1 200 ? -19.748 6.469   1.655   1.00 22.44 ? 505 LEU A CA  1 
ATOM   1461 C C   . LEU A 1 200 ? -20.046 5.363   2.657   1.00 22.13 ? 505 LEU A C   1 
ATOM   1462 O O   . LEU A 1 200 ? -20.892 4.498   2.408   1.00 23.54 ? 505 LEU A O   1 
ATOM   1463 C CB  . LEU A 1 200 ? -18.350 6.259   1.085   1.00 21.32 ? 505 LEU A CB  1 
ATOM   1464 C CG  . LEU A 1 200 ? -18.104 6.215   -0.422  1.00 23.42 ? 505 LEU A CG  1 
ATOM   1465 C CD1 . LEU A 1 200 ? -19.250 6.768   -1.220  1.00 23.71 ? 505 LEU A CD1 1 
ATOM   1466 C CD2 . LEU A 1 200 ? -16.789 6.922   -0.748  1.00 20.65 ? 505 LEU A CD2 1 
ATOM   1467 N N   . HIS A 1 201 ? -19.348 5.393   3.788   1.00 21.55 ? 506 HIS A N   1 
ATOM   1468 C CA  . HIS A 1 201 ? -19.451 4.332   4.795   1.00 22.67 ? 506 HIS A CA  1 
ATOM   1469 C C   . HIS A 1 201 ? -20.658 4.476   5.707   1.00 23.71 ? 506 HIS A C   1 
ATOM   1470 O O   . HIS A 1 201 ? -21.062 3.517   6.365   1.00 26.05 ? 506 HIS A O   1 
ATOM   1471 C CB  . HIS A 1 201 ? -18.184 4.285   5.656   1.00 23.45 ? 506 HIS A CB  1 
ATOM   1472 C CG  . HIS A 1 201 ? -16.990 3.739   4.940   1.00 24.71 ? 506 HIS A CG  1 
ATOM   1473 N ND1 . HIS A 1 201 ? -15.825 3.378   5.593   1.00 20.23 ? 506 HIS A ND1 1 
ATOM   1474 C CD2 . HIS A 1 201 ? -16.789 3.456   3.632   1.00 19.85 ? 506 HIS A CD2 1 
ATOM   1475 C CE1 . HIS A 1 201 ? -14.950 2.932   4.712   1.00 19.12 ? 506 HIS A CE1 1 
ATOM   1476 N NE2 . HIS A 1 201 ? -15.509 2.967   3.513   1.00 21.24 ? 506 HIS A NE2 1 
ATOM   1477 N N   . GLY A 1 202 ? -21.221 5.678   5.762   1.00 24.60 ? 507 GLY A N   1 
ATOM   1478 C CA  . GLY A 1 202 ? -22.336 5.954   6.650   1.00 24.19 ? 507 GLY A CA  1 
ATOM   1479 C C   . GLY A 1 202 ? -21.907 6.287   8.069   1.00 29.01 ? 507 GLY A C   1 
ATOM   1480 O O   . GLY A 1 202 ? -22.754 6.526   8.930   1.00 28.76 ? 507 GLY A O   1 
ATOM   1481 N N   . LYS A 1 203 ? -20.595 6.309   8.305   1.00 26.36 ? 508 LYS A N   1 
ATOM   1482 C CA  . LYS A 1 203 ? -20.033 6.564   9.634   1.00 27.49 ? 508 LYS A CA  1 
ATOM   1483 C C   . LYS A 1 203 ? -18.509 6.694   9.575   1.00 30.05 ? 508 LYS A C   1 
ATOM   1484 O O   . LYS A 1 203 ? -17.867 6.227   8.631   1.00 30.42 ? 508 LYS A O   1 
ATOM   1485 C CB  . LYS A 1 203 ? -20.398 5.433   10.603  1.00 28.61 ? 508 LYS A CB  1 
ATOM   1486 C CG  . LYS A 1 203 ? -19.717 4.100   10.283  1.00 30.68 ? 508 LYS A CG  1 
ATOM   1487 C CD  . LYS A 1 203 ? -20.077 3.039   11.305  1.00 34.05 ? 508 LYS A CD  1 
ATOM   1488 C CE  . LYS A 1 203 ? -19.052 1.905   11.331  1.00 45.66 ? 508 LYS A CE  1 
ATOM   1489 N NZ  . LYS A 1 203 ? -19.106 1.008   10.131  1.00 40.47 ? 508 LYS A NZ  1 
ATOM   1490 N N   . LYS A 1 204 ? -17.929 7.313   10.597  1.00 26.26 ? 509 LYS A N   1 
ATOM   1491 C CA  . LYS A 1 204 ? -16.481 7.472   10.656  1.00 28.55 ? 509 LYS A CA  1 
ATOM   1492 C C   . LYS A 1 204 ? -15.857 6.216   11.256  1.00 32.07 ? 509 LYS A C   1 
ATOM   1493 O O   . LYS A 1 204 ? -15.711 6.098   12.473  1.00 27.16 ? 509 LYS A O   1 
ATOM   1494 C CB  . LYS A 1 204 ? -16.097 8.717   11.470  1.00 29.72 ? 509 LYS A CB  1 
ATOM   1495 C CG  . LYS A 1 204 ? -14.598 8.940   11.606  1.00 33.17 ? 509 LYS A CG  1 
ATOM   1496 C CD  . LYS A 1 204 ? -14.087 9.972   10.624  1.00 30.72 ? 509 LYS A CD  1 
ATOM   1497 C CE  . LYS A 1 204 ? -12.579 10.138  10.713  1.00 31.16 ? 509 LYS A CE  1 
ATOM   1498 N NZ  . LYS A 1 204 ? -12.105 10.020  12.111  1.00 40.70 ? 509 LYS A NZ  1 
ATOM   1499 N N   . ASP A 1 205 ? -15.510 5.275   10.383  1.00 27.21 ? 510 ASP A N   1 
ATOM   1500 C CA  . ASP A 1 205 ? -14.942 4.010   10.800  1.00 24.68 ? 510 ASP A CA  1 
ATOM   1501 C C   . ASP A 1 205 ? -13.573 3.825   10.164  1.00 26.76 ? 510 ASP A C   1 
ATOM   1502 O O   . ASP A 1 205 ? -13.179 2.711   9.820   1.00 27.65 ? 510 ASP A O   1 
ATOM   1503 C CB  . ASP A 1 205 ? -15.875 2.860   10.416  1.00 25.41 ? 510 ASP A CB  1 
ATOM   1504 C CG  . ASP A 1 205 ? -16.134 2.793   8.926   1.00 26.32 ? 510 ASP A CG  1 
ATOM   1505 O OD1 . ASP A 1 205 ? -15.458 3.514   8.170   1.00 25.04 ? 510 ASP A OD1 1 
ATOM   1506 O OD2 . ASP A 1 205 ? -17.013 2.011   8.510   1.00 28.05 ? 510 ASP A OD2 1 
ATOM   1507 N N   . PHE A 1 206 ? -12.855 4.932   10.016  1.00 24.18 ? 511 PHE A N   1 
ATOM   1508 C CA  . PHE A 1 206 ? -11.546 4.947   9.372   1.00 21.99 ? 511 PHE A CA  1 
ATOM   1509 C C   . PHE A 1 206 ? -10.799 6.110   9.976   1.00 22.89 ? 511 PHE A C   1 
ATOM   1510 O O   . PHE A 1 206 ? -11.397 6.957   10.637  1.00 25.10 ? 511 PHE A O   1 
ATOM   1511 C CB  . PHE A 1 206 ? -11.701 5.193   7.868   1.00 22.57 ? 511 PHE A CB  1 
ATOM   1512 C CG  . PHE A 1 206 ? -12.426 6.468   7.543   1.00 23.40 ? 511 PHE A CG  1 
ATOM   1513 C CD1 . PHE A 1 206 ? -11.736 7.670   7.433   1.00 23.13 ? 511 PHE A CD1 1 
ATOM   1514 C CD2 . PHE A 1 206 ? -13.799 6.472   7.370   1.00 22.66 ? 511 PHE A CD2 1 
ATOM   1515 C CE1 . PHE A 1 206 ? -12.406 8.857   7.143   1.00 22.05 ? 511 PHE A CE1 1 
ATOM   1516 C CE2 . PHE A 1 206 ? -14.480 7.648   7.084   1.00 24.14 ? 511 PHE A CE2 1 
ATOM   1517 C CZ  . PHE A 1 206 ? -13.781 8.847   6.973   1.00 26.12 ? 511 PHE A CZ  1 
ATOM   1518 N N   . PHE A 1 207 ? -9.495  6.169   9.750   1.00 23.83 ? 512 PHE A N   1 
ATOM   1519 C CA  . PHE A 1 207 ? -8.728  7.327   10.185  1.00 26.38 ? 512 PHE A CA  1 
ATOM   1520 C C   . PHE A 1 207 ? -7.665  7.642   9.150   1.00 29.84 ? 512 PHE A C   1 
ATOM   1521 O O   . PHE A 1 207 ? -7.299  6.784   8.345   1.00 26.10 ? 512 PHE A O   1 
ATOM   1522 C CB  . PHE A 1 207 ? -8.117  7.112   11.573  1.00 27.95 ? 512 PHE A CB  1 
ATOM   1523 C CG  . PHE A 1 207 ? -7.172  5.944   11.662  1.00 29.30 ? 512 PHE A CG  1 
ATOM   1524 C CD1 . PHE A 1 207 ? -5.800  6.147   11.697  1.00 29.14 ? 512 PHE A CD1 1 
ATOM   1525 C CD2 . PHE A 1 207 ? -7.653  4.645   11.734  1.00 27.46 ? 512 PHE A CD2 1 
ATOM   1526 C CE1 . PHE A 1 207 ? -4.926  5.076   11.791  1.00 30.75 ? 512 PHE A CE1 1 
ATOM   1527 C CE2 . PHE A 1 207 ? -6.780  3.567   11.834  1.00 27.45 ? 512 PHE A CE2 1 
ATOM   1528 C CZ  . PHE A 1 207 ? -5.418  3.784   11.862  1.00 29.59 ? 512 PHE A CZ  1 
ATOM   1529 N N   . ILE A 1 208 ? -7.187  8.881   9.163   1.00 28.49 ? 513 ILE A N   1 
ATOM   1530 C CA  . ILE A 1 208 ? -6.261  9.351   8.146   1.00 25.53 ? 513 ILE A CA  1 
ATOM   1531 C C   . ILE A 1 208 ? -4.908  9.672   8.760   1.00 27.83 ? 513 ILE A C   1 
ATOM   1532 O O   . ILE A 1 208 ? -4.825  10.306  9.812   1.00 30.13 ? 513 ILE A O   1 
ATOM   1533 C CB  . ILE A 1 208 ? -6.831  10.580  7.417   1.00 29.38 ? 513 ILE A CB  1 
ATOM   1534 C CG1 . ILE A 1 208 ? -8.186  10.236  6.792   1.00 26.55 ? 513 ILE A CG1 1 
ATOM   1535 C CG2 . ILE A 1 208 ? -5.854  11.081  6.361   1.00 32.50 ? 513 ILE A CG2 1 
ATOM   1536 C CD1 . ILE A 1 208 ? -8.696  11.278  5.815   1.00 29.84 ? 513 ILE A CD1 1 
ATOM   1537 N N   . MET A 1 209 ? -3.853  9.199   8.103   1.00 31.59 ? 514 MET A N   1 
ATOM   1538 C CA  . MET A 1 209 ? -2.484  9.443   8.528   1.00 31.00 ? 514 MET A CA  1 
ATOM   1539 C C   . MET A 1 209 ? -1.827  10.364  7.517   1.00 29.83 ? 514 MET A C   1 
ATOM   1540 O O   . MET A 1 209 ? -1.818  10.077  6.325   1.00 30.00 ? 514 MET A O   1 
ATOM   1541 C CB  . MET A 1 209 ? -1.688  8.140   8.566   1.00 30.04 ? 514 MET A CB  1 
ATOM   1542 C CG  . MET A 1 209 ? -2.184  7.096   9.535   1.00 36.38 ? 514 MET A CG  1 
ATOM   1543 S SD  . MET A 1 209 ? -1.430  7.273   11.158  1.00 51.19 ? 514 MET A SD  1 
ATOM   1544 C CE  . MET A 1 209 ? -2.748  8.071   12.070  1.00 41.64 ? 514 MET A CE  1 
ATOM   1545 N N   . ASN A 1 210 ? -1.271  11.468  8.002   1.00 36.46 ? 515 ASN A N   1 
ATOM   1546 C CA  . ASN A 1 210 ? -0.511  12.385  7.167   1.00 32.79 ? 515 ASN A CA  1 
ATOM   1547 C C   . ASN A 1 210 ? 0.434   13.217  8.019   1.00 35.18 ? 515 ASN A C   1 
ATOM   1548 O O   . ASN A 1 210 ? 0.575   12.973  9.219   1.00 34.44 ? 515 ASN A O   1 
ATOM   1549 C CB  . ASN A 1 210 ? -1.446  13.287  6.357   1.00 31.03 ? 515 ASN A CB  1 
ATOM   1550 C CG  . ASN A 1 210 ? -2.482  13.971  7.218   1.00 34.56 ? 515 ASN A CG  1 
ATOM   1551 O OD1 . ASN A 1 210 ? -2.284  14.160  8.416   1.00 32.35 ? 515 ASN A OD1 1 
ATOM   1552 N ND2 . ASN A 1 210 ? -3.595  14.353  6.610   1.00 30.86 ? 515 ASN A ND2 1 
ATOM   1553 N N   . SER A 1 211 ? 1.077   14.201  7.400   1.00 36.09 ? 516 SER A N   1 
ATOM   1554 C CA  . SER A 1 211 ? 1.975   15.103  8.116   1.00 37.80 ? 516 SER A CA  1 
ATOM   1555 C C   . SER A 1 211 ? 1.291   15.711  9.341   1.00 34.47 ? 516 SER A C   1 
ATOM   1556 O O   . SER A 1 211 ? 1.841   15.698  10.443  1.00 27.42 ? 516 SER A O   1 
ATOM   1557 C CB  . SER A 1 211 ? 2.462   16.212  7.186   1.00 38.00 ? 516 SER A CB  1 
ATOM   1558 O OG  . SER A 1 211 ? 3.498   16.957  7.798   1.00 45.06 ? 516 SER A OG  1 
ATOM   1559 N N   . ASP A 1 212 ? 0.083   16.229  9.146   1.00 34.49 ? 517 ASP A N   1 
ATOM   1560 C CA  . ASP A 1 212 ? -0.665  16.835  10.242  1.00 35.30 ? 517 ASP A CA  1 
ATOM   1561 C C   . ASP A 1 212 ? -0.861  15.881  11.424  1.00 36.12 ? 517 ASP A C   1 
ATOM   1562 O O   . ASP A 1 212 ? -0.764  16.292  12.582  1.00 36.34 ? 517 ASP A O   1 
ATOM   1563 C CB  . ASP A 1 212 ? -2.020  17.349  9.757   1.00 35.88 ? 517 ASP A CB  1 
ATOM   1564 C CG  . ASP A 1 212 ? -2.791  18.063  10.850  1.00 47.18 ? 517 ASP A CG  1 
ATOM   1565 O OD1 . ASP A 1 212 ? -2.307  19.119  11.325  1.00 47.12 ? 517 ASP A OD1 1 
ATOM   1566 O OD2 . ASP A 1 212 ? -3.877  17.566  11.237  1.00 48.95 ? 517 ASP A OD2 1 
ATOM   1567 N N   . THR A 1 213 ? -1.145  14.613  11.130  1.00 31.74 ? 518 THR A N   1 
ATOM   1568 C CA  . THR A 1 213 ? -1.307  13.598  12.169  1.00 32.37 ? 518 THR A CA  1 
ATOM   1569 C C   . THR A 1 213 ? -0.030  13.397  12.979  1.00 31.86 ? 518 THR A C   1 
ATOM   1570 O O   . THR A 1 213 ? -0.065  13.379  14.205  1.00 30.36 ? 518 THR A O   1 
ATOM   1571 C CB  . THR A 1 213 ? -1.728  12.235  11.585  1.00 34.93 ? 518 THR A CB  1 
ATOM   1572 O OG1 . THR A 1 213 ? -3.087  12.303  11.143  1.00 35.66 ? 518 THR A OG1 1 
ATOM   1573 C CG2 . THR A 1 213 ? -1.602  11.147  12.644  1.00 34.88 ? 518 THR A CG2 1 
ATOM   1574 N N   . ILE A 1 214 ? 1.096   13.244  12.288  1.00 31.82 ? 519 ILE A N   1 
ATOM   1575 C CA  . ILE A 1 214 ? 2.382   13.099  12.967  1.00 34.40 ? 519 ILE A CA  1 
ATOM   1576 C C   . ILE A 1 214 ? 2.631   14.282  13.896  1.00 32.89 ? 519 ILE A C   1 
ATOM   1577 O O   . ILE A 1 214 ? 2.930   14.104  15.074  1.00 36.68 ? 519 ILE A O   1 
ATOM   1578 C CB  . ILE A 1 214 ? 3.552   12.987  11.970  1.00 32.08 ? 519 ILE A CB  1 
ATOM   1579 C CG1 . ILE A 1 214 ? 3.442   11.704  11.141  1.00 35.03 ? 519 ILE A CG1 1 
ATOM   1580 C CG2 . ILE A 1 214 ? 4.887   13.026  12.708  1.00 32.15 ? 519 ILE A CG2 1 
ATOM   1581 C CD1 . ILE A 1 214 ? 4.518   11.592  10.078  1.00 37.67 ? 519 ILE A CD1 1 
ATOM   1582 N N   . LYS A 1 215 ? 2.498   15.492  13.364  1.00 35.14 ? 520 LYS A N   1 
ATOM   1583 C CA  . LYS A 1 215 ? 2.704   16.692  14.169  1.00 37.29 ? 520 LYS A CA  1 
ATOM   1584 C C   . LYS A 1 215 ? 1.784   16.716  15.387  1.00 37.39 ? 520 LYS A C   1 
ATOM   1585 O O   . LYS A 1 215 ? 2.213   17.020  16.499  1.00 34.34 ? 520 LYS A O   1 
ATOM   1586 C CB  . LYS A 1 215 ? 2.482   17.952  13.336  1.00 36.84 ? 520 LYS A CB  1 
ATOM   1587 C CG  . LYS A 1 215 ? 2.797   19.225  14.096  1.00 41.11 ? 520 LYS A CG  1 
ATOM   1588 C CD  . LYS A 1 215 ? 2.355   20.465  13.341  1.00 44.68 ? 520 LYS A CD  1 
ATOM   1589 C CE  . LYS A 1 215 ? 0.840   20.548  13.275  1.00 45.77 ? 520 LYS A CE  1 
ATOM   1590 N NZ  . LYS A 1 215 ? 0.358   21.961  13.237  1.00 45.24 ? 520 LYS A NZ  1 
ATOM   1591 N N   . GLN A 1 216 ? 0.515   16.392  15.169  1.00 37.08 ? 521 GLN A N   1 
ATOM   1592 C CA  . GLN A 1 216 ? -0.468  16.430  16.241  1.00 40.42 ? 521 GLN A CA  1 
ATOM   1593 C C   . GLN A 1 216 ? -0.131  15.397  17.313  1.00 37.77 ? 521 GLN A C   1 
ATOM   1594 O O   . GLN A 1 216 ? -0.382  15.607  18.500  1.00 38.05 ? 521 GLN A O   1 
ATOM   1595 C CB  . GLN A 1 216 ? -1.877  16.212  15.690  1.00 40.86 ? 521 GLN A CB  1 
ATOM   1596 C CG  . GLN A 1 216 ? -2.977  16.579  16.661  1.00 49.41 ? 521 GLN A CG  1 
ATOM   1597 C CD  . GLN A 1 216 ? -4.359  16.378  16.078  1.00 54.03 ? 521 GLN A CD  1 
ATOM   1598 O OE1 . GLN A 1 216 ? -4.598  16.664  14.902  1.00 50.62 ? 521 GLN A OE1 1 
ATOM   1599 N NE2 . GLN A 1 216 ? -5.283  15.889  16.900  1.00 53.71 ? 521 GLN A NE2 1 
ATOM   1600 N N   . THR A 1 217 ? 0.454   14.283  16.888  1.00 37.03 ? 522 THR A N   1 
ATOM   1601 C CA  . THR A 1 217 ? 0.890   13.260  17.826  1.00 36.76 ? 522 THR A CA  1 
ATOM   1602 C C   . THR A 1 217 ? 2.065   13.758  18.668  1.00 38.56 ? 522 THR A C   1 
ATOM   1603 O O   . THR A 1 217 ? 2.103   13.543  19.878  1.00 38.78 ? 522 THR A O   1 
ATOM   1604 C CB  . THR A 1 217 ? 1.305   11.967  17.102  1.00 36.05 ? 522 THR A CB  1 
ATOM   1605 O OG1 . THR A 1 217 ? 0.158   11.381  16.477  1.00 33.13 ? 522 THR A OG1 1 
ATOM   1606 C CG2 . THR A 1 217 ? 1.897   10.976  18.092  1.00 34.00 ? 522 THR A CG2 1 
ATOM   1607 N N   . ILE A 1 218 ? 3.022   14.423  18.029  1.00 33.43 ? 523 ILE A N   1 
ATOM   1608 C CA  . ILE A 1 218 ? 4.206   14.892  18.739  1.00 38.49 ? 523 ILE A CA  1 
ATOM   1609 C C   . ILE A 1 218 ? 3.850   15.985  19.743  1.00 40.05 ? 523 ILE A C   1 
ATOM   1610 O O   . ILE A 1 218 ? 4.379   16.018  20.850  1.00 37.18 ? 523 ILE A O   1 
ATOM   1611 C CB  . ILE A 1 218 ? 5.306   15.389  17.776  1.00 37.65 ? 523 ILE A CB  1 
ATOM   1612 C CG1 . ILE A 1 218 ? 5.652   14.298  16.764  1.00 37.70 ? 523 ILE A CG1 1 
ATOM   1613 C CG2 . ILE A 1 218 ? 6.546   15.788  18.553  1.00 41.53 ? 523 ILE A CG2 1 
ATOM   1614 C CD1 . ILE A 1 218 ? 6.871   14.593  15.936  1.00 41.14 ? 523 ILE A CD1 1 
ATOM   1615 N N   . GLU A 1 219 ? 2.939   16.870  19.354  1.00 40.58 ? 524 GLU A N   1 
ATOM   1616 C CA  . GLU A 1 219 ? 2.505   17.949  20.229  1.00 40.92 ? 524 GLU A CA  1 
ATOM   1617 C C   . GLU A 1 219 ? 1.798   17.415  21.475  1.00 40.44 ? 524 GLU A C   1 
ATOM   1618 O O   . GLU A 1 219 ? 1.922   17.981  22.560  1.00 38.62 ? 524 GLU A O   1 
ATOM   1619 C CB  . GLU A 1 219 ? 1.588   18.905  19.467  1.00 39.16 ? 524 GLU A CB  1 
ATOM   1620 C CG  . GLU A 1 219 ? 2.246   19.538  18.249  1.00 44.34 ? 524 GLU A CG  1 
ATOM   1621 C CD  . GLU A 1 219 ? 1.283   20.391  17.440  1.00 50.57 ? 524 GLU A CD  1 
ATOM   1622 O OE1 . GLU A 1 219 ? 0.094   20.009  17.341  1.00 47.36 ? 524 GLU A OE1 1 
ATOM   1623 O OE2 . GLU A 1 219 ? 1.720   21.437  16.900  1.00 49.96 ? 524 GLU A OE2 1 
ATOM   1624 N N   . ASN A 1 220 ? 1.069   16.316  21.316  1.00 40.38 ? 525 ASN A N   1 
ATOM   1625 C CA  . ASN A 1 220 ? 0.265   15.772  22.405  1.00 39.57 ? 525 ASN A CA  1 
ATOM   1626 C C   . ASN A 1 220 ? 0.979   14.689  23.206  1.00 40.72 ? 525 ASN A C   1 
ATOM   1627 O O   . ASN A 1 220 ? 0.361   13.989  24.008  1.00 40.99 ? 525 ASN A O   1 
ATOM   1628 C CB  . ASN A 1 220 ? -1.078  15.260  21.879  1.00 40.68 ? 525 ASN A CB  1 
ATOM   1629 C CG  . ASN A 1 220 ? -2.001  16.386  21.454  1.00 38.40 ? 525 ASN A CG  1 
ATOM   1630 O OD1 . ASN A 1 220 ? -2.521  17.126  22.288  1.00 42.18 ? 525 ASN A OD1 1 
ATOM   1631 N ND2 . ASN A 1 220 ? -2.213  16.517  20.156  1.00 40.97 ? 525 ASN A ND2 1 
ATOM   1632 N N   . THR A 1 221 ? 2.281   14.554  22.977  1.00 44.97 ? 526 THR A N   1 
ATOM   1633 C CA  . THR A 1 221 ? 3.109   13.647  23.766  1.00 43.44 ? 526 THR A CA  1 
ATOM   1634 C C   . THR A 1 221 ? 3.962   14.456  24.744  1.00 45.64 ? 526 THR A C   1 
ATOM   1635 O O   . THR A 1 221 ? 4.418   15.558  24.429  1.00 42.29 ? 526 THR A O   1 
ATOM   1636 C CB  . THR A 1 221 ? 4.012   12.756  22.880  1.00 40.30 ? 526 THR A CB  1 
ATOM   1637 O OG1 . THR A 1 221 ? 3.195   11.936  22.036  1.00 39.33 ? 526 THR A OG1 1 
ATOM   1638 C CG2 . THR A 1 221 ? 4.879   11.854  23.737  1.00 44.31 ? 526 THR A CG2 1 
ATOM   1639 N N   . THR A 1 222 ? 4.161   13.903  25.937  1.00 42.13 ? 527 THR A N   1 
ATOM   1640 C CA  . THR A 1 222 ? 4.906   14.580  26.988  1.00 42.08 ? 527 THR A CA  1 
ATOM   1641 C C   . THR A 1 222 ? 6.411   14.573  26.724  1.00 46.33 ? 527 THR A C   1 
ATOM   1642 O O   . THR A 1 222 ? 7.007   13.521  26.495  1.00 49.88 ? 527 THR A O   1 
ATOM   1643 C CB  . THR A 1 222 ? 4.599   13.947  28.350  1.00 43.35 ? 527 THR A CB  1 
ATOM   1644 O OG1 . THR A 1 222 ? 3.381   14.504  28.864  1.00 37.82 ? 527 THR A OG1 1 
ATOM   1645 C CG2 . THR A 1 222 ? 5.731   14.201  29.324  1.00 42.75 ? 527 THR A CG2 1 
ATOM   1646 N N   . GLY A 1 223 ? 7.024   15.753  26.758  1.00 46.25 ? 528 GLY A N   1 
ATOM   1647 C CA  . GLY A 1 223 ? 8.424   15.894  26.397  1.00 50.46 ? 528 GLY A CA  1 
ATOM   1648 C C   . GLY A 1 223 ? 9.349   16.300  27.533  1.00 57.93 ? 528 GLY A C   1 
ATOM   1649 O O   . GLY A 1 223 ? 10.021  17.336  27.456  1.00 55.01 ? 528 GLY A O   1 
HETATM 1650 O O   . HOH B 2 .   ? -2.313  -20.232 -11.096 1.00 27.62 ? 2   HOH A O   1 
HETATM 1651 O O   . HOH B 2 .   ? -8.240  -8.045  1.190   1.00 26.05 ? 4   HOH A O   1 
HETATM 1652 O O   . HOH B 2 .   ? 8.597   -0.135  -15.310 1.00 21.76 ? 6   HOH A O   1 
HETATM 1653 O O   . HOH B 2 .   ? 3.356   -21.934 -1.559  1.00 20.83 ? 7   HOH A O   1 
HETATM 1654 O O   . HOH B 2 .   ? 14.572  -20.062 -8.567  1.00 30.76 ? 8   HOH A O   1 
HETATM 1655 O O   . HOH B 2 .   ? -0.026  -0.549  -19.233 1.00 31.48 ? 9   HOH A O   1 
HETATM 1656 O O   . HOH B 2 .   ? 4.047   0.510   -10.725 1.00 25.58 ? 11  HOH A O   1 
HETATM 1657 O O   . HOH B 2 .   ? -8.880  10.847  10.875  1.00 25.10 ? 12  HOH A O   1 
HETATM 1658 O O   . HOH B 2 .   ? -6.102  -6.067  3.992   1.00 22.91 ? 13  HOH A O   1 
HETATM 1659 O O   . HOH B 2 .   ? -7.021  -2.595  8.346   1.00 28.48 ? 14  HOH A O   1 
HETATM 1660 O O   . HOH B 2 .   ? 9.081   -24.535 -6.990  1.00 22.50 ? 15  HOH A O   1 
HETATM 1661 O O   . HOH B 2 .   ? 7.721   -8.897  -17.678 1.00 33.74 ? 17  HOH A O   1 
HETATM 1662 O O   . HOH B 2 .   ? 18.018  -6.270  -15.146 1.00 39.81 ? 18  HOH A O   1 
HETATM 1663 O O   . HOH B 2 .   ? -2.136  3.040   -7.736  1.00 29.67 ? 19  HOH A O   1 
HETATM 1664 O O   . HOH B 2 .   ? -13.035 1.856   7.093   1.00 20.22 ? 21  HOH A O   1 
HETATM 1665 O O   . HOH B 2 .   ? -1.426  7.157   -4.441  1.00 26.81 ? 22  HOH A O   1 
HETATM 1666 O O   . HOH B 2 .   ? 1.825   -24.747 -6.406  1.00 32.59 ? 24  HOH A O   1 
HETATM 1667 O O   . HOH B 2 .   ? -6.801  0.802   -10.617 1.00 31.11 ? 25  HOH A O   1 
HETATM 1668 O O   . HOH B 2 .   ? -18.567 1.242   6.684   1.00 24.16 ? 27  HOH A O   1 
HETATM 1669 O O   . HOH B 2 .   ? -4.908  6.116   -9.600  1.00 31.26 ? 28  HOH A O   1 
HETATM 1670 O O   . HOH B 2 .   ? -16.436 15.746  0.213   1.00 32.49 ? 29  HOH A O   1 
HETATM 1671 O O   . HOH B 2 .   ? -6.491  -18.073 -1.846  1.00 20.13 ? 31  HOH A O   1 
HETATM 1672 O O   . HOH B 2 .   ? -12.502 -10.294 -5.717  1.00 25.30 ? 32  HOH A O   1 
HETATM 1673 O O   . HOH B 2 .   ? -13.872 -0.160  9.857   1.00 26.47 ? 33  HOH A O   1 
HETATM 1674 O O   . HOH B 2 .   ? 18.704  -17.360 2.365   1.00 40.08 ? 35  HOH A O   1 
HETATM 1675 O O   . HOH B 2 .   ? -3.853  1.023   -12.965 1.00 36.78 ? 36  HOH A O   1 
HETATM 1676 O O   . HOH B 2 .   ? 16.494  -24.161 -5.169  1.00 26.83 ? 37  HOH A O   1 
HETATM 1677 O O   . HOH B 2 .   ? -14.415 13.784  12.441  1.00 45.68 ? 38  HOH A O   1 
HETATM 1678 O O   . HOH B 2 .   ? -3.968  1.145   -9.899  1.00 21.39 ? 39  HOH A O   1 
HETATM 1679 O O   . HOH B 2 .   ? -7.459  3.523   -9.006  1.00 30.58 ? 40  HOH A O   1 
HETATM 1680 O O   . HOH B 2 .   ? -4.263  -3.615  7.739   1.00 30.58 ? 41  HOH A O   1 
HETATM 1681 O O   . HOH B 2 .   ? 6.175   -0.783  -16.065 1.00 29.99 ? 42  HOH A O   1 
HETATM 1682 O O   . HOH B 2 .   ? 6.156   -8.599  -19.501 1.00 32.78 ? 43  HOH A O   1 
HETATM 1683 O O   . HOH B 2 .   ? 4.369   -24.651 0.380   1.00 29.08 ? 44  HOH A O   1 
HETATM 1684 O O   . HOH B 2 .   ? 6.831   15.500  -0.506  1.00 45.19 ? 45  HOH A O   1 
HETATM 1685 O O   . HOH B 2 .   ? -18.832 -2.497  -1.778  1.00 32.86 ? 46  HOH A O   1 
HETATM 1686 O O   . HOH B 2 .   ? 2.519   -15.012 9.312   1.00 34.03 ? 47  HOH A O   1 
HETATM 1687 O O   . HOH B 2 .   ? -3.063  -21.569 -8.997  1.00 37.64 ? 48  HOH A O   1 
HETATM 1688 O O   . HOH B 2 .   ? -8.943  -8.705  -13.946 1.00 28.08 ? 50  HOH A O   1 
HETATM 1689 O O   . HOH B 2 .   ? -18.062 1.999   1.227   1.00 26.19 ? 52  HOH A O   1 
HETATM 1690 O O   . HOH B 2 .   ? 13.397  -18.484 -15.576 1.00 29.28 ? 53  HOH A O   1 
HETATM 1691 O O   . HOH B 2 .   ? 7.712   -26.999 0.294   1.00 26.88 ? 54  HOH A O   1 
HETATM 1692 O O   . HOH B 2 .   ? 17.656  -15.692 4.341   1.00 41.08 ? 55  HOH A O   1 
HETATM 1693 O O   . HOH B 2 .   ? -12.536 -13.743 -5.449  1.00 35.34 ? 56  HOH A O   1 
HETATM 1694 O O   . HOH B 2 .   ? 0.534   1.606   -17.086 1.00 39.22 ? 58  HOH A O   1 
HETATM 1695 O O   . HOH B 2 .   ? -17.012 6.322   -8.232  1.00 37.43 ? 59  HOH A O   1 
HETATM 1696 O O   . HOH B 2 .   ? 12.887  3.219   -0.118  1.00 42.13 ? 60  HOH A O   1 
HETATM 1697 O O   . HOH B 2 .   ? -10.398 -1.719  -10.124 1.00 37.37 ? 61  HOH A O   1 
HETATM 1698 O O   . HOH B 2 .   ? -18.124 4.379   -4.566  1.00 28.76 ? 62  HOH A O   1 
HETATM 1699 O O   . HOH B 2 .   ? -14.631 15.081  -2.324  1.00 32.57 ? 63  HOH A O   1 
HETATM 1700 O O   . HOH B 2 .   ? 2.474   -0.161  2.883   1.00 39.66 ? 64  HOH A O   1 
HETATM 1701 O O   . HOH B 2 .   ? -4.320  6.143   18.401  1.00 41.02 ? 65  HOH A O   1 
HETATM 1702 O O   . HOH B 2 .   ? 5.464   4.115   -11.376 1.00 43.24 ? 66  HOH A O   1 
HETATM 1703 O O   . HOH B 2 .   ? -20.998 14.092  9.241   1.00 44.48 ? 67  HOH A O   1 
HETATM 1704 O O   . HOH B 2 .   ? 8.914   2.326   -14.324 1.00 42.11 ? 68  HOH A O   1 
HETATM 1705 O O   . HOH B 2 .   ? -9.333  2.164   -7.930  1.00 31.54 ? 69  HOH A O   1 
HETATM 1706 O O   . HOH B 2 .   ? 4.311   -18.173 -13.350 1.00 28.63 ? 70  HOH A O   1 
HETATM 1707 O O   . HOH B 2 .   ? -15.057 -13.283 -4.122  1.00 28.74 ? 71  HOH A O   1 
HETATM 1708 O O   . HOH B 2 .   ? 4.492   3.516   -8.855  1.00 27.30 ? 72  HOH A O   1 
HETATM 1709 O O   . HOH B 2 .   ? -1.069  20.152  9.036   1.00 41.42 ? 73  HOH A O   1 
HETATM 1710 O O   . HOH B 2 .   ? 11.378  3.730   -10.287 1.00 38.91 ? 74  HOH A O   1 
HETATM 1711 O O   . HOH B 2 .   ? -12.505 0.172   -9.663  1.00 39.05 ? 75  HOH A O   1 
HETATM 1712 O O   . HOH B 2 .   ? -13.779 -0.291  12.314  1.00 35.44 ? 76  HOH A O   1 
HETATM 1713 O O   . HOH B 2 .   ? -2.807  -7.379  6.742   1.00 40.71 ? 77  HOH A O   1 
HETATM 1714 O O   . HOH B 2 .   ? -2.494  -1.520  5.052   1.00 29.77 ? 78  HOH A O   1 
HETATM 1715 O O   . HOH B 2 .   ? 10.541  -5.149  -19.118 1.00 49.91 ? 79  HOH A O   1 
HETATM 1716 O O   . HOH B 2 .   ? 13.894  -16.030 -15.938 1.00 34.99 ? 80  HOH A O   1 
HETATM 1717 O O   . HOH B 2 .   ? -3.499  -17.680 -0.010  1.00 29.92 ? 81  HOH A O   1 
HETATM 1718 O O   . HOH B 2 .   ? -1.759  -3.731  4.162   1.00 33.48 ? 82  HOH A O   1 
HETATM 1719 O O   . HOH B 2 .   ? 2.733   1.396   -18.265 1.00 36.93 ? 84  HOH A O   1 
HETATM 1720 O O   . HOH B 2 .   ? 12.640  -4.681  3.262   1.00 40.35 ? 85  HOH A O   1 
HETATM 1721 O O   . HOH B 2 .   ? -6.141  -0.127  9.784   1.00 31.02 ? 86  HOH A O   1 
HETATM 1722 O O   . HOH B 2 .   ? 10.295  -26.861 -1.100  1.00 36.23 ? 87  HOH A O   1 
HETATM 1723 O O   . HOH B 2 .   ? 21.372  -17.297 0.862   1.00 44.72 ? 88  HOH A O   1 
HETATM 1724 O O   . HOH B 2 .   ? -4.317  14.458  10.438  1.00 38.03 ? 89  HOH A O   1 
HETATM 1725 O O   . HOH B 2 .   ? 10.601  -7.776  -16.334 1.00 30.01 ? 90  HOH A O   1 
HETATM 1726 O O   . HOH B 2 .   ? 7.715   -29.524 1.494   1.00 30.71 ? 91  HOH A O   1 
HETATM 1727 O O   . HOH B 2 .   ? 2.360   -16.722 -13.580 1.00 29.87 ? 92  HOH A O   1 
HETATM 1728 O O   . HOH B 2 .   ? -14.839 -0.187  -8.439  1.00 35.17 ? 93  HOH A O   1 
HETATM 1729 O O   . HOH B 2 .   ? 2.997   -4.380  -19.605 1.00 46.30 ? 94  HOH A O   1 
HETATM 1730 O O   . HOH B 2 .   ? 21.168  -14.519 1.350   1.00 42.06 ? 95  HOH A O   1 
HETATM 1731 O O   . HOH B 2 .   ? -16.373 -6.062  7.056   1.00 27.99 ? 96  HOH A O   1 
HETATM 1732 O O   . HOH B 2 .   ? 11.890  -14.962 -18.739 1.00 43.85 ? 97  HOH A O   1 
HETATM 1733 O O   . HOH B 2 .   ? -12.725 -2.644  19.477  1.00 44.49 ? 98  HOH A O   1 
HETATM 1734 O O   . HOH B 2 .   ? 10.094  -16.990 -17.271 1.00 38.29 ? 99  HOH A O   1 
HETATM 1735 O O   . HOH B 2 .   ? 12.334  -5.521  8.437   1.00 44.38 ? 100 HOH A O   1 
HETATM 1736 O O   . HOH B 2 .   ? 20.933  -23.640 -3.440  1.00 42.74 ? 101 HOH A O   1 
HETATM 1737 O O   . HOH B 2 .   ? -2.643  -3.539  14.635  1.00 49.32 ? 102 HOH A O   1 
HETATM 1738 O O   . HOH B 2 .   ? -0.115  -13.770 -15.881 1.00 32.76 ? 103 HOH A O   1 
HETATM 1739 O O   . HOH B 2 .   ? 15.079  -1.592  -14.817 1.00 35.83 ? 104 HOH A O   1 
HETATM 1740 O O   . HOH B 2 .   ? 9.454   -21.779 -7.699  1.00 19.42 ? 106 HOH A O   1 
HETATM 1741 O O   . HOH B 2 .   ? 6.532   -24.994 1.734   1.00 21.18 ? 107 HOH A O   1 
HETATM 1742 O O   . HOH B 2 .   ? -11.535 -8.353  0.486   1.00 16.85 ? 108 HOH A O   1 
HETATM 1743 O O   . HOH B 2 .   ? -15.611 -2.562  -3.829  1.00 24.77 ? 109 HOH A O   1 
HETATM 1744 O O   . HOH B 2 .   ? 12.097  -19.875 -9.241  1.00 21.44 ? 110 HOH A O   1 
HETATM 1745 O O   . HOH B 2 .   ? 16.751  -4.400  -15.917 1.00 36.78 ? 113 HOH A O   1 
HETATM 1746 O O   . HOH B 2 .   ? -3.973  -21.254 -3.236  1.00 32.99 ? 114 HOH A O   1 
HETATM 1747 O O   . HOH B 2 .   ? 6.177   -28.289 -1.664  1.00 32.89 ? 115 HOH A O   1 
HETATM 1748 O O   . HOH B 2 .   ? 11.491  -28.158 -7.859  1.00 25.36 ? 121 HOH A O   1 
HETATM 1749 O O   . HOH B 2 .   ? 16.783  -30.865 -5.142  1.00 27.05 ? 122 HOH A O   1 
HETATM 1750 O O   . HOH B 2 .   ? 12.120  -19.355 -17.606 1.00 30.81 ? 129 HOH A O   1 
HETATM 1751 O O   . HOH B 2 .   ? 6.890   5.311   2.539   1.00 38.79 ? 130 HOH A O   1 
HETATM 1752 O O   . HOH B 2 .   ? -17.557 2.905   -2.396  1.00 24.65 ? 134 HOH A O   1 
HETATM 1753 O O   . HOH B 2 .   ? 0.653   -26.183 -8.144  1.00 30.60 ? 135 HOH A O   1 
HETATM 1754 O O   . HOH B 2 .   ? 19.158  -29.577 -6.991  1.00 36.63 ? 136 HOH A O   1 
HETATM 1755 O O   . HOH B 2 .   ? 11.909  -8.139  1.870   1.00 35.04 ? 137 HOH A O   1 
HETATM 1756 O O   . HOH B 2 .   ? 14.261  0.756   7.901   1.00 46.26 ? 138 HOH A O   1 
HETATM 1757 O O   . HOH B 2 .   ? -12.980 -3.201  16.926  1.00 42.84 ? 141 HOH A O   1 
HETATM 1758 O O   . HOH B 2 .   ? 4.181   -24.942 -3.366  1.00 34.64 ? 142 HOH A O   1 
HETATM 1759 O O   . HOH B 2 .   ? -17.129 3.019   -12.898 1.00 41.99 ? 143 HOH A O   1 
HETATM 1760 O O   . HOH B 2 .   ? -0.978  16.538  6.166   1.00 37.03 ? 144 HOH A O   1 
HETATM 1761 O O   . HOH B 2 .   ? 20.737  -10.055 -10.014 1.00 35.23 ? 145 HOH A O   1 
HETATM 1762 O O   . HOH B 2 .   ? 6.461   -1.689  -18.639 1.00 30.00 ? 146 HOH A O   1 
HETATM 1763 O O   . HOH B 2 .   ? 3.872   -14.806 -18.495 1.00 49.82 ? 147 HOH A O   1 
HETATM 1764 O O   . HOH B 2 .   ? -4.657  -18.942 -4.249  1.00 32.72 ? 149 HOH A O   1 
HETATM 1765 O O   . HOH B 2 .   ? -9.506  3.000   -10.137 1.00 35.35 ? 151 HOH A O   1 
HETATM 1766 O O   . HOH B 2 .   ? 13.374  -12.929 -17.948 1.00 40.56 ? 152 HOH A O   1 
HETATM 1767 O O   . HOH B 2 .   ? 2.158   -20.000 -14.069 1.00 38.63 ? 153 HOH A O   1 
HETATM 1768 O O   . HOH B 2 .   ? -14.651 20.890  2.226   1.00 46.02 ? 154 HOH A O   1 
HETATM 1769 O O   . HOH B 2 .   ? 6.122   -15.520 -19.524 1.00 46.63 ? 155 HOH A O   1 
HETATM 1770 O O   . HOH B 2 .   ? -10.046 12.922  9.521   1.00 37.65 ? 156 HOH A O   1 
HETATM 1771 O O   . HOH B 2 .   ? 2.751   -17.126 -17.703 1.00 48.03 ? 158 HOH A O   1 
HETATM 1772 O O   . HOH B 2 .   ? -1.436  22.549  2.708   1.00 37.40 ? 159 HOH A O   1 
HETATM 1773 O O   . HOH B 2 .   ? 9.262   -11.760 -16.235 1.00 31.28 ? 160 HOH A O   1 
HETATM 1774 O O   . HOH B 2 .   ? -14.311 21.945  4.600   1.00 36.97 ? 161 HOH A O   1 
HETATM 1775 O O   . HOH B 2 .   ? -2.003  4.698   -12.114 1.00 36.35 ? 162 HOH A O   1 
HETATM 1776 O O   . HOH B 2 .   ? -7.287  24.348  -1.833  1.00 45.52 ? 163 HOH A O   1 
HETATM 1777 O O   . HOH B 2 .   ? 9.622   21.155  16.849  1.00 59.79 ? 164 HOH A O   1 
HETATM 1778 O O   . HOH B 2 .   ? -4.049  -5.077  5.062   1.00 31.72 ? 165 HOH A O   1 
HETATM 1779 O O   . HOH B 2 .   ? 3.990   -2.362  -21.734 1.00 42.05 ? 166 HOH A O   1 
HETATM 1780 O O   . HOH B 2 .   ? 1.350   -2.291  -20.368 1.00 39.40 ? 167 HOH A O   1 
HETATM 1781 O O   . HOH B 2 .   ? 16.918  -18.850 -9.540  1.00 33.86 ? 168 HOH A O   1 
HETATM 1782 O O   . HOH B 2 .   ? 19.391  -12.600 3.419   1.00 44.83 ? 169 HOH A O   1 
HETATM 1783 O O   . HOH B 2 .   ? 0.597   8.840   4.023   1.00 36.14 ? 170 HOH A O   1 
HETATM 1784 O O   . HOH B 2 .   ? 9.493   4.410   -8.122  1.00 33.40 ? 171 HOH A O   1 
HETATM 1785 O O   . HOH B 2 .   ? -0.708  2.943   -19.399 1.00 45.50 ? 172 HOH A O   1 
HETATM 1786 O O   . HOH B 2 .   ? 12.937  6.097   -10.347 1.00 42.29 ? 173 HOH A O   1 
HETATM 1787 O O   . HOH B 2 .   ? -4.501  -19.841 -12.899 1.00 43.16 ? 175 HOH A O   1 
HETATM 1788 O O   . HOH B 2 .   ? -8.317  -2.081  20.337  1.00 41.46 ? 176 HOH A O   1 
# 
